data_9DQK
#
_entry.id   9DQK
#
_cell.length_a   121.320
_cell.length_b   94.990
_cell.length_c   134.360
_cell.angle_alpha   90.000
_cell.angle_beta   96.110
_cell.angle_gamma   90.000
#
_symmetry.space_group_name_H-M   'P 1 21 1'
#
loop_
_entity.id
_entity.type
_entity.pdbx_description
1 polymer 'ATP-dependent Clp protease proteolytic subunit, mitochondrial'
2 non-polymer 'CHLORIDE ION'
3 water water
#
_entity_poly.entity_id   1
_entity_poly.type   'polypeptide(L)'
_entity_poly.pdbx_seq_one_letter_code
;MWPGILVGGARVASCRYPALGPRLAAHFPAQRPPQRTLQNGLALQRCLHATATRALPLIPIVVEQTGRGERAYDIYSRLL
RERIVCVMGPIDDSVASLVIAQLLFLQSESNKKPIHMYINSPGGVVTAGLAIYDTMQYILNPICTWCVGQAASMGSLLLA
AGTPGMRHSLPNSRIMIHQPSGGARGQATDIEIQAREIMKLKKQLYNIYAKHTKQSLQVIESAMERDRYMSPMEAQEFGI
LDKVLVHPPQDGEDEPTLVQKEPVEAAPAAEPVPAST
;
_entity_poly.pdbx_strand_id   A,B,C,D,E,F,G,H,I,J,K,L,M,N
#
# COMPACT_ATOMS: atom_id res chain seq x y z
N ILE A 59 9.90 17.23 -25.80
CA ILE A 59 9.12 16.21 -26.49
C ILE A 59 9.10 16.39 -28.02
N PRO A 60 8.75 17.58 -28.53
CA PRO A 60 8.74 17.75 -29.99
C PRO A 60 10.09 18.19 -30.54
N ILE A 61 10.40 17.70 -31.73
CA ILE A 61 11.69 17.92 -32.36
C ILE A 61 11.53 18.93 -33.50
N VAL A 62 12.61 19.64 -33.79
CA VAL A 62 12.61 20.61 -34.89
C VAL A 62 13.82 20.38 -35.79
N TYR A 73 16.48 17.19 -30.57
CA TYR A 73 16.41 18.64 -30.68
C TYR A 73 15.05 19.14 -30.19
N ASP A 74 14.91 19.29 -28.88
CA ASP A 74 13.65 19.69 -28.29
C ASP A 74 13.25 21.08 -28.74
N ILE A 75 11.97 21.41 -28.53
CA ILE A 75 11.46 22.73 -28.90
C ILE A 75 12.06 23.81 -28.00
N TYR A 76 12.42 23.45 -26.77
CA TYR A 76 13.02 24.42 -25.86
C TYR A 76 14.46 24.73 -26.22
N SER A 77 15.21 23.74 -26.73
CA SER A 77 16.56 24.01 -27.21
C SER A 77 16.55 24.88 -28.45
N ARG A 78 15.52 24.74 -29.29
CA ARG A 78 15.41 25.62 -30.45
C ARG A 78 15.17 27.06 -30.03
N LEU A 79 14.37 27.27 -28.98
CA LEU A 79 14.20 28.61 -28.45
C LEU A 79 15.47 29.11 -27.78
N LEU A 80 16.25 28.22 -27.18
CA LEU A 80 17.50 28.63 -26.53
C LEU A 80 18.47 29.22 -27.54
N ARG A 81 18.36 28.83 -28.81
CA ARG A 81 19.17 29.46 -29.85
C ARG A 81 18.87 30.96 -29.94
N GLU A 82 17.58 31.30 -29.99
CA GLU A 82 17.12 32.69 -29.98
C GLU A 82 17.29 33.36 -28.61
N ARG A 83 18.14 32.81 -27.73
CA ARG A 83 18.38 33.36 -26.40
C ARG A 83 17.08 33.44 -25.59
N ILE A 84 16.34 32.35 -25.59
CA ILE A 84 15.06 32.24 -24.88
C ILE A 84 15.20 31.17 -23.82
N VAL A 85 15.03 31.56 -22.56
CA VAL A 85 15.02 30.65 -21.43
C VAL A 85 13.59 30.51 -20.94
N CYS A 86 13.13 29.28 -20.76
CA CYS A 86 11.77 29.01 -20.33
C CYS A 86 11.78 28.57 -18.87
N VAL A 87 11.11 29.35 -18.02
CA VAL A 87 10.92 28.98 -16.62
C VAL A 87 9.45 28.65 -16.42
N MET A 88 9.08 27.40 -16.65
CA MET A 88 7.70 26.97 -16.62
C MET A 88 7.55 25.75 -15.74
N GLY A 89 6.51 25.75 -14.90
CA GLY A 89 6.31 24.70 -13.94
C GLY A 89 6.87 25.07 -12.59
N PRO A 90 6.73 24.19 -11.60
CA PRO A 90 7.29 24.47 -10.27
C PRO A 90 8.80 24.62 -10.32
N ILE A 91 9.32 25.46 -9.43
CA ILE A 91 10.74 25.77 -9.38
C ILE A 91 11.37 25.04 -8.20
N ASP A 92 12.38 24.22 -8.48
CA ASP A 92 13.14 23.54 -7.44
C ASP A 92 14.62 23.63 -7.82
N ASP A 93 15.46 22.87 -7.12
CA ASP A 93 16.88 22.88 -7.43
C ASP A 93 17.16 22.35 -8.82
N SER A 94 16.32 21.45 -9.33
CA SER A 94 16.50 20.93 -10.68
C SER A 94 16.21 22.01 -11.72
N VAL A 95 15.07 22.70 -11.58
CA VAL A 95 14.72 23.75 -12.52
C VAL A 95 15.70 24.92 -12.41
N ALA A 96 16.10 25.28 -11.19
CA ALA A 96 17.00 26.40 -11.01
C ALA A 96 18.36 26.12 -11.64
N SER A 97 18.86 24.88 -11.51
CA SER A 97 20.16 24.55 -12.10
C SER A 97 20.13 24.61 -13.62
N LEU A 98 19.00 24.19 -14.22
CA LEU A 98 18.89 24.26 -15.68
C LEU A 98 18.81 25.70 -16.15
N VAL A 99 18.07 26.55 -15.43
CA VAL A 99 17.93 27.95 -15.84
C VAL A 99 19.28 28.67 -15.72
N ILE A 100 20.00 28.43 -14.63
CA ILE A 100 21.30 29.08 -14.45
C ILE A 100 22.30 28.59 -15.48
N ALA A 101 22.21 27.31 -15.84
CA ALA A 101 23.09 26.78 -16.89
C ALA A 101 22.80 27.42 -18.23
N GLN A 102 21.53 27.73 -18.51
CA GLN A 102 21.18 28.38 -19.77
C GLN A 102 21.59 29.85 -19.75
N LEU A 103 21.43 30.52 -18.60
CA LEU A 103 21.82 31.92 -18.51
C LEU A 103 23.33 32.09 -18.65
N LEU A 104 24.10 31.16 -18.07
CA LEU A 104 25.55 31.23 -18.21
C LEU A 104 25.99 30.91 -19.63
N PHE A 105 25.29 29.98 -20.30
CA PHE A 105 25.62 29.66 -21.69
C PHE A 105 25.31 30.83 -22.61
N LEU A 106 24.18 31.50 -22.41
CA LEU A 106 23.84 32.64 -23.25
C LEU A 106 24.77 33.83 -23.01
N GLN A 107 25.30 33.95 -21.79
CA GLN A 107 26.28 35.00 -21.53
C GLN A 107 27.62 34.71 -22.20
N SER A 108 28.01 33.44 -22.21
CA SER A 108 29.25 33.08 -22.88
C SER A 108 29.15 33.28 -24.39
N GLU A 109 27.96 33.13 -24.96
CA GLU A 109 27.78 33.38 -26.39
C GLU A 109 27.83 34.88 -26.69
N SER A 110 27.34 35.71 -25.78
CA SER A 110 27.34 37.16 -25.98
C SER A 110 27.08 37.84 -24.64
N ASN A 111 27.79 38.94 -24.40
CA ASN A 111 27.57 39.77 -23.23
C ASN A 111 26.64 40.94 -23.49
N LYS A 112 26.33 41.25 -24.75
CA LYS A 112 25.48 42.37 -25.11
C LYS A 112 24.09 41.95 -25.58
N LYS A 113 23.96 40.81 -26.25
CA LYS A 113 22.67 40.38 -26.75
C LYS A 113 21.71 40.13 -25.58
N PRO A 114 20.48 40.64 -25.64
CA PRO A 114 19.55 40.44 -24.52
C PRO A 114 19.10 38.99 -24.42
N ILE A 115 18.62 38.63 -23.23
CA ILE A 115 18.14 37.30 -22.92
C ILE A 115 16.65 37.39 -22.59
N HIS A 116 15.84 36.61 -23.30
CA HIS A 116 14.40 36.58 -23.07
C HIS A 116 14.05 35.41 -22.16
N MET A 117 13.22 35.68 -21.15
CA MET A 117 12.83 34.68 -20.16
C MET A 117 11.32 34.62 -20.09
N TYR A 118 10.75 33.54 -20.61
CA TYR A 118 9.31 33.31 -20.54
C TYR A 118 8.99 32.56 -19.24
N ILE A 119 8.05 33.11 -18.46
CA ILE A 119 7.77 32.62 -17.12
C ILE A 119 6.33 32.15 -17.08
N ASN A 120 6.13 30.89 -16.69
CA ASN A 120 4.82 30.31 -16.46
C ASN A 120 4.96 29.34 -15.27
N SER A 121 5.21 29.90 -14.09
CA SER A 121 5.51 29.12 -12.91
C SER A 121 4.55 29.46 -11.77
N PRO A 122 4.03 28.46 -11.06
CA PRO A 122 3.25 28.72 -9.85
C PRO A 122 4.08 28.97 -8.62
N GLY A 123 5.41 28.98 -8.74
CA GLY A 123 6.31 29.17 -7.61
C GLY A 123 7.02 27.88 -7.25
N GLY A 124 7.67 27.91 -6.09
CA GLY A 124 8.38 26.75 -5.61
C GLY A 124 9.34 27.05 -4.47
N VAL A 125 10.50 26.39 -4.48
CA VAL A 125 11.48 26.57 -3.42
C VAL A 125 12.03 27.99 -3.47
N VAL A 126 12.14 28.62 -2.30
CA VAL A 126 12.61 30.00 -2.24
C VAL A 126 14.08 30.09 -2.60
N THR A 127 14.90 29.18 -2.06
CA THR A 127 16.33 29.20 -2.38
C THR A 127 16.57 28.90 -3.86
N ALA A 128 15.69 28.13 -4.49
CA ALA A 128 15.80 27.89 -5.92
C ALA A 128 15.50 29.16 -6.71
N GLY A 129 14.49 29.92 -6.28
CA GLY A 129 14.19 31.17 -6.94
C GLY A 129 15.26 32.22 -6.71
N LEU A 130 15.85 32.24 -5.52
CA LEU A 130 16.94 33.16 -5.23
C LEU A 130 18.18 32.84 -6.07
N ALA A 131 18.41 31.56 -6.35
CA ALA A 131 19.53 31.19 -7.22
C ALA A 131 19.33 31.72 -8.63
N ILE A 132 18.09 31.68 -9.13
CA ILE A 132 17.80 32.21 -10.45
C ILE A 132 17.89 33.73 -10.45
N TYR A 133 17.39 34.37 -9.39
CA TYR A 133 17.40 35.83 -9.30
C TYR A 133 18.83 36.36 -9.29
N ASP A 134 19.70 35.79 -8.46
CA ASP A 134 21.07 36.25 -8.38
C ASP A 134 21.81 36.07 -9.70
N THR A 135 21.57 34.94 -10.37
CA THR A 135 22.19 34.73 -11.69
C THR A 135 21.67 35.74 -12.70
N MET A 136 20.40 36.10 -12.60
CA MET A 136 19.86 37.13 -13.49
C MET A 136 20.54 38.47 -13.26
N GLN A 137 20.75 38.84 -11.99
CA GLN A 137 21.41 40.10 -11.68
C GLN A 137 22.91 40.05 -11.93
N TYR A 138 23.51 38.85 -11.94
CA TYR A 138 24.96 38.76 -12.12
C TYR A 138 25.35 38.96 -13.58
N ILE A 139 24.70 38.24 -14.50
CA ILE A 139 25.07 38.34 -15.90
C ILE A 139 24.82 39.75 -16.42
N LEU A 140 25.71 40.20 -17.29
CA LEU A 140 25.64 41.57 -17.82
C LEU A 140 24.56 41.74 -18.89
N ASN A 141 24.02 40.65 -19.42
CA ASN A 141 23.05 40.75 -20.49
C ASN A 141 21.73 41.32 -19.96
N PRO A 142 21.09 42.22 -20.70
CA PRO A 142 19.73 42.63 -20.33
C PRO A 142 18.78 41.45 -20.44
N ILE A 143 17.84 41.36 -19.50
CA ILE A 143 16.92 40.23 -19.42
C ILE A 143 15.50 40.77 -19.57
N CYS A 144 14.83 40.37 -20.64
CA CYS A 144 13.42 40.67 -20.84
C CYS A 144 12.58 39.55 -20.26
N THR A 145 11.73 39.87 -19.30
CA THR A 145 10.85 38.90 -18.67
C THR A 145 9.47 38.98 -19.30
N TRP A 146 8.94 37.83 -19.70
CA TRP A 146 7.64 37.75 -20.37
C TRP A 146 6.76 36.80 -19.57
N CYS A 147 5.74 37.34 -18.91
CA CYS A 147 4.83 36.54 -18.11
C CYS A 147 3.75 35.93 -19.00
N VAL A 148 3.63 34.61 -18.99
CA VAL A 148 2.62 33.90 -19.74
C VAL A 148 1.85 33.00 -18.78
N GLY A 149 0.53 33.07 -18.83
CA GLY A 149 -0.30 32.25 -17.95
C GLY A 149 -0.33 32.74 -16.52
N GLN A 150 0.73 32.49 -15.77
CA GLN A 150 0.80 32.92 -14.38
C GLN A 150 2.26 33.08 -13.97
N ALA A 151 2.48 34.00 -13.03
CA ALA A 151 3.79 34.22 -12.41
C ALA A 151 3.53 34.46 -10.92
N ALA A 152 3.46 33.37 -10.17
CA ALA A 152 3.12 33.41 -8.76
C ALA A 152 4.29 32.97 -7.90
N SER A 153 4.29 33.43 -6.65
CA SER A 153 5.31 33.09 -5.65
C SER A 153 6.67 33.52 -6.21
N MET A 154 7.66 32.63 -6.29
CA MET A 154 8.95 33.01 -6.84
C MET A 154 8.88 33.36 -8.32
N GLY A 155 7.84 32.90 -9.02
CA GLY A 155 7.68 33.28 -10.41
C GLY A 155 7.45 34.76 -10.61
N SER A 156 6.77 35.41 -9.66
CA SER A 156 6.59 36.85 -9.73
C SER A 156 7.89 37.59 -9.42
N LEU A 157 8.75 37.00 -8.59
CA LEU A 157 10.02 37.64 -8.28
C LEU A 157 10.94 37.63 -9.50
N LEU A 158 10.95 36.53 -10.26
CA LEU A 158 11.74 36.49 -11.49
C LEU A 158 11.18 37.45 -12.53
N LEU A 159 9.86 37.63 -12.56
CA LEU A 159 9.26 38.57 -13.50
C LEU A 159 9.67 40.00 -13.18
N ALA A 160 9.67 40.36 -11.90
CA ALA A 160 10.07 41.71 -11.49
C ALA A 160 11.57 41.93 -11.56
N ALA A 161 12.36 40.87 -11.68
CA ALA A 161 13.81 40.98 -11.71
C ALA A 161 14.36 41.34 -13.08
N GLY A 162 13.50 41.48 -14.09
CA GLY A 162 13.97 41.82 -15.42
C GLY A 162 14.54 43.21 -15.50
N THR A 163 15.12 43.51 -16.65
CA THR A 163 15.70 44.83 -16.88
C THR A 163 14.58 45.88 -16.86
N PRO A 164 14.77 47.01 -16.15
CA PRO A 164 13.72 48.04 -16.10
C PRO A 164 13.28 48.50 -17.48
N GLY A 165 11.99 48.33 -17.77
CA GLY A 165 11.43 48.64 -19.08
C GLY A 165 11.24 47.43 -19.98
N MET A 166 11.67 46.25 -19.55
CA MET A 166 11.59 45.04 -20.35
C MET A 166 10.83 43.93 -19.62
N ARG A 167 9.95 44.31 -18.69
CA ARG A 167 9.13 43.35 -17.95
C ARG A 167 7.72 43.40 -18.51
N HIS A 168 7.33 42.35 -19.24
CA HIS A 168 6.07 42.33 -19.96
C HIS A 168 5.16 41.24 -19.40
N SER A 169 3.91 41.28 -19.82
CA SER A 169 2.92 40.30 -19.41
C SER A 169 1.79 40.27 -20.43
N LEU A 170 1.32 39.06 -20.74
CA LEU A 170 0.17 38.92 -21.62
C LEU A 170 -1.10 39.37 -20.89
N PRO A 171 -2.14 39.76 -21.64
CA PRO A 171 -3.28 40.45 -20.99
C PRO A 171 -4.01 39.62 -19.96
N ASN A 172 -4.16 38.31 -20.18
CA ASN A 172 -4.92 37.45 -19.28
C ASN A 172 -4.02 36.67 -18.33
N SER A 173 -2.79 37.10 -18.12
CA SER A 173 -1.91 36.45 -17.17
C SER A 173 -2.33 36.80 -15.75
N ARG A 174 -1.55 36.31 -14.78
CA ARG A 174 -1.91 36.50 -13.37
C ARG A 174 -0.64 36.50 -12.54
N ILE A 175 -0.50 37.49 -11.67
CA ILE A 175 0.68 37.66 -10.83
C ILE A 175 0.25 37.56 -9.37
N MET A 176 1.00 36.80 -8.58
CA MET A 176 0.72 36.63 -7.17
C MET A 176 2.00 36.69 -6.37
N ILE A 177 1.96 37.41 -5.24
CA ILE A 177 3.10 37.53 -4.34
C ILE A 177 2.64 37.20 -2.93
N HIS A 178 3.54 36.60 -2.15
CA HIS A 178 3.23 36.25 -0.77
C HIS A 178 4.53 36.01 -0.01
N GLN A 179 4.43 36.08 1.32
CA GLN A 179 5.56 35.79 2.16
C GLN A 179 5.95 34.31 2.05
N PRO A 180 7.22 33.98 2.27
CA PRO A 180 7.64 32.57 2.12
C PRO A 180 7.04 31.69 3.21
N SER A 181 6.97 30.40 2.90
CA SER A 181 6.50 29.39 3.81
C SER A 181 7.56 28.30 3.97
N GLY A 182 7.54 27.64 5.11
CA GLY A 182 8.51 26.60 5.38
C GLY A 182 8.09 25.74 6.55
N GLY A 183 9.06 24.98 7.07
CA GLY A 183 8.82 24.09 8.19
C GLY A 183 10.02 24.04 9.11
N ALA A 184 9.79 23.45 10.28
CA ALA A 184 10.83 23.32 11.29
C ALA A 184 10.45 22.22 12.25
N ARG A 185 11.40 21.33 12.55
CA ARG A 185 11.17 20.24 13.49
C ARG A 185 12.48 19.87 14.16
N GLY A 186 12.41 19.56 15.45
CA GLY A 186 13.56 19.20 16.24
C GLY A 186 13.44 19.77 17.63
N GLN A 187 14.58 19.86 18.32
CA GLN A 187 14.61 20.45 19.65
C GLN A 187 14.26 21.94 19.60
N ALA A 188 13.96 22.49 20.77
CA ALA A 188 13.64 23.91 20.85
C ALA A 188 14.79 24.79 20.39
N THR A 189 16.03 24.32 20.58
CA THR A 189 17.19 25.04 20.05
C THR A 189 17.20 25.01 18.53
N ASP A 190 16.87 23.84 17.95
CA ASP A 190 16.85 23.73 16.49
C ASP A 190 15.69 24.50 15.89
N ILE A 191 14.55 24.56 16.58
CA ILE A 191 13.41 25.32 16.08
C ILE A 191 13.76 26.80 15.98
N GLU A 192 14.47 27.34 16.98
CA GLU A 192 14.78 28.75 16.99
C GLU A 192 15.77 29.13 15.89
N ILE A 193 16.69 28.22 15.56
CA ILE A 193 17.64 28.49 14.47
C ILE A 193 16.92 28.51 13.14
N GLN A 194 16.06 27.50 12.90
CA GLN A 194 15.34 27.43 11.64
C GLN A 194 14.29 28.53 11.52
N ALA A 195 13.72 28.96 12.65
CA ALA A 195 12.76 30.06 12.62
C ALA A 195 13.45 31.38 12.31
N ARG A 196 14.62 31.62 12.91
CA ARG A 196 15.38 32.83 12.59
C ARG A 196 15.77 32.86 11.12
N GLU A 197 16.04 31.70 10.52
CA GLU A 197 16.45 31.67 9.13
C GLU A 197 15.28 31.89 8.19
N ILE A 198 14.07 31.47 8.58
CA ILE A 198 12.90 31.75 7.77
C ILE A 198 12.58 33.25 7.78
N MET A 199 12.74 33.90 8.94
CA MET A 199 12.48 35.33 9.00
C MET A 199 13.51 36.13 8.22
N LYS A 200 14.74 35.64 8.14
CA LYS A 200 15.75 36.31 7.31
C LYS A 200 15.36 36.22 5.83
N LEU A 201 14.85 35.08 5.39
CA LEU A 201 14.42 34.93 4.01
C LEU A 201 13.23 35.83 3.71
N LYS A 202 12.32 35.99 4.67
CA LYS A 202 11.16 36.86 4.48
C LYS A 202 11.60 38.30 4.28
N LYS A 203 12.48 38.81 5.16
CA LYS A 203 13.00 40.15 5.00
C LYS A 203 13.89 40.27 3.76
N GLN A 204 14.57 39.19 3.39
CA GLN A 204 15.39 39.20 2.19
C GLN A 204 14.52 39.31 0.94
N LEU A 205 13.43 38.54 0.88
CA LEU A 205 12.51 38.66 -0.25
C LEU A 205 11.85 40.03 -0.27
N TYR A 206 11.53 40.57 0.90
CA TYR A 206 10.89 41.89 0.95
C TYR A 206 11.82 42.97 0.43
N ASN A 207 13.12 42.87 0.72
CA ASN A 207 14.06 43.85 0.19
C ASN A 207 14.23 43.71 -1.31
N ILE A 208 14.08 42.51 -1.86
CA ILE A 208 14.24 42.30 -3.29
C ILE A 208 13.05 42.88 -4.05
N TYR A 209 11.84 42.69 -3.53
CA TYR A 209 10.67 43.26 -4.18
C TYR A 209 10.70 44.79 -4.15
N ALA A 210 11.03 45.36 -2.98
CA ALA A 210 11.18 46.81 -2.90
C ALA A 210 12.36 47.32 -3.71
N LYS A 211 13.29 46.43 -4.05
CA LYS A 211 14.45 46.79 -4.87
C LYS A 211 14.08 47.01 -6.33
N HIS A 212 13.08 46.30 -6.83
CA HIS A 212 12.70 46.37 -8.23
C HIS A 212 11.35 47.04 -8.48
N THR A 213 10.43 46.97 -7.52
CA THR A 213 9.17 47.70 -7.63
C THR A 213 9.28 49.13 -7.12
N LYS A 214 10.36 49.46 -6.42
CA LYS A 214 10.59 50.79 -5.85
C LYS A 214 9.50 51.20 -4.87
N GLN A 215 8.82 50.21 -4.28
CA GLN A 215 7.86 50.48 -3.21
C GLN A 215 8.59 50.59 -1.87
N SER A 216 7.91 51.15 -0.88
CA SER A 216 8.45 51.17 0.46
C SER A 216 8.25 49.82 1.13
N LEU A 217 9.09 49.55 2.14
CA LEU A 217 8.98 48.29 2.85
C LEU A 217 7.64 48.14 3.54
N GLN A 218 7.03 49.23 3.99
CA GLN A 218 5.71 49.17 4.60
C GLN A 218 4.67 48.64 3.63
N VAL A 219 4.77 49.03 2.35
CA VAL A 219 3.84 48.54 1.36
C VAL A 219 4.14 47.10 0.99
N ILE A 220 5.43 46.74 0.95
CA ILE A 220 5.80 45.36 0.63
C ILE A 220 5.40 44.41 1.76
N GLU A 221 5.59 44.85 3.01
CA GLU A 221 5.21 44.00 4.14
C GLU A 221 3.71 43.81 4.22
N SER A 222 2.95 44.88 3.99
CA SER A 222 1.49 44.81 4.09
C SER A 222 0.87 44.05 2.92
N ALA A 223 1.53 44.02 1.77
CA ALA A 223 0.91 43.36 0.62
C ALA A 223 1.21 41.87 0.57
N MET A 224 2.38 41.46 1.06
CA MET A 224 2.81 40.06 0.99
C MET A 224 2.52 39.28 2.27
N GLU A 225 1.80 39.88 3.23
CA GLU A 225 1.44 39.14 4.43
C GLU A 225 0.50 37.98 4.10
N ARG A 226 -0.39 38.19 3.14
CA ARG A 226 -1.28 37.15 2.63
C ARG A 226 -1.04 36.98 1.13
N ASP A 227 -1.71 35.99 0.54
CA ASP A 227 -1.63 35.78 -0.90
C ASP A 227 -2.23 36.98 -1.63
N ARG A 228 -1.41 37.68 -2.40
CA ARG A 228 -1.80 38.91 -3.06
C ARG A 228 -1.83 38.66 -4.57
N TYR A 229 -3.02 38.40 -5.10
CA TYR A 229 -3.20 38.19 -6.53
C TYR A 229 -3.39 39.53 -7.23
N MET A 230 -2.74 39.67 -8.37
CA MET A 230 -2.79 40.90 -9.15
C MET A 230 -3.05 40.59 -10.61
N SER A 231 -3.82 41.45 -11.27
CA SER A 231 -3.96 41.38 -12.71
C SER A 231 -2.75 42.02 -13.38
N PRO A 232 -2.52 41.75 -14.67
CA PRO A 232 -1.39 42.38 -15.36
C PRO A 232 -1.41 43.90 -15.27
N MET A 233 -2.59 44.51 -15.23
CA MET A 233 -2.67 45.97 -15.07
C MET A 233 -2.38 46.37 -13.63
N GLU A 234 -2.85 45.57 -12.67
CA GLU A 234 -2.56 45.87 -11.26
C GLU A 234 -1.09 45.64 -10.94
N ALA A 235 -0.49 44.60 -11.51
CA ALA A 235 0.93 44.35 -11.28
C ALA A 235 1.80 45.45 -11.90
N GLN A 236 1.34 46.04 -13.00
CA GLN A 236 2.05 47.17 -13.58
C GLN A 236 1.95 48.41 -12.68
N GLU A 237 0.77 48.64 -12.10
CA GLU A 237 0.60 49.74 -11.16
C GLU A 237 1.43 49.52 -9.90
N PHE A 238 1.54 48.27 -9.46
CA PHE A 238 2.33 47.97 -8.27
C PHE A 238 3.82 48.08 -8.54
N GLY A 239 4.25 47.87 -9.78
CA GLY A 239 5.63 47.96 -10.16
C GLY A 239 6.34 46.64 -10.44
N ILE A 240 5.60 45.54 -10.62
CA ILE A 240 6.23 44.26 -10.88
C ILE A 240 6.60 44.13 -12.36
N LEU A 241 5.78 44.68 -13.25
CA LEU A 241 6.04 44.66 -14.68
C LEU A 241 5.83 46.05 -15.25
N ASP A 242 6.23 46.22 -16.51
CA ASP A 242 6.21 47.53 -17.16
C ASP A 242 5.21 47.65 -18.30
N LYS A 243 4.95 46.57 -19.03
CA LYS A 243 4.09 46.61 -20.20
C LYS A 243 3.10 45.45 -20.17
N VAL A 244 1.86 45.73 -20.54
CA VAL A 244 0.83 44.72 -20.74
C VAL A 244 0.54 44.71 -22.24
N LEU A 245 1.07 43.72 -22.94
CA LEU A 245 1.04 43.69 -24.40
C LEU A 245 -0.05 42.76 -24.89
N VAL A 246 -0.94 43.29 -25.73
CA VAL A 246 -1.93 42.46 -26.41
C VAL A 246 -1.41 42.00 -27.77
N HIS A 247 -0.64 42.84 -28.45
CA HIS A 247 -0.03 42.52 -29.73
C HIS A 247 1.36 43.14 -29.77
N PRO A 248 2.31 42.52 -30.50
CA PRO A 248 3.67 43.07 -30.58
C PRO A 248 3.73 44.33 -31.42
N ILE B 59 5.36 5.84 -30.48
CA ILE B 59 5.18 6.86 -31.50
C ILE B 59 6.04 6.56 -32.72
N PRO B 60 5.44 6.59 -33.90
CA PRO B 60 6.20 6.31 -35.13
C PRO B 60 7.04 7.48 -35.58
N ILE B 61 8.00 7.18 -36.45
CA ILE B 61 8.98 8.15 -36.94
C ILE B 61 9.01 8.08 -38.46
N VAL B 62 9.31 9.22 -39.09
CA VAL B 62 9.43 9.29 -40.54
C VAL B 62 10.86 9.66 -40.91
N VAL B 63 11.29 9.17 -42.07
CA VAL B 63 12.63 9.43 -42.60
C VAL B 63 13.71 9.08 -41.58
N GLY B 69 21.59 15.98 -45.09
CA GLY B 69 20.14 16.00 -45.11
C GLY B 69 19.51 14.63 -44.91
N GLU B 70 19.21 14.31 -43.65
CA GLU B 70 18.54 13.07 -43.27
C GLU B 70 18.24 13.07 -41.78
N ARG B 71 17.13 13.68 -41.39
CA ARG B 71 16.73 13.75 -39.99
C ARG B 71 15.51 12.87 -39.73
N ALA B 72 15.49 12.27 -38.55
CA ALA B 72 14.36 11.49 -38.07
C ALA B 72 13.36 12.40 -37.37
N TYR B 73 12.09 12.30 -37.76
CA TYR B 73 11.02 13.13 -37.22
C TYR B 73 9.96 12.22 -36.61
N ASP B 74 9.63 12.45 -35.35
CA ASP B 74 8.42 11.83 -34.81
C ASP B 74 7.20 12.43 -35.49
N ILE B 75 6.08 11.73 -35.38
CA ILE B 75 4.90 12.07 -36.18
C ILE B 75 4.41 13.47 -35.87
N TYR B 76 4.66 13.98 -34.66
CA TYR B 76 4.20 15.32 -34.32
C TYR B 76 5.15 16.39 -34.81
N SER B 77 6.44 16.09 -34.93
CA SER B 77 7.37 17.05 -35.53
C SER B 77 7.18 17.13 -37.03
N ARG B 78 6.83 16.01 -37.66
CA ARG B 78 6.56 16.02 -39.10
C ARG B 78 5.41 16.95 -39.43
N LEU B 79 4.39 17.00 -38.56
CA LEU B 79 3.28 17.92 -38.78
C LEU B 79 3.66 19.34 -38.41
N LEU B 80 4.48 19.52 -37.37
CA LEU B 80 4.92 20.86 -37.00
C LEU B 80 5.74 21.50 -38.12
N ARG B 81 6.48 20.70 -38.88
CA ARG B 81 7.19 21.23 -40.04
C ARG B 81 6.21 21.73 -41.09
N GLU B 82 5.01 21.18 -41.12
CA GLU B 82 3.92 21.69 -41.97
C GLU B 82 3.10 22.76 -41.26
N ARG B 83 3.64 23.34 -40.18
CA ARG B 83 2.96 24.39 -39.40
C ARG B 83 1.64 23.89 -38.85
N ILE B 84 1.72 22.81 -38.06
CA ILE B 84 0.56 22.18 -37.45
C ILE B 84 0.89 21.91 -35.98
N VAL B 85 0.11 22.49 -35.08
CA VAL B 85 0.26 22.30 -33.65
C VAL B 85 -0.89 21.45 -33.16
N CYS B 86 -0.57 20.33 -32.52
CA CYS B 86 -1.57 19.40 -32.01
C CYS B 86 -1.79 19.62 -30.52
N VAL B 87 -3.04 19.82 -30.12
CA VAL B 87 -3.41 19.99 -28.71
C VAL B 87 -4.34 18.82 -28.38
N MET B 88 -3.76 17.70 -27.98
CA MET B 88 -4.51 16.49 -27.69
C MET B 88 -4.34 16.12 -26.22
N GLY B 89 -5.39 15.55 -25.65
CA GLY B 89 -5.38 15.15 -24.26
C GLY B 89 -5.59 16.33 -23.32
N PRO B 90 -5.50 16.06 -22.02
CA PRO B 90 -5.71 17.14 -21.03
C PRO B 90 -4.68 18.26 -21.20
N ILE B 91 -5.08 19.45 -20.76
CA ILE B 91 -4.26 20.66 -20.88
C ILE B 91 -3.78 21.05 -19.49
N ASP B 92 -2.46 20.98 -19.29
CA ASP B 92 -1.86 21.45 -18.04
C ASP B 92 -0.70 22.39 -18.35
N ASP B 93 0.14 22.67 -17.37
CA ASP B 93 1.29 23.53 -17.61
C ASP B 93 2.26 22.92 -18.61
N SER B 94 2.42 21.60 -18.56
CA SER B 94 3.33 20.93 -19.48
C SER B 94 2.84 21.03 -20.92
N VAL B 95 1.55 20.79 -21.14
CA VAL B 95 1.00 20.86 -22.50
C VAL B 95 0.97 22.31 -22.98
N ALA B 96 0.55 23.23 -22.10
CA ALA B 96 0.50 24.64 -22.50
C ALA B 96 1.89 25.18 -22.83
N SER B 97 2.90 24.72 -22.08
CA SER B 97 4.27 25.18 -22.35
C SER B 97 4.74 24.70 -23.72
N LEU B 98 4.41 23.46 -24.09
CA LEU B 98 4.80 22.96 -25.40
C LEU B 98 4.08 23.68 -26.52
N VAL B 99 2.77 23.93 -26.35
CA VAL B 99 2.01 24.62 -27.38
C VAL B 99 2.52 26.05 -27.56
N ILE B 100 2.76 26.75 -26.45
CA ILE B 100 3.26 28.12 -26.53
C ILE B 100 4.64 28.15 -27.18
N ALA B 101 5.47 27.15 -26.87
CA ALA B 101 6.79 27.08 -27.48
C ALA B 101 6.70 26.82 -28.97
N GLN B 102 5.73 26.00 -29.39
CA GLN B 102 5.58 25.72 -30.83
C GLN B 102 5.01 26.91 -31.57
N LEU B 103 4.08 27.65 -30.95
CA LEU B 103 3.52 28.84 -31.60
C LEU B 103 4.58 29.91 -31.80
N LEU B 104 5.50 30.05 -30.83
CA LEU B 104 6.57 31.04 -30.97
C LEU B 104 7.60 30.60 -32.01
N PHE B 105 7.84 29.30 -32.13
CA PHE B 105 8.76 28.81 -33.15
C PHE B 105 8.18 28.99 -34.55
N LEU B 106 6.88 28.75 -34.71
CA LEU B 106 6.24 28.93 -36.01
C LEU B 106 6.16 30.40 -36.39
N GLN B 107 6.07 31.30 -35.40
CA GLN B 107 6.07 32.72 -35.71
C GLN B 107 7.45 33.22 -36.10
N SER B 108 8.51 32.63 -35.52
CA SER B 108 9.86 33.02 -35.88
C SER B 108 10.20 32.61 -37.31
N GLU B 109 9.69 31.47 -37.77
CA GLU B 109 9.89 31.08 -39.16
C GLU B 109 9.16 32.02 -40.10
N SER B 110 7.92 32.38 -39.77
CA SER B 110 7.13 33.27 -40.61
C SER B 110 5.98 33.82 -39.78
N ASN B 111 5.86 35.15 -39.73
CA ASN B 111 4.76 35.81 -39.05
C ASN B 111 3.55 36.02 -39.95
N LYS B 112 3.59 35.52 -41.18
CA LYS B 112 2.49 35.66 -42.13
C LYS B 112 1.83 34.34 -42.48
N LYS B 113 2.60 33.25 -42.54
CA LYS B 113 2.03 31.97 -42.90
C LYS B 113 1.06 31.51 -41.81
N PRO B 114 -0.10 30.96 -42.16
CA PRO B 114 -1.07 30.57 -41.15
C PRO B 114 -0.58 29.37 -40.33
N ILE B 115 -1.07 29.30 -39.10
CA ILE B 115 -0.73 28.23 -38.17
C ILE B 115 -1.99 27.39 -37.94
N HIS B 116 -1.87 26.09 -38.16
CA HIS B 116 -2.99 25.17 -37.98
C HIS B 116 -2.92 24.53 -36.60
N MET B 117 -4.05 24.50 -35.91
CA MET B 117 -4.12 23.99 -34.54
C MET B 117 -5.24 22.94 -34.47
N TYR B 118 -4.86 21.69 -34.27
CA TYR B 118 -5.82 20.60 -34.11
C TYR B 118 -6.08 20.38 -32.63
N ILE B 119 -7.36 20.24 -32.27
CA ILE B 119 -7.80 20.19 -30.88
C ILE B 119 -8.58 18.91 -30.66
N ASN B 120 -8.14 18.13 -29.66
CA ASN B 120 -8.82 16.92 -29.23
C ASN B 120 -8.60 16.77 -27.72
N SER B 121 -9.07 17.77 -26.97
CA SER B 121 -8.79 17.88 -25.55
C SER B 121 -10.07 17.85 -24.72
N PRO B 122 -10.06 17.14 -23.60
CA PRO B 122 -11.21 17.18 -22.68
C PRO B 122 -11.19 18.36 -21.72
N GLY B 123 -10.11 19.15 -21.72
CA GLY B 123 -10.00 20.29 -20.84
C GLY B 123 -8.79 20.20 -19.94
N GLY B 124 -8.80 20.96 -18.86
CA GLY B 124 -7.74 20.90 -17.90
C GLY B 124 -7.69 22.18 -17.07
N VAL B 125 -6.47 22.58 -16.74
CA VAL B 125 -6.26 23.76 -15.91
C VAL B 125 -6.67 25.00 -16.67
N VAL B 126 -7.35 25.92 -15.97
CA VAL B 126 -7.84 27.14 -16.60
C VAL B 126 -6.68 28.07 -16.94
N THR B 127 -5.72 28.23 -16.02
CA THR B 127 -4.58 29.10 -16.29
C THR B 127 -3.74 28.56 -17.43
N ALA B 128 -3.70 27.24 -17.61
CA ALA B 128 -2.98 26.66 -18.75
C ALA B 128 -3.69 26.98 -20.05
N GLY B 129 -5.03 26.94 -20.05
CA GLY B 129 -5.76 27.29 -21.26
C GLY B 129 -5.66 28.76 -21.60
N LEU B 130 -5.67 29.63 -20.57
CA LEU B 130 -5.50 31.06 -20.82
C LEU B 130 -4.09 31.38 -21.34
N ALA B 131 -3.09 30.63 -20.89
CA ALA B 131 -1.73 30.82 -21.39
C ALA B 131 -1.67 30.56 -22.89
N ILE B 132 -2.38 29.53 -23.36
CA ILE B 132 -2.42 29.25 -24.79
C ILE B 132 -3.25 30.29 -25.51
N TYR B 133 -4.37 30.71 -24.91
CA TYR B 133 -5.24 31.69 -25.54
C TYR B 133 -4.52 33.01 -25.78
N ASP B 134 -3.81 33.51 -24.76
CA ASP B 134 -3.10 34.77 -24.90
C ASP B 134 -2.03 34.69 -25.99
N THR B 135 -1.28 33.57 -26.02
CA THR B 135 -0.26 33.41 -27.04
C THR B 135 -0.87 33.33 -28.44
N MET B 136 -2.06 32.73 -28.56
CA MET B 136 -2.74 32.69 -29.85
C MET B 136 -3.12 34.09 -30.32
N GLN B 137 -3.62 34.93 -29.41
CA GLN B 137 -4.02 36.27 -29.80
C GLN B 137 -2.81 37.18 -29.99
N TYR B 138 -1.70 36.89 -29.31
CA TYR B 138 -0.54 37.76 -29.40
C TYR B 138 0.16 37.62 -30.75
N ILE B 139 0.41 36.40 -31.19
CA ILE B 139 1.12 36.18 -32.45
C ILE B 139 0.28 36.71 -33.61
N LEU B 140 0.96 37.29 -34.60
CA LEU B 140 0.30 37.87 -35.76
C LEU B 140 -0.18 36.83 -36.75
N ASN B 141 0.28 35.59 -36.65
CA ASN B 141 -0.09 34.57 -37.62
C ASN B 141 -1.58 34.23 -37.50
N PRO B 142 -2.31 34.18 -38.61
CA PRO B 142 -3.69 33.67 -38.55
C PRO B 142 -3.68 32.21 -38.14
N ILE B 143 -4.59 31.85 -37.24
CA ILE B 143 -4.64 30.52 -36.65
C ILE B 143 -5.94 29.85 -37.06
N CYS B 144 -5.82 28.69 -37.71
CA CYS B 144 -6.96 27.89 -38.12
C CYS B 144 -7.13 26.76 -37.09
N THR B 145 -8.25 26.78 -36.36
CA THR B 145 -8.53 25.78 -35.35
C THR B 145 -9.38 24.66 -35.97
N TRP B 146 -8.99 23.42 -35.70
CA TRP B 146 -9.67 22.25 -36.23
C TRP B 146 -10.05 21.34 -35.06
N CYS B 147 -11.35 21.21 -34.82
CA CYS B 147 -11.84 20.38 -33.73
C CYS B 147 -11.96 18.94 -34.21
N VAL B 148 -11.26 18.04 -33.53
CA VAL B 148 -11.28 16.61 -33.84
C VAL B 148 -11.69 15.87 -32.57
N GLY B 149 -12.67 14.98 -32.70
CA GLY B 149 -13.13 14.20 -31.57
C GLY B 149 -13.94 15.00 -30.57
N GLN B 150 -13.28 15.83 -29.78
CA GLN B 150 -13.97 16.65 -28.80
C GLN B 150 -13.11 17.86 -28.44
N ALA B 151 -13.78 18.95 -28.07
CA ALA B 151 -13.13 20.17 -27.59
C ALA B 151 -13.97 20.69 -26.42
N ALA B 152 -13.66 20.19 -25.22
CA ALA B 152 -14.42 20.48 -24.03
C ALA B 152 -13.59 21.31 -23.06
N SER B 153 -14.30 22.02 -22.17
CA SER B 153 -13.70 22.86 -21.12
C SER B 153 -12.81 23.89 -21.80
N MET B 154 -11.51 23.96 -21.49
CA MET B 154 -10.64 24.92 -22.15
C MET B 154 -10.39 24.58 -23.61
N GLY B 155 -10.63 23.33 -24.01
CA GLY B 155 -10.48 22.98 -25.41
C GLY B 155 -11.47 23.69 -26.31
N SER B 156 -12.67 24.00 -25.79
CA SER B 156 -13.64 24.76 -26.57
C SER B 156 -13.21 26.22 -26.69
N LEU B 157 -12.52 26.75 -25.67
CA LEU B 157 -12.05 28.13 -25.74
C LEU B 157 -10.97 28.29 -26.80
N LEU B 158 -10.07 27.30 -26.91
CA LEU B 158 -9.04 27.35 -27.95
C LEU B 158 -9.66 27.21 -29.34
N LEU B 159 -10.74 26.43 -29.46
CA LEU B 159 -11.43 26.31 -30.74
C LEU B 159 -12.04 27.64 -31.17
N ALA B 160 -12.61 28.37 -30.22
CA ALA B 160 -13.21 29.68 -30.51
C ALA B 160 -12.18 30.80 -30.58
N ALA B 161 -10.96 30.56 -30.14
CA ALA B 161 -9.92 31.59 -30.16
C ALA B 161 -9.25 31.74 -31.52
N GLY B 162 -9.55 30.86 -32.47
CA GLY B 162 -8.95 30.95 -33.79
C GLY B 162 -9.38 32.20 -34.54
N THR B 163 -8.72 32.43 -35.65
CA THR B 163 -9.03 33.57 -36.49
C THR B 163 -10.47 33.47 -36.99
N PRO B 164 -11.25 34.54 -36.92
CA PRO B 164 -12.65 34.47 -37.36
C PRO B 164 -12.76 34.00 -38.81
N GLY B 165 -13.63 33.01 -39.03
CA GLY B 165 -13.78 32.39 -40.32
C GLY B 165 -12.91 31.17 -40.55
N MET B 166 -12.00 30.86 -39.61
CA MET B 166 -11.07 29.75 -39.75
C MET B 166 -11.21 28.75 -38.60
N ARG B 167 -12.40 28.68 -38.01
CA ARG B 167 -12.68 27.75 -36.91
C ARG B 167 -13.54 26.62 -37.47
N HIS B 168 -12.97 25.42 -37.53
CA HIS B 168 -13.59 24.27 -38.16
C HIS B 168 -13.82 23.16 -37.15
N SER B 169 -14.61 22.16 -37.57
CA SER B 169 -14.91 21.02 -36.74
C SER B 169 -15.37 19.87 -37.60
N LEU B 170 -15.05 18.66 -37.17
CA LEU B 170 -15.47 17.45 -37.86
C LEU B 170 -16.93 17.13 -37.51
N PRO B 171 -17.62 16.37 -38.36
CA PRO B 171 -19.07 16.19 -38.17
C PRO B 171 -19.46 15.59 -36.83
N ASN B 172 -18.75 14.55 -36.36
CA ASN B 172 -19.11 13.87 -35.12
C ASN B 172 -18.31 14.36 -33.92
N SER B 173 -17.83 15.60 -33.96
CA SER B 173 -17.11 16.17 -32.83
C SER B 173 -18.10 16.57 -31.75
N ARG B 174 -17.57 17.11 -30.64
CA ARG B 174 -18.39 17.48 -29.51
C ARG B 174 -17.71 18.63 -28.76
N ILE B 175 -18.47 19.66 -28.46
CA ILE B 175 -17.96 20.87 -27.81
C ILE B 175 -18.73 21.07 -26.50
N MET B 176 -18.00 21.32 -25.42
CA MET B 176 -18.60 21.52 -24.10
C MET B 176 -17.99 22.76 -23.45
N ILE B 177 -18.84 23.55 -22.81
CA ILE B 177 -18.41 24.74 -22.08
C ILE B 177 -18.99 24.69 -20.67
N HIS B 178 -18.23 25.24 -19.72
CA HIS B 178 -18.67 25.25 -18.33
C HIS B 178 -17.81 26.24 -17.56
N GLN B 179 -18.36 26.70 -16.42
CA GLN B 179 -17.63 27.59 -15.55
C GLN B 179 -16.43 26.85 -14.94
N PRO B 180 -15.37 27.58 -14.58
CA PRO B 180 -14.19 26.92 -14.01
C PRO B 180 -14.47 26.37 -12.62
N SER B 181 -13.73 25.32 -12.27
CA SER B 181 -13.78 24.71 -10.96
C SER B 181 -12.42 24.85 -10.28
N GLY B 182 -12.41 24.78 -8.96
CA GLY B 182 -11.17 24.92 -8.24
C GLY B 182 -11.32 24.50 -6.80
N GLY B 183 -10.27 24.77 -6.01
CA GLY B 183 -10.26 24.44 -4.61
C GLY B 183 -9.71 25.59 -3.78
N ALA B 184 -9.92 25.48 -2.47
CA ALA B 184 -9.46 26.50 -1.54
C ALA B 184 -9.38 25.89 -0.15
N ARG B 185 -8.24 26.11 0.52
CA ARG B 185 -8.05 25.59 1.87
C ARG B 185 -7.13 26.52 2.63
N GLY B 186 -7.37 26.64 3.93
CA GLY B 186 -6.60 27.49 4.81
C GLY B 186 -7.52 28.20 5.78
N GLN B 187 -7.01 29.31 6.34
CA GLN B 187 -7.82 30.11 7.24
C GLN B 187 -8.95 30.81 6.48
N ALA B 188 -9.89 31.36 7.24
CA ALA B 188 -11.03 32.05 6.63
C ALA B 188 -10.58 33.21 5.75
N THR B 189 -9.51 33.91 6.15
CA THR B 189 -8.98 34.98 5.32
C THR B 189 -8.44 34.43 4.01
N ASP B 190 -7.78 33.26 4.06
CA ASP B 190 -7.25 32.66 2.84
C ASP B 190 -8.37 32.13 1.95
N ILE B 191 -9.44 31.61 2.56
CA ILE B 191 -10.58 31.15 1.77
C ILE B 191 -11.21 32.31 1.01
N GLU B 192 -11.33 33.46 1.66
CA GLU B 192 -11.94 34.63 1.02
C GLU B 192 -11.08 35.13 -0.14
N ILE B 193 -9.76 35.12 0.01
CA ILE B 193 -8.88 35.58 -1.05
C ILE B 193 -8.95 34.63 -2.25
N GLN B 194 -8.88 33.33 -1.99
CA GLN B 194 -8.90 32.36 -3.08
C GLN B 194 -10.28 32.25 -3.72
N ALA B 195 -11.34 32.58 -2.98
CA ALA B 195 -12.68 32.57 -3.56
C ALA B 195 -12.87 33.76 -4.50
N ARG B 196 -12.37 34.93 -4.12
CA ARG B 196 -12.44 36.08 -5.01
C ARG B 196 -11.64 35.84 -6.29
N GLU B 197 -10.58 35.03 -6.21
CA GLU B 197 -9.71 34.85 -7.37
C GLU B 197 -10.35 33.93 -8.41
N ILE B 198 -11.00 32.84 -7.98
CA ILE B 198 -11.68 31.99 -8.93
C ILE B 198 -12.91 32.70 -9.48
N MET B 199 -13.49 33.63 -8.71
CA MET B 199 -14.59 34.43 -9.23
C MET B 199 -14.13 35.37 -10.33
N LYS B 200 -12.93 35.93 -10.18
CA LYS B 200 -12.37 36.77 -11.24
C LYS B 200 -12.09 35.94 -12.49
N LEU B 201 -11.59 34.71 -12.32
CA LEU B 201 -11.37 33.84 -13.47
C LEU B 201 -12.67 33.48 -14.16
N LYS B 202 -13.75 33.32 -13.38
CA LYS B 202 -15.06 33.02 -13.96
C LYS B 202 -15.53 34.18 -14.83
N LYS B 203 -15.47 35.41 -14.31
CA LYS B 203 -15.84 36.57 -15.10
C LYS B 203 -14.86 36.81 -16.24
N GLN B 204 -13.59 36.44 -16.05
CA GLN B 204 -12.61 36.61 -17.11
C GLN B 204 -12.88 35.66 -18.27
N LEU B 205 -13.21 34.40 -17.98
CA LEU B 205 -13.55 33.46 -19.04
C LEU B 205 -14.84 33.85 -19.72
N TYR B 206 -15.81 34.36 -18.97
CA TYR B 206 -17.09 34.76 -19.56
C TYR B 206 -16.90 35.91 -20.53
N ASN B 207 -16.02 36.87 -20.20
CA ASN B 207 -15.75 37.97 -21.11
C ASN B 207 -15.00 37.50 -22.35
N ILE B 208 -14.15 36.49 -22.22
CA ILE B 208 -13.41 35.97 -23.36
C ILE B 208 -14.34 35.21 -24.29
N TYR B 209 -15.21 34.36 -23.74
CA TYR B 209 -16.18 33.64 -24.56
C TYR B 209 -17.15 34.60 -25.24
N ALA B 210 -17.63 35.61 -24.51
CA ALA B 210 -18.56 36.57 -25.09
C ALA B 210 -17.90 37.39 -26.20
N LYS B 211 -16.58 37.55 -26.15
CA LYS B 211 -15.89 38.34 -27.17
C LYS B 211 -15.81 37.60 -28.49
N HIS B 212 -15.42 36.33 -28.45
CA HIS B 212 -15.20 35.55 -29.66
C HIS B 212 -16.47 34.91 -30.21
N THR B 213 -17.39 34.48 -29.34
CA THR B 213 -18.66 33.94 -29.80
C THR B 213 -19.65 35.03 -30.20
N LYS B 214 -19.34 36.30 -29.93
CA LYS B 214 -20.22 37.42 -30.23
C LYS B 214 -21.57 37.28 -29.54
N GLN B 215 -21.59 36.65 -28.36
CA GLN B 215 -22.77 36.55 -27.52
C GLN B 215 -22.67 37.57 -26.39
N SER B 216 -23.83 37.93 -25.85
CA SER B 216 -23.84 38.83 -24.70
C SER B 216 -23.33 38.09 -23.47
N LEU B 217 -22.81 38.87 -22.52
CA LEU B 217 -22.29 38.29 -21.28
C LEU B 217 -23.36 37.51 -20.53
N GLN B 218 -24.62 37.92 -20.65
CA GLN B 218 -25.70 37.24 -19.95
C GLN B 218 -25.99 35.88 -20.55
N VAL B 219 -25.95 35.76 -21.88
CA VAL B 219 -26.13 34.47 -22.54
C VAL B 219 -24.98 33.54 -22.14
N ILE B 220 -23.78 34.08 -21.99
CA ILE B 220 -22.64 33.27 -21.57
C ILE B 220 -22.82 32.77 -20.14
N GLU B 221 -23.30 33.65 -19.25
CA GLU B 221 -23.52 33.25 -17.87
C GLU B 221 -24.59 32.17 -17.76
N SER B 222 -25.65 32.28 -18.58
CA SER B 222 -26.72 31.30 -18.51
C SER B 222 -26.31 29.95 -19.10
N ALA B 223 -25.41 29.96 -20.09
CA ALA B 223 -25.04 28.72 -20.76
C ALA B 223 -23.95 27.96 -20.01
N MET B 224 -23.06 28.66 -19.32
CA MET B 224 -21.91 28.04 -18.68
C MET B 224 -22.11 27.81 -17.19
N GLU B 225 -23.34 27.94 -16.68
CA GLU B 225 -23.58 27.64 -15.27
C GLU B 225 -23.39 26.16 -14.98
N ARG B 226 -23.85 25.30 -15.87
CA ARG B 226 -23.63 23.86 -15.81
C ARG B 226 -22.84 23.43 -17.04
N ASP B 227 -22.53 22.13 -17.12
CA ASP B 227 -21.87 21.60 -18.29
C ASP B 227 -22.80 21.69 -19.49
N ARG B 228 -22.36 22.38 -20.54
CA ARG B 228 -23.17 22.65 -21.72
C ARG B 228 -22.50 22.00 -22.93
N TYR B 229 -22.97 20.82 -23.31
CA TYR B 229 -22.44 20.12 -24.48
C TYR B 229 -23.19 20.57 -25.73
N MET B 230 -22.46 20.68 -26.83
CA MET B 230 -23.01 21.13 -28.10
C MET B 230 -22.51 20.25 -29.23
N SER B 231 -23.38 20.01 -30.21
CA SER B 231 -22.96 19.39 -31.45
C SER B 231 -22.25 20.43 -32.33
N PRO B 232 -21.49 19.99 -33.33
CA PRO B 232 -20.83 20.96 -34.22
C PRO B 232 -21.79 21.96 -34.85
N MET B 233 -23.03 21.56 -35.13
CA MET B 233 -24.01 22.51 -35.65
C MET B 233 -24.44 23.49 -34.57
N GLU B 234 -24.59 23.02 -33.33
CA GLU B 234 -24.97 23.91 -32.24
C GLU B 234 -23.85 24.88 -31.88
N ALA B 235 -22.60 24.41 -31.94
CA ALA B 235 -21.48 25.28 -31.62
C ALA B 235 -21.29 26.35 -32.69
N GLN B 236 -21.64 26.06 -33.94
CA GLN B 236 -21.57 27.07 -34.99
C GLN B 236 -22.65 28.13 -34.79
N GLU B 237 -23.87 27.71 -34.48
CA GLU B 237 -24.94 28.66 -34.21
C GLU B 237 -24.64 29.50 -32.98
N PHE B 238 -23.99 28.91 -31.97
CA PHE B 238 -23.63 29.63 -30.77
C PHE B 238 -22.48 30.62 -31.01
N GLY B 239 -21.65 30.37 -32.02
CA GLY B 239 -20.54 31.23 -32.33
C GLY B 239 -19.17 30.69 -31.97
N ILE B 240 -19.08 29.43 -31.54
CA ILE B 240 -17.79 28.88 -31.13
C ILE B 240 -16.94 28.55 -32.35
N LEU B 241 -17.54 28.00 -33.40
CA LEU B 241 -16.83 27.67 -34.63
C LEU B 241 -17.59 28.23 -35.81
N ASP B 242 -16.92 28.26 -36.96
CA ASP B 242 -17.44 28.89 -38.16
C ASP B 242 -17.93 27.88 -39.19
N LYS B 243 -17.14 26.86 -39.48
CA LYS B 243 -17.45 25.87 -40.50
C LYS B 243 -17.57 24.49 -39.88
N VAL B 244 -18.65 23.79 -40.21
CA VAL B 244 -18.81 22.38 -39.87
C VAL B 244 -18.48 21.60 -41.13
N LEU B 245 -17.31 20.96 -41.13
CA LEU B 245 -16.88 20.21 -42.30
C LEU B 245 -17.84 19.06 -42.59
N VAL B 246 -17.97 18.72 -43.87
CA VAL B 246 -18.91 17.71 -44.32
C VAL B 246 -18.14 16.73 -45.19
N HIS B 247 -17.93 15.50 -44.69
CA HIS B 247 -17.15 14.42 -45.27
C HIS B 247 -17.21 14.42 -46.79
N PRO B 248 -16.13 14.84 -47.48
CA PRO B 248 -16.08 14.86 -48.95
C PRO B 248 -16.04 13.46 -49.56
N LEU C 58 10.59 -4.22 -26.68
CA LEU C 58 9.61 -4.79 -27.60
C LEU C 58 9.43 -3.93 -28.84
N ILE C 59 10.54 -3.43 -29.37
CA ILE C 59 10.53 -2.64 -30.61
C ILE C 59 11.68 -3.10 -31.48
N PRO C 60 11.42 -3.86 -32.54
CA PRO C 60 12.51 -4.27 -33.45
C PRO C 60 12.90 -3.14 -34.39
N ILE C 61 14.20 -2.84 -34.46
CA ILE C 61 14.69 -1.77 -35.32
C ILE C 61 15.00 -2.30 -36.71
N TYR C 73 15.00 2.78 -37.79
CA TYR C 73 13.67 2.54 -38.32
C TYR C 73 12.99 1.37 -37.61
N ASP C 74 12.01 1.68 -36.76
CA ASP C 74 11.26 0.64 -36.09
C ASP C 74 10.31 -0.05 -37.07
N ILE C 75 9.68 -1.14 -36.60
CA ILE C 75 8.86 -1.95 -37.49
C ILE C 75 7.56 -1.24 -37.85
N TYR C 76 7.03 -0.43 -36.96
CA TYR C 76 5.79 0.29 -37.26
C TYR C 76 6.03 1.49 -38.15
N SER C 77 7.19 2.14 -38.02
CA SER C 77 7.54 3.22 -38.93
C SER C 77 7.82 2.68 -40.33
N ARG C 78 8.38 1.47 -40.42
CA ARG C 78 8.62 0.87 -41.73
C ARG C 78 7.31 0.54 -42.43
N LEU C 79 6.31 0.09 -41.67
CA LEU C 79 4.99 -0.15 -42.25
C LEU C 79 4.30 1.15 -42.65
N LEU C 80 4.53 2.22 -41.89
CA LEU C 80 3.95 3.51 -42.25
C LEU C 80 4.53 4.05 -43.55
N ARG C 81 5.79 3.71 -43.85
CA ARG C 81 6.37 4.10 -45.12
C ARG C 81 5.64 3.46 -46.29
N GLU C 82 5.14 2.24 -46.10
CA GLU C 82 4.29 1.58 -47.09
C GLU C 82 2.83 2.01 -46.99
N ARG C 83 2.56 3.12 -46.30
CA ARG C 83 1.21 3.66 -46.15
C ARG C 83 0.30 2.67 -45.43
N ILE C 84 0.75 2.21 -44.26
CA ILE C 84 -0.01 1.28 -43.43
C ILE C 84 -0.07 1.86 -42.02
N VAL C 85 -1.29 2.17 -41.56
CA VAL C 85 -1.52 2.66 -40.20
C VAL C 85 -2.02 1.49 -39.36
N CYS C 86 -1.36 1.26 -38.22
CA CYS C 86 -1.72 0.16 -37.34
C CYS C 86 -2.56 0.69 -36.17
N VAL C 87 -3.72 0.08 -35.96
CA VAL C 87 -4.56 0.39 -34.82
C VAL C 87 -4.61 -0.83 -33.92
N MET C 88 -3.63 -0.96 -33.03
CA MET C 88 -3.49 -2.10 -32.16
C MET C 88 -3.85 -1.73 -30.73
N GLY C 89 -4.30 -2.71 -29.97
CA GLY C 89 -4.61 -2.52 -28.57
C GLY C 89 -5.79 -1.60 -28.33
N PRO C 90 -6.02 -1.23 -27.07
CA PRO C 90 -7.16 -0.36 -26.75
C PRO C 90 -7.01 1.00 -27.42
N ILE C 91 -8.14 1.69 -27.55
CA ILE C 91 -8.22 2.97 -28.23
C ILE C 91 -8.57 4.04 -27.20
N ASP C 92 -7.62 4.95 -26.95
CA ASP C 92 -7.87 6.10 -26.10
C ASP C 92 -7.46 7.38 -26.82
N ASP C 93 -7.38 8.50 -26.09
CA ASP C 93 -6.99 9.76 -26.73
C ASP C 93 -5.56 9.70 -27.26
N SER C 94 -4.68 8.96 -26.58
CA SER C 94 -3.31 8.82 -27.06
C SER C 94 -3.25 8.02 -28.35
N VAL C 95 -4.00 6.91 -28.41
CA VAL C 95 -4.02 6.09 -29.62
C VAL C 95 -4.74 6.82 -30.75
N ALA C 96 -5.85 7.49 -30.43
CA ALA C 96 -6.61 8.20 -31.47
C ALA C 96 -5.78 9.32 -32.08
N SER C 97 -5.06 10.07 -31.24
CA SER C 97 -4.26 11.19 -31.75
C SER C 97 -3.13 10.71 -32.65
N LEU C 98 -2.55 9.54 -32.33
CA LEU C 98 -1.50 8.99 -33.19
C LEU C 98 -2.06 8.54 -34.54
N VAL C 99 -3.20 7.85 -34.51
CA VAL C 99 -3.80 7.38 -35.76
C VAL C 99 -4.22 8.55 -36.63
N ILE C 100 -4.77 9.61 -36.01
CA ILE C 100 -5.17 10.79 -36.76
C ILE C 100 -3.96 11.51 -37.34
N ALA C 101 -2.86 11.56 -36.58
CA ALA C 101 -1.66 12.22 -37.07
C ALA C 101 -1.05 11.44 -38.24
N GLN C 102 -1.08 10.11 -38.18
CA GLN C 102 -0.56 9.30 -39.27
C GLN C 102 -1.42 9.44 -40.52
N LEU C 103 -2.74 9.46 -40.35
CA LEU C 103 -3.64 9.61 -41.49
C LEU C 103 -3.48 10.98 -42.15
N LEU C 104 -3.13 12.00 -41.37
CA LEU C 104 -2.88 13.32 -41.95
C LEU C 104 -1.53 13.38 -42.65
N PHE C 105 -0.53 12.68 -42.11
CA PHE C 105 0.76 12.61 -42.79
C PHE C 105 0.66 11.82 -44.08
N LEU C 106 -0.05 10.69 -44.06
CA LEU C 106 -0.21 9.89 -45.27
C LEU C 106 -1.06 10.61 -46.32
N GLN C 107 -1.90 11.56 -45.91
CA GLN C 107 -2.65 12.33 -46.89
C GLN C 107 -1.78 13.40 -47.54
N SER C 108 -0.88 14.02 -46.76
CA SER C 108 0.01 15.02 -47.31
C SER C 108 0.98 14.41 -48.31
N GLU C 109 1.33 13.13 -48.14
CA GLU C 109 2.21 12.46 -49.09
C GLU C 109 1.50 12.23 -50.42
N SER C 110 0.23 11.82 -50.37
CA SER C 110 -0.52 11.54 -51.58
C SER C 110 -2.01 11.53 -51.23
N ASN C 111 -2.81 12.20 -52.05
CA ASN C 111 -4.27 12.22 -51.88
C ASN C 111 -4.96 11.09 -52.63
N LYS C 112 -4.23 10.35 -53.47
CA LYS C 112 -4.80 9.31 -54.31
C LYS C 112 -4.41 7.90 -53.88
N LYS C 113 -3.20 7.71 -53.38
CA LYS C 113 -2.77 6.38 -52.97
C LYS C 113 -3.63 5.88 -51.81
N PRO C 114 -4.09 4.64 -51.84
CA PRO C 114 -4.92 4.13 -50.74
C PRO C 114 -4.13 3.99 -49.45
N ILE C 115 -4.85 4.01 -48.34
CA ILE C 115 -4.27 3.88 -47.01
C ILE C 115 -4.79 2.58 -46.39
N HIS C 116 -3.87 1.76 -45.91
CA HIS C 116 -4.21 0.48 -45.30
C HIS C 116 -4.22 0.64 -43.78
N MET C 117 -5.29 0.16 -43.14
CA MET C 117 -5.47 0.30 -41.70
C MET C 117 -5.63 -1.10 -41.10
N TYR C 118 -4.59 -1.59 -40.43
CA TYR C 118 -4.63 -2.88 -39.78
C TYR C 118 -5.22 -2.72 -38.38
N ILE C 119 -6.29 -3.47 -38.10
CA ILE C 119 -7.05 -3.31 -36.87
C ILE C 119 -6.95 -4.59 -36.05
N ASN C 120 -6.54 -4.45 -34.79
CA ASN C 120 -6.49 -5.53 -33.82
C ASN C 120 -6.75 -4.89 -32.45
N SER C 121 -7.96 -4.37 -32.27
CA SER C 121 -8.30 -3.60 -31.09
C SER C 121 -9.49 -4.21 -30.37
N PRO C 122 -9.44 -4.29 -29.03
CA PRO C 122 -10.62 -4.70 -28.27
C PRO C 122 -11.60 -3.57 -28.00
N GLY C 123 -11.29 -2.36 -28.43
CA GLY C 123 -12.16 -1.21 -28.22
C GLY C 123 -11.57 -0.24 -27.21
N GLY C 124 -12.36 0.78 -26.90
CA GLY C 124 -11.96 1.79 -25.94
C GLY C 124 -12.89 2.98 -25.84
N VAL C 125 -12.32 4.17 -25.68
CA VAL C 125 -13.13 5.37 -25.53
C VAL C 125 -13.94 5.63 -26.79
N VAL C 126 -15.20 6.02 -26.61
CA VAL C 126 -16.07 6.27 -27.75
C VAL C 126 -15.66 7.54 -28.48
N THR C 127 -15.35 8.61 -27.74
CA THR C 127 -14.91 9.84 -28.38
C THR C 127 -13.61 9.64 -29.13
N ALA C 128 -12.74 8.73 -28.66
CA ALA C 128 -11.53 8.42 -29.40
C ALA C 128 -11.83 7.68 -30.69
N GLY C 129 -12.81 6.77 -30.65
CA GLY C 129 -13.20 6.08 -31.87
C GLY C 129 -13.91 6.98 -32.87
N LEU C 130 -14.71 7.91 -32.37
CA LEU C 130 -15.35 8.88 -33.25
C LEU C 130 -14.33 9.82 -33.88
N ALA C 131 -13.26 10.14 -33.16
CA ALA C 131 -12.21 10.99 -33.72
C ALA C 131 -11.51 10.32 -34.89
N ILE C 132 -11.16 9.04 -34.73
CA ILE C 132 -10.53 8.30 -35.83
C ILE C 132 -11.52 8.15 -36.98
N TYR C 133 -12.78 7.87 -36.67
CA TYR C 133 -13.78 7.72 -37.72
C TYR C 133 -13.95 9.00 -38.52
N ASP C 134 -14.06 10.14 -37.84
CA ASP C 134 -14.18 11.41 -38.53
C ASP C 134 -12.94 11.75 -39.34
N THR C 135 -11.78 11.22 -38.97
CA THR C 135 -10.57 11.43 -39.76
C THR C 135 -10.51 10.48 -40.95
N MET C 136 -11.09 9.28 -40.81
CA MET C 136 -11.12 8.35 -41.93
C MET C 136 -12.04 8.84 -43.04
N GLN C 137 -13.16 9.48 -42.67
CA GLN C 137 -14.16 9.94 -43.64
C GLN C 137 -13.85 11.31 -44.21
N TYR C 138 -12.93 12.07 -43.61
CA TYR C 138 -12.62 13.41 -44.10
C TYR C 138 -11.53 13.41 -45.17
N ILE C 139 -10.53 12.55 -45.03
CA ILE C 139 -9.48 12.48 -46.04
C ILE C 139 -10.00 11.81 -47.30
N LEU C 140 -9.45 12.21 -48.44
CA LEU C 140 -9.91 11.71 -49.73
C LEU C 140 -9.39 10.32 -50.05
N ASN C 141 -8.32 9.89 -49.38
CA ASN C 141 -7.70 8.61 -49.71
C ASN C 141 -8.64 7.46 -49.38
N PRO C 142 -8.77 6.48 -50.27
CA PRO C 142 -9.57 5.28 -49.92
C PRO C 142 -8.87 4.47 -48.83
N ILE C 143 -9.64 4.10 -47.81
CA ILE C 143 -9.11 3.42 -46.64
C ILE C 143 -9.45 1.94 -46.74
N CYS C 144 -8.43 1.09 -46.70
CA CYS C 144 -8.60 -0.35 -46.68
C CYS C 144 -8.43 -0.84 -45.25
N THR C 145 -9.50 -1.36 -44.67
CA THR C 145 -9.48 -1.87 -43.30
C THR C 145 -9.22 -3.37 -43.32
N TRP C 146 -8.30 -3.82 -42.47
CA TRP C 146 -7.88 -5.21 -42.40
C TRP C 146 -7.99 -5.67 -40.96
N CYS C 147 -9.03 -6.44 -40.65
CA CYS C 147 -9.22 -6.97 -39.30
C CYS C 147 -8.31 -8.15 -39.05
N VAL C 148 -7.52 -8.08 -37.99
CA VAL C 148 -6.63 -9.15 -37.57
C VAL C 148 -6.89 -9.46 -36.11
N GLY C 149 -7.04 -10.74 -35.79
CA GLY C 149 -7.28 -11.14 -34.42
C GLY C 149 -8.67 -10.79 -33.93
N GLN C 150 -8.87 -9.52 -33.56
CA GLN C 150 -10.18 -9.09 -33.09
C GLN C 150 -10.38 -7.62 -33.42
N ALA C 151 -11.64 -7.25 -33.66
CA ALA C 151 -12.05 -5.86 -33.90
C ALA C 151 -13.35 -5.66 -33.13
N ALA C 152 -13.22 -5.36 -31.84
CA ALA C 152 -14.36 -5.26 -30.93
C ALA C 152 -14.60 -3.81 -30.54
N SER C 153 -15.84 -3.51 -30.18
CA SER C 153 -16.28 -2.20 -29.70
C SER C 153 -15.96 -1.16 -30.78
N MET C 154 -15.19 -0.11 -30.50
CA MET C 154 -14.89 0.89 -31.51
C MET C 154 -14.00 0.34 -32.62
N GLY C 155 -13.31 -0.77 -32.38
CA GLY C 155 -12.53 -1.39 -33.44
C GLY C 155 -13.39 -1.90 -34.57
N SER C 156 -14.59 -2.38 -34.27
CA SER C 156 -15.51 -2.82 -35.32
C SER C 156 -16.08 -1.63 -36.09
N LEU C 157 -16.24 -0.48 -35.42
CA LEU C 157 -16.72 0.72 -36.12
C LEU C 157 -15.68 1.20 -37.12
N LEU C 158 -14.40 1.22 -36.74
CA LEU C 158 -13.36 1.61 -37.67
C LEU C 158 -13.21 0.59 -38.80
N LEU C 159 -13.53 -0.68 -38.53
CA LEU C 159 -13.48 -1.70 -39.57
C LEU C 159 -14.54 -1.45 -40.64
N ALA C 160 -15.78 -1.20 -40.21
CA ALA C 160 -16.85 -0.90 -41.15
C ALA C 160 -16.73 0.49 -41.76
N ALA C 161 -15.90 1.36 -41.19
CA ALA C 161 -15.72 2.71 -41.71
C ALA C 161 -14.82 2.76 -42.94
N GLY C 162 -14.29 1.63 -43.38
CA GLY C 162 -13.45 1.61 -44.55
C GLY C 162 -14.21 1.89 -45.83
N THR C 163 -13.45 2.05 -46.90
CA THR C 163 -14.04 2.31 -48.21
C THR C 163 -14.91 1.12 -48.62
N PRO C 164 -16.11 1.35 -49.13
CA PRO C 164 -16.98 0.23 -49.55
C PRO C 164 -16.29 -0.65 -50.58
N GLY C 165 -16.17 -1.93 -50.25
CA GLY C 165 -15.47 -2.88 -51.09
C GLY C 165 -14.01 -3.09 -50.74
N MET C 166 -13.50 -2.44 -49.68
CA MET C 166 -12.11 -2.59 -49.27
C MET C 166 -11.98 -2.97 -47.80
N ARG C 167 -13.00 -3.60 -47.22
CA ARG C 167 -12.98 -4.03 -45.83
C ARG C 167 -12.76 -5.53 -45.78
N HIS C 168 -11.66 -5.95 -45.15
CA HIS C 168 -11.26 -7.35 -45.14
C HIS C 168 -11.12 -7.85 -43.71
N SER C 169 -11.01 -9.17 -43.59
CA SER C 169 -10.83 -9.80 -42.29
C SER C 169 -10.30 -11.22 -42.50
N LEU C 170 -9.44 -11.65 -41.59
CA LEU C 170 -8.84 -12.97 -41.63
C LEU C 170 -9.86 -14.02 -41.18
N PRO C 171 -9.63 -15.29 -41.55
CA PRO C 171 -10.65 -16.32 -41.27
C PRO C 171 -11.01 -16.47 -39.79
N ASN C 172 -10.03 -16.48 -38.90
CA ASN C 172 -10.28 -16.72 -37.48
C ASN C 172 -10.30 -15.43 -36.68
N SER C 173 -10.73 -14.32 -37.29
CA SER C 173 -10.86 -13.06 -36.58
C SER C 173 -12.18 -13.02 -35.83
N ARG C 174 -12.42 -11.93 -35.09
CA ARG C 174 -13.62 -11.82 -34.28
C ARG C 174 -14.06 -10.37 -34.21
N ILE C 175 -15.33 -10.12 -34.53
CA ILE C 175 -15.91 -8.78 -34.54
C ILE C 175 -16.99 -8.72 -33.48
N MET C 176 -16.93 -7.70 -32.63
CA MET C 176 -17.90 -7.50 -31.56
C MET C 176 -18.37 -6.06 -31.56
N ILE C 177 -19.69 -5.89 -31.42
CA ILE C 177 -20.31 -4.56 -31.32
C ILE C 177 -21.14 -4.51 -30.05
N HIS C 178 -21.16 -3.34 -29.41
CA HIS C 178 -21.92 -3.18 -28.18
C HIS C 178 -22.14 -1.69 -27.93
N GLN C 179 -23.23 -1.38 -27.22
CA GLN C 179 -23.54 0.00 -26.91
C GLN C 179 -22.45 0.60 -26.01
N PRO C 180 -22.26 1.91 -26.06
CA PRO C 180 -21.23 2.54 -25.22
C PRO C 180 -21.55 2.45 -23.74
N SER C 181 -20.50 2.45 -22.93
CA SER C 181 -20.61 2.50 -21.48
C SER C 181 -19.93 3.75 -20.96
N GLY C 182 -20.31 4.14 -19.74
CA GLY C 182 -19.74 5.33 -19.15
C GLY C 182 -20.14 5.45 -17.69
N GLY C 183 -19.71 6.56 -17.09
CA GLY C 183 -20.00 6.83 -15.70
C GLY C 183 -20.67 8.18 -15.53
N ALA C 184 -21.12 8.43 -14.30
CA ALA C 184 -21.79 9.67 -13.97
C ALA C 184 -21.81 9.83 -12.45
N ARG C 185 -21.50 11.03 -11.98
CA ARG C 185 -21.54 11.32 -10.54
C ARG C 185 -21.63 12.82 -10.35
N GLY C 186 -22.40 13.23 -9.35
CA GLY C 186 -22.61 14.62 -9.02
C GLY C 186 -24.04 14.85 -8.58
N GLN C 187 -24.46 16.10 -8.64
CA GLN C 187 -25.83 16.44 -8.28
C GLN C 187 -26.80 15.89 -9.33
N ALA C 188 -28.09 15.92 -8.99
CA ALA C 188 -29.11 15.41 -9.90
C ALA C 188 -29.14 16.17 -11.21
N THR C 189 -28.81 17.47 -11.18
CA THR C 189 -28.74 18.25 -12.41
C THR C 189 -27.58 17.77 -13.28
N ASP C 190 -26.43 17.46 -12.67
CA ASP C 190 -25.28 16.99 -13.43
C ASP C 190 -25.47 15.56 -13.93
N ILE C 191 -26.22 14.74 -13.18
CA ILE C 191 -26.47 13.36 -13.61
C ILE C 191 -27.29 13.35 -14.90
N GLU C 192 -28.32 14.20 -14.98
CA GLU C 192 -29.17 14.24 -16.16
C GLU C 192 -28.40 14.73 -17.38
N ILE C 193 -27.50 15.70 -17.19
CA ILE C 193 -26.72 16.24 -18.30
C ILE C 193 -25.81 15.15 -18.87
N GLN C 194 -25.06 14.48 -18.00
CA GLN C 194 -24.13 13.45 -18.45
C GLN C 194 -24.86 12.26 -19.04
N ALA C 195 -26.04 11.92 -18.51
CA ALA C 195 -26.80 10.80 -19.05
C ALA C 195 -27.44 11.17 -20.39
N ARG C 196 -27.88 12.43 -20.55
CA ARG C 196 -28.41 12.87 -21.82
C ARG C 196 -27.32 12.89 -22.90
N GLU C 197 -26.06 13.01 -22.51
CA GLU C 197 -24.97 12.99 -23.49
C GLU C 197 -24.59 11.57 -23.89
N ILE C 198 -24.53 10.65 -22.92
CA ILE C 198 -24.19 9.27 -23.25
C ILE C 198 -25.28 8.62 -24.08
N MET C 199 -26.52 9.11 -24.01
CA MET C 199 -27.57 8.65 -24.92
C MET C 199 -27.40 9.26 -26.30
N LYS C 200 -26.94 10.50 -26.39
CA LYS C 200 -26.65 11.09 -27.69
C LYS C 200 -25.47 10.38 -28.36
N LEU C 201 -24.47 9.99 -27.57
CA LEU C 201 -23.38 9.18 -28.12
C LEU C 201 -23.87 7.81 -28.55
N LYS C 202 -24.82 7.24 -27.79
CA LYS C 202 -25.38 5.94 -28.16
C LYS C 202 -26.13 6.03 -29.49
N LYS C 203 -26.98 7.04 -29.63
CA LYS C 203 -27.72 7.21 -30.89
C LYS C 203 -26.79 7.63 -32.02
N GLN C 204 -25.71 8.33 -31.71
CA GLN C 204 -24.77 8.73 -32.76
C GLN C 204 -24.02 7.53 -33.31
N LEU C 205 -23.58 6.62 -32.44
CA LEU C 205 -22.94 5.40 -32.91
C LEU C 205 -23.91 4.54 -33.71
N TYR C 206 -25.18 4.53 -33.31
CA TYR C 206 -26.17 3.73 -34.02
C TYR C 206 -26.40 4.23 -35.44
N ASN C 207 -26.36 5.56 -35.63
CA ASN C 207 -26.51 6.10 -36.97
C ASN C 207 -25.29 5.81 -37.83
N ILE C 208 -24.10 5.82 -37.22
CA ILE C 208 -22.88 5.54 -37.98
C ILE C 208 -22.83 4.07 -38.39
N TYR C 209 -23.15 3.16 -37.47
CA TYR C 209 -23.19 1.75 -37.80
C TYR C 209 -24.24 1.46 -38.87
N ALA C 210 -25.43 2.05 -38.72
CA ALA C 210 -26.49 1.82 -39.71
C ALA C 210 -26.16 2.45 -41.06
N LYS C 211 -25.30 3.47 -41.08
CA LYS C 211 -24.94 4.11 -42.34
C LYS C 211 -24.03 3.21 -43.18
N HIS C 212 -23.00 2.63 -42.55
CA HIS C 212 -22.01 1.85 -43.29
C HIS C 212 -22.41 0.40 -43.47
N THR C 213 -23.15 -0.18 -42.52
CA THR C 213 -23.64 -1.54 -42.67
C THR C 213 -24.95 -1.60 -43.45
N LYS C 214 -25.54 -0.45 -43.76
CA LYS C 214 -26.81 -0.37 -44.51
C LYS C 214 -27.93 -1.13 -43.81
N GLN C 215 -27.85 -1.24 -42.49
CA GLN C 215 -28.94 -1.80 -41.70
C GLN C 215 -29.84 -0.67 -41.19
N SER C 216 -31.02 -1.05 -40.70
CA SER C 216 -31.92 -0.06 -40.13
C SER C 216 -31.50 0.28 -38.70
N LEU C 217 -31.93 1.45 -38.23
CA LEU C 217 -31.62 1.85 -36.86
C LEU C 217 -32.23 0.89 -35.85
N GLN C 218 -33.35 0.25 -36.19
CA GLN C 218 -33.96 -0.70 -35.27
C GLN C 218 -33.11 -1.95 -35.12
N VAL C 219 -32.46 -2.39 -36.20
CA VAL C 219 -31.58 -3.56 -36.13
C VAL C 219 -30.34 -3.23 -35.32
N ILE C 220 -29.79 -2.02 -35.48
CA ILE C 220 -28.60 -1.64 -34.74
C ILE C 220 -28.91 -1.52 -33.25
N GLU C 221 -30.12 -1.04 -32.92
CA GLU C 221 -30.52 -0.95 -31.52
C GLU C 221 -30.62 -2.33 -30.89
N SER C 222 -31.19 -3.29 -31.61
CA SER C 222 -31.36 -4.63 -31.07
C SER C 222 -30.05 -5.39 -31.01
N ALA C 223 -29.15 -5.16 -31.97
CA ALA C 223 -27.90 -5.92 -32.00
C ALA C 223 -26.93 -5.43 -30.95
N MET C 224 -26.81 -4.11 -30.77
CA MET C 224 -25.85 -3.52 -29.85
C MET C 224 -26.41 -3.33 -28.44
N GLU C 225 -27.59 -3.88 -28.15
CA GLU C 225 -28.13 -3.78 -26.80
C GLU C 225 -27.28 -4.58 -25.81
N ARG C 226 -26.73 -5.72 -26.26
CA ARG C 226 -25.82 -6.54 -25.49
C ARG C 226 -24.55 -6.74 -26.31
N ASP C 227 -23.57 -7.43 -25.73
CA ASP C 227 -22.34 -7.76 -26.45
C ASP C 227 -22.66 -8.73 -27.57
N ARG C 228 -22.46 -8.29 -28.81
CA ARG C 228 -22.81 -9.06 -30.00
C ARG C 228 -21.54 -9.43 -30.73
N TYR C 229 -21.09 -10.67 -30.55
CA TYR C 229 -19.90 -11.17 -31.24
C TYR C 229 -20.31 -11.81 -32.56
N MET C 230 -19.46 -11.64 -33.57
CA MET C 230 -19.74 -12.15 -34.91
C MET C 230 -18.48 -12.77 -35.50
N SER C 231 -18.66 -13.87 -36.22
CA SER C 231 -17.59 -14.45 -37.01
C SER C 231 -17.36 -13.60 -38.26
N PRO C 232 -16.20 -13.73 -38.92
CA PRO C 232 -15.96 -12.94 -40.14
C PRO C 232 -17.04 -13.08 -41.20
N MET C 233 -17.63 -14.27 -41.34
CA MET C 233 -18.72 -14.42 -42.30
C MET C 233 -20.01 -13.80 -41.79
N GLU C 234 -20.25 -13.86 -40.48
CA GLU C 234 -21.43 -13.20 -39.92
C GLU C 234 -21.32 -11.68 -40.00
N ALA C 235 -20.10 -11.15 -39.86
CA ALA C 235 -19.91 -9.70 -39.99
C ALA C 235 -20.09 -9.25 -41.43
N GLN C 236 -19.65 -10.08 -42.39
CA GLN C 236 -19.85 -9.74 -43.80
C GLN C 236 -21.33 -9.72 -44.15
N GLU C 237 -22.09 -10.71 -43.65
CA GLU C 237 -23.53 -10.72 -43.90
C GLU C 237 -24.22 -9.56 -43.20
N PHE C 238 -23.73 -9.16 -42.03
CA PHE C 238 -24.33 -8.04 -41.30
C PHE C 238 -24.06 -6.70 -41.96
N GLY C 239 -22.99 -6.59 -42.73
CA GLY C 239 -22.63 -5.34 -43.38
C GLY C 239 -21.38 -4.68 -42.85
N ILE C 240 -20.72 -5.28 -41.88
CA ILE C 240 -19.49 -4.68 -41.33
C ILE C 240 -18.32 -4.88 -42.27
N LEU C 241 -18.27 -6.01 -42.97
CA LEU C 241 -17.16 -6.35 -43.85
C LEU C 241 -17.59 -6.27 -45.31
N ASP C 242 -16.75 -6.83 -46.18
CA ASP C 242 -17.04 -6.92 -47.61
C ASP C 242 -16.44 -8.21 -48.17
N LYS C 243 -15.24 -8.55 -47.71
CA LYS C 243 -14.52 -9.72 -48.19
C LYS C 243 -13.86 -10.42 -47.01
N VAL C 244 -14.09 -11.73 -46.89
CA VAL C 244 -13.43 -12.57 -45.90
C VAL C 244 -12.29 -13.28 -46.60
N LEU C 245 -11.07 -12.94 -46.22
CA LEU C 245 -9.88 -13.44 -46.92
C LEU C 245 -9.51 -14.84 -46.45
N VAL C 246 -8.74 -15.52 -47.29
CA VAL C 246 -8.15 -16.81 -46.96
C VAL C 246 -6.69 -16.78 -47.38
N HIS C 247 -6.44 -16.18 -48.54
CA HIS C 247 -5.10 -15.94 -49.06
C HIS C 247 -5.15 -14.63 -49.84
N PRO C 248 -3.98 -13.98 -50.06
CA PRO C 248 -4.03 -12.71 -50.79
C PRO C 248 -4.45 -12.86 -52.24
N LEU D 58 19.33 -0.30 -25.96
CA LEU D 58 18.28 -1.06 -25.27
C LEU D 58 18.25 -2.53 -25.72
N ILE D 59 19.03 -3.37 -25.04
CA ILE D 59 19.22 -4.82 -25.26
C ILE D 59 20.46 -4.96 -26.15
N PRO D 60 21.11 -6.13 -26.25
CA PRO D 60 22.39 -6.19 -26.99
C PRO D 60 22.23 -5.88 -28.47
N ILE D 61 23.15 -5.08 -29.00
CA ILE D 61 23.21 -4.78 -30.42
C ILE D 61 24.64 -4.95 -30.92
N TYR D 73 20.78 -1.52 -35.52
CA TYR D 73 20.10 -2.81 -35.38
C TYR D 73 19.97 -3.24 -33.93
N ASP D 74 19.28 -4.36 -33.71
CA ASP D 74 19.29 -5.07 -32.45
C ASP D 74 19.39 -6.56 -32.76
N ILE D 75 19.65 -7.36 -31.72
CA ILE D 75 19.89 -8.79 -31.91
C ILE D 75 18.67 -9.47 -32.51
N TYR D 76 17.48 -8.92 -32.28
CA TYR D 76 16.29 -9.48 -32.91
C TYR D 76 16.09 -8.96 -34.33
N SER D 77 16.40 -7.69 -34.57
CA SER D 77 16.40 -7.18 -35.94
C SER D 77 17.55 -7.76 -36.74
N ARG D 78 18.68 -8.06 -36.09
CA ARG D 78 19.76 -8.77 -36.76
C ARG D 78 19.31 -10.14 -37.21
N LEU D 79 18.54 -10.84 -36.37
CA LEU D 79 17.91 -12.09 -36.81
C LEU D 79 16.78 -11.83 -37.79
N LEU D 80 16.05 -10.73 -37.62
CA LEU D 80 14.99 -10.39 -38.56
C LEU D 80 15.55 -10.10 -39.95
N ARG D 81 16.76 -9.54 -40.03
CA ARG D 81 17.42 -9.38 -41.32
C ARG D 81 17.71 -10.73 -41.96
N GLU D 82 18.02 -11.74 -41.15
CA GLU D 82 18.17 -13.12 -41.62
C GLU D 82 16.84 -13.84 -41.79
N ARG D 83 15.73 -13.10 -41.78
CA ARG D 83 14.38 -13.66 -41.92
C ARG D 83 14.08 -14.64 -40.79
N ILE D 84 14.20 -14.14 -39.57
CA ILE D 84 13.94 -14.92 -38.36
C ILE D 84 13.04 -14.09 -37.44
N VAL D 85 11.89 -14.66 -37.07
CA VAL D 85 10.96 -14.03 -36.15
C VAL D 85 10.96 -14.83 -34.86
N CYS D 86 11.15 -14.14 -33.74
CA CYS D 86 11.22 -14.78 -32.42
C CYS D 86 9.89 -14.58 -31.70
N VAL D 87 9.16 -15.68 -31.50
CA VAL D 87 7.93 -15.66 -30.72
C VAL D 87 8.21 -16.32 -29.38
N MET D 88 8.86 -15.58 -28.48
CA MET D 88 9.29 -16.10 -27.19
C MET D 88 8.69 -15.26 -26.07
N GLY D 89 8.43 -15.91 -24.94
CA GLY D 89 7.77 -15.27 -23.82
C GLY D 89 6.27 -15.31 -23.97
N PRO D 90 5.55 -14.71 -23.02
CA PRO D 90 4.08 -14.70 -23.11
C PRO D 90 3.60 -13.97 -24.35
N ILE D 91 2.47 -14.43 -24.88
CA ILE D 91 1.88 -13.89 -26.10
C ILE D 91 0.64 -13.09 -25.72
N ASP D 92 0.65 -11.81 -26.05
CA ASP D 92 -0.51 -10.95 -25.86
C ASP D 92 -0.75 -10.13 -27.12
N ASP D 93 -1.59 -9.09 -27.02
CA ASP D 93 -1.86 -8.25 -28.19
C ASP D 93 -0.60 -7.52 -28.64
N SER D 94 0.25 -7.12 -27.70
CA SER D 94 1.48 -6.43 -28.06
C SER D 94 2.45 -7.37 -28.78
N VAL D 95 2.61 -8.58 -28.27
CA VAL D 95 3.50 -9.55 -28.91
C VAL D 95 2.93 -9.99 -30.25
N ALA D 96 1.61 -10.19 -30.32
CA ALA D 96 1.00 -10.65 -31.57
C ALA D 96 1.15 -9.60 -32.67
N SER D 97 0.88 -8.33 -32.36
CA SER D 97 0.99 -7.28 -33.36
C SER D 97 2.42 -7.13 -33.86
N LEU D 98 3.41 -7.33 -33.00
CA LEU D 98 4.80 -7.27 -33.44
C LEU D 98 5.14 -8.43 -34.36
N VAL D 99 4.70 -9.64 -34.02
CA VAL D 99 4.97 -10.79 -34.87
C VAL D 99 4.32 -10.62 -36.23
N ILE D 100 3.07 -10.14 -36.24
CA ILE D 100 2.37 -9.91 -37.51
C ILE D 100 3.08 -8.84 -38.32
N ALA D 101 3.58 -7.80 -37.65
CA ALA D 101 4.33 -6.77 -38.35
C ALA D 101 5.63 -7.30 -38.91
N GLN D 102 6.30 -8.19 -38.17
CA GLN D 102 7.54 -8.78 -38.66
C GLN D 102 7.29 -9.78 -39.79
N LEU D 103 6.16 -10.50 -39.73
CA LEU D 103 5.86 -11.46 -40.80
C LEU D 103 5.59 -10.77 -42.12
N LEU D 104 4.98 -9.58 -42.09
CA LEU D 104 4.74 -8.84 -43.32
C LEU D 104 6.01 -8.14 -43.81
N PHE D 105 6.90 -7.76 -42.90
CA PHE D 105 8.19 -7.21 -43.31
C PHE D 105 9.00 -8.24 -44.09
N LEU D 106 8.94 -9.51 -43.66
CA LEU D 106 9.64 -10.57 -44.37
C LEU D 106 8.91 -10.97 -45.65
N GLN D 107 7.59 -10.77 -45.70
CA GLN D 107 6.86 -11.05 -46.93
C GLN D 107 7.07 -9.96 -47.97
N SER D 108 7.15 -8.70 -47.53
CA SER D 108 7.35 -7.60 -48.47
C SER D 108 8.72 -7.68 -49.14
N GLU D 109 9.73 -8.17 -48.42
CA GLU D 109 11.05 -8.33 -49.02
C GLU D 109 11.06 -9.43 -50.07
N SER D 110 10.32 -10.50 -49.84
CA SER D 110 10.25 -11.62 -50.77
C SER D 110 9.06 -12.49 -50.43
N ASN D 111 8.33 -12.93 -51.45
CA ASN D 111 7.22 -13.85 -51.29
C ASN D 111 7.64 -15.31 -51.40
N LYS D 112 8.93 -15.57 -51.67
CA LYS D 112 9.43 -16.92 -51.86
C LYS D 112 10.39 -17.37 -50.77
N LYS D 113 11.24 -16.47 -50.26
CA LYS D 113 12.22 -16.85 -49.26
C LYS D 113 11.51 -17.32 -47.99
N PRO D 114 11.97 -18.41 -47.38
CA PRO D 114 11.27 -18.96 -46.21
C PRO D 114 11.44 -18.06 -44.98
N ILE D 115 10.49 -18.17 -44.07
CA ILE D 115 10.47 -17.42 -42.83
C ILE D 115 10.69 -18.40 -41.68
N HIS D 116 11.68 -18.12 -40.83
CA HIS D 116 11.97 -18.94 -39.68
C HIS D 116 11.32 -18.33 -38.44
N MET D 117 10.61 -19.16 -37.68
CA MET D 117 9.87 -18.72 -36.49
C MET D 117 10.32 -19.58 -35.31
N TYR D 118 11.17 -19.01 -34.46
CA TYR D 118 11.62 -19.67 -33.24
C TYR D 118 10.64 -19.38 -32.12
N ILE D 119 10.12 -20.43 -31.49
CA ILE D 119 9.08 -20.33 -30.49
C ILE D 119 9.64 -20.77 -29.14
N ASN D 120 9.48 -19.92 -28.13
CA ASN D 120 9.79 -20.25 -26.75
C ASN D 120 8.76 -19.55 -25.86
N SER D 121 7.50 -19.94 -26.03
CA SER D 121 6.38 -19.26 -25.39
C SER D 121 5.62 -20.21 -24.47
N PRO D 122 5.27 -19.77 -23.26
CA PRO D 122 4.40 -20.57 -22.39
C PRO D 122 2.92 -20.44 -22.71
N GLY D 123 2.55 -19.64 -23.70
CA GLY D 123 1.16 -19.43 -24.04
C GLY D 123 0.71 -18.00 -23.85
N GLY D 124 -0.60 -17.78 -23.83
CA GLY D 124 -1.11 -16.42 -23.62
C GLY D 124 -2.55 -16.32 -24.08
N VAL D 125 -2.92 -15.12 -24.53
CA VAL D 125 -4.29 -14.86 -24.96
C VAL D 125 -4.59 -15.64 -26.23
N VAL D 126 -5.80 -16.19 -26.30
CA VAL D 126 -6.19 -17.01 -27.45
C VAL D 126 -6.36 -16.15 -28.69
N THR D 127 -7.03 -14.99 -28.54
CA THR D 127 -7.24 -14.12 -29.69
C THR D 127 -5.92 -13.61 -30.25
N ALA D 128 -4.91 -13.43 -29.40
CA ALA D 128 -3.59 -13.06 -29.89
C ALA D 128 -2.91 -14.21 -30.61
N GLY D 129 -3.16 -15.45 -30.17
CA GLY D 129 -2.61 -16.59 -30.85
C GLY D 129 -3.24 -16.86 -32.20
N LEU D 130 -4.54 -16.60 -32.33
CA LEU D 130 -5.21 -16.76 -33.62
C LEU D 130 -4.82 -15.66 -34.59
N ALA D 131 -4.49 -14.47 -34.09
CA ALA D 131 -4.00 -13.41 -34.96
C ALA D 131 -2.69 -13.80 -35.62
N ILE D 132 -1.77 -14.38 -34.85
CA ILE D 132 -0.52 -14.87 -35.42
C ILE D 132 -0.80 -16.06 -36.34
N TYR D 133 -1.74 -16.92 -35.95
CA TYR D 133 -2.06 -18.09 -36.77
C TYR D 133 -2.62 -17.69 -38.12
N ASP D 134 -3.54 -16.72 -38.14
CA ASP D 134 -4.12 -16.29 -39.41
C ASP D 134 -3.07 -15.65 -40.30
N THR D 135 -2.19 -14.82 -39.74
CA THR D 135 -1.13 -14.21 -40.52
C THR D 135 -0.17 -15.26 -41.06
N MET D 136 0.06 -16.33 -40.31
CA MET D 136 0.89 -17.42 -40.81
C MET D 136 0.24 -18.10 -42.01
N GLN D 137 -1.06 -18.38 -41.93
CA GLN D 137 -1.76 -19.03 -43.02
C GLN D 137 -2.08 -18.08 -44.17
N TYR D 138 -2.04 -16.77 -43.93
CA TYR D 138 -2.37 -15.82 -44.99
C TYR D 138 -1.18 -15.60 -45.93
N ILE D 139 0.00 -15.34 -45.37
CA ILE D 139 1.18 -15.08 -46.19
C ILE D 139 1.54 -16.32 -47.00
N LEU D 140 2.23 -16.09 -48.11
CA LEU D 140 2.63 -17.16 -49.03
C LEU D 140 3.98 -17.76 -48.69
N ASN D 141 4.78 -17.11 -47.85
CA ASN D 141 6.11 -17.60 -47.55
C ASN D 141 6.04 -18.87 -46.72
N PRO D 142 6.82 -19.90 -47.06
CA PRO D 142 6.89 -21.09 -46.19
C PRO D 142 7.49 -20.73 -44.85
N ILE D 143 6.83 -21.16 -43.77
CA ILE D 143 7.22 -20.83 -42.41
C ILE D 143 7.80 -22.06 -41.73
N CYS D 144 9.01 -21.91 -41.21
CA CYS D 144 9.68 -22.98 -40.48
C CYS D 144 9.57 -22.68 -38.99
N THR D 145 8.79 -23.49 -38.27
CA THR D 145 8.61 -23.32 -36.84
C THR D 145 9.64 -24.15 -36.09
N TRP D 146 10.28 -23.52 -35.10
CA TRP D 146 11.34 -24.15 -34.32
C TRP D 146 10.96 -24.06 -32.84
N CYS D 147 10.70 -25.22 -32.23
CA CYS D 147 10.36 -25.26 -30.82
C CYS D 147 11.64 -25.23 -29.98
N VAL D 148 11.80 -24.17 -29.19
CA VAL D 148 12.95 -24.00 -28.32
C VAL D 148 12.45 -23.88 -26.89
N GLY D 149 13.04 -24.67 -25.99
CA GLY D 149 12.64 -24.64 -24.61
C GLY D 149 11.25 -25.20 -24.36
N GLN D 150 10.23 -24.44 -24.74
CA GLN D 150 8.85 -24.87 -24.55
C GLN D 150 7.95 -24.19 -25.58
N ALA D 151 6.83 -24.84 -25.86
CA ALA D 151 5.81 -24.29 -26.76
C ALA D 151 4.46 -24.81 -26.26
N ALA D 152 3.87 -24.07 -25.31
CA ALA D 152 2.64 -24.48 -24.65
C ALA D 152 1.49 -23.55 -25.03
N SER D 153 0.28 -24.06 -24.87
CA SER D 153 -0.96 -23.32 -25.13
C SER D 153 -0.95 -22.86 -26.58
N MET D 154 -1.10 -21.56 -26.87
CA MET D 154 -1.07 -21.11 -28.26
C MET D 154 0.31 -21.24 -28.89
N GLY D 155 1.36 -21.36 -28.08
CA GLY D 155 2.68 -21.59 -28.62
C GLY D 155 2.79 -22.91 -29.35
N SER D 156 2.05 -23.93 -28.90
CA SER D 156 2.03 -25.21 -29.60
C SER D 156 1.21 -25.12 -30.89
N LEU D 157 0.17 -24.30 -30.90
CA LEU D 157 -0.62 -24.12 -32.12
C LEU D 157 0.20 -23.45 -33.21
N LEU D 158 0.99 -22.43 -32.85
CA LEU D 158 1.86 -21.79 -33.83
C LEU D 158 2.92 -22.76 -34.34
N LEU D 159 3.40 -23.65 -33.46
CA LEU D 159 4.34 -24.67 -33.88
C LEU D 159 3.71 -25.63 -34.90
N ALA D 160 2.46 -26.02 -34.65
CA ALA D 160 1.74 -26.88 -35.57
C ALA D 160 1.24 -26.14 -36.81
N ALA D 161 1.14 -24.81 -36.73
CA ALA D 161 0.70 -24.01 -37.86
C ALA D 161 1.77 -23.85 -38.94
N GLY D 162 2.97 -24.36 -38.72
CA GLY D 162 4.02 -24.25 -39.70
C GLY D 162 3.73 -25.06 -40.95
N THR D 163 4.52 -24.79 -41.98
CA THR D 163 4.38 -25.51 -43.24
C THR D 163 4.65 -27.00 -43.02
N PRO D 164 3.83 -27.89 -43.56
CA PRO D 164 4.06 -29.33 -43.35
C PRO D 164 5.46 -29.75 -43.79
N GLY D 165 6.16 -30.43 -42.88
CA GLY D 165 7.53 -30.82 -43.12
C GLY D 165 8.56 -29.83 -42.66
N MET D 166 8.15 -28.70 -42.10
CA MET D 166 9.07 -27.65 -41.65
C MET D 166 8.80 -27.26 -40.21
N ARG D 167 8.35 -28.22 -39.39
CA ARG D 167 8.08 -28.00 -37.98
C ARG D 167 9.09 -28.79 -37.17
N HIS D 168 10.05 -28.10 -36.57
CA HIS D 168 11.17 -28.72 -35.88
C HIS D 168 11.05 -28.53 -34.38
N SER D 169 11.94 -29.19 -33.64
CA SER D 169 11.96 -29.09 -32.20
C SER D 169 13.32 -29.58 -31.69
N LEU D 170 13.84 -28.90 -30.68
CA LEU D 170 15.08 -29.28 -30.03
C LEU D 170 14.86 -30.50 -29.14
N PRO D 171 15.93 -31.23 -28.79
CA PRO D 171 15.75 -32.50 -28.07
C PRO D 171 15.00 -32.37 -26.75
N ASN D 172 15.39 -31.43 -25.90
CA ASN D 172 14.84 -31.31 -24.55
C ASN D 172 13.74 -30.26 -24.46
N SER D 173 13.02 -30.02 -25.55
CA SER D 173 11.92 -29.07 -25.53
C SER D 173 10.68 -29.73 -24.92
N ARG D 174 9.61 -28.95 -24.80
CA ARG D 174 8.36 -29.45 -24.25
C ARG D 174 7.19 -28.77 -24.96
N ILE D 175 6.14 -29.54 -25.21
CA ILE D 175 4.94 -29.06 -25.89
C ILE D 175 3.73 -29.43 -25.06
N MET D 176 2.84 -28.45 -24.84
CA MET D 176 1.64 -28.66 -24.05
C MET D 176 0.43 -28.11 -24.81
N ILE D 177 -0.70 -28.79 -24.68
CA ILE D 177 -1.95 -28.37 -25.29
C ILE D 177 -3.06 -28.48 -24.25
N HIS D 178 -4.02 -27.57 -24.33
CA HIS D 178 -5.16 -27.57 -23.41
C HIS D 178 -6.25 -26.68 -23.97
N GLN D 179 -7.47 -26.90 -23.49
CA GLN D 179 -8.60 -26.08 -23.89
C GLN D 179 -8.43 -24.65 -23.39
N PRO D 180 -9.00 -23.67 -24.08
CA PRO D 180 -8.82 -22.28 -23.65
C PRO D 180 -9.54 -21.98 -22.34
N SER D 181 -8.99 -21.02 -21.61
CA SER D 181 -9.58 -20.53 -20.37
C SER D 181 -10.02 -19.08 -20.56
N GLY D 182 -10.86 -18.61 -19.65
CA GLY D 182 -11.34 -17.25 -19.73
C GLY D 182 -12.10 -16.85 -18.49
N GLY D 183 -12.79 -15.72 -18.59
CA GLY D 183 -13.57 -15.22 -17.49
C GLY D 183 -14.88 -14.62 -17.98
N ALA D 184 -15.79 -14.42 -17.04
CA ALA D 184 -17.10 -13.85 -17.34
C ALA D 184 -17.69 -13.27 -16.07
N ARG D 185 -18.22 -12.05 -16.15
CA ARG D 185 -18.86 -11.40 -15.02
C ARG D 185 -19.89 -10.41 -15.54
N GLY D 186 -21.03 -10.36 -14.87
CA GLY D 186 -22.13 -9.49 -15.23
C GLY D 186 -23.45 -10.16 -14.94
N GLN D 187 -24.49 -9.69 -15.62
CA GLN D 187 -25.82 -10.26 -15.45
C GLN D 187 -25.88 -11.66 -16.07
N ALA D 188 -26.99 -12.35 -15.80
CA ALA D 188 -27.16 -13.70 -16.32
C ALA D 188 -27.16 -13.72 -17.84
N THR D 189 -27.67 -12.67 -18.48
CA THR D 189 -27.64 -12.60 -19.93
C THR D 189 -26.22 -12.44 -20.46
N ASP D 190 -25.40 -11.63 -19.77
CA ASP D 190 -24.02 -11.45 -20.19
C ASP D 190 -23.19 -12.70 -19.95
N ILE D 191 -23.48 -13.43 -18.86
CA ILE D 191 -22.73 -14.65 -18.57
C ILE D 191 -22.94 -15.68 -19.67
N GLU D 192 -24.18 -15.81 -20.15
CA GLU D 192 -24.47 -16.78 -21.20
C GLU D 192 -23.80 -16.39 -22.52
N ILE D 193 -23.71 -15.09 -22.80
CA ILE D 193 -23.05 -14.65 -24.04
C ILE D 193 -21.56 -14.93 -23.98
N GLN D 194 -20.93 -14.65 -22.85
CA GLN D 194 -19.49 -14.91 -22.72
C GLN D 194 -19.19 -16.40 -22.74
N ALA D 195 -20.04 -17.21 -22.12
CA ALA D 195 -19.84 -18.66 -22.14
C ALA D 195 -20.09 -19.23 -23.52
N ARG D 196 -21.07 -18.68 -24.24
CA ARG D 196 -21.30 -19.11 -25.63
C ARG D 196 -20.09 -18.81 -26.50
N GLU D 197 -19.35 -17.74 -26.20
CA GLU D 197 -18.19 -17.39 -27.01
C GLU D 197 -16.99 -18.27 -26.69
N ILE D 198 -16.73 -18.53 -25.41
CA ILE D 198 -15.60 -19.37 -25.04
C ILE D 198 -15.80 -20.80 -25.53
N MET D 199 -17.04 -21.22 -25.75
CA MET D 199 -17.27 -22.52 -26.38
C MET D 199 -16.99 -22.47 -27.87
N LYS D 200 -17.35 -21.36 -28.54
CA LYS D 200 -17.01 -21.20 -29.95
C LYS D 200 -15.51 -21.20 -30.15
N LEU D 201 -14.77 -20.54 -29.26
CA LEU D 201 -13.31 -20.57 -29.32
C LEU D 201 -12.77 -21.97 -29.01
N LYS D 202 -13.50 -22.74 -28.19
CA LYS D 202 -13.06 -24.10 -27.89
C LYS D 202 -13.18 -25.01 -29.11
N LYS D 203 -14.31 -24.92 -29.83
CA LYS D 203 -14.45 -25.69 -31.06
C LYS D 203 -13.51 -25.18 -32.14
N GLN D 204 -13.32 -23.86 -32.22
CA GLN D 204 -12.47 -23.27 -33.25
C GLN D 204 -11.02 -23.75 -33.10
N LEU D 205 -10.50 -23.75 -31.87
CA LEU D 205 -9.16 -24.28 -31.64
C LEU D 205 -9.12 -25.78 -31.88
N TYR D 206 -10.20 -26.50 -31.58
CA TYR D 206 -10.22 -27.94 -31.83
C TYR D 206 -10.19 -28.25 -33.32
N ASN D 207 -10.88 -27.44 -34.13
CA ASN D 207 -10.86 -27.66 -35.57
C ASN D 207 -9.50 -27.28 -36.16
N ILE D 208 -8.87 -26.24 -35.63
CA ILE D 208 -7.56 -25.84 -36.13
C ILE D 208 -6.49 -26.87 -35.75
N TYR D 209 -6.52 -27.34 -34.50
CA TYR D 209 -5.58 -28.37 -34.08
C TYR D 209 -5.78 -29.67 -34.87
N ALA D 210 -7.04 -30.06 -35.09
CA ALA D 210 -7.30 -31.28 -35.84
C ALA D 210 -6.94 -31.14 -37.32
N LYS D 211 -6.86 -29.91 -37.83
CA LYS D 211 -6.49 -29.71 -39.22
C LYS D 211 -5.00 -29.94 -39.46
N HIS D 212 -4.16 -29.36 -38.60
CA HIS D 212 -2.72 -29.42 -38.81
C HIS D 212 -2.08 -30.67 -38.22
N THR D 213 -2.69 -31.27 -37.20
CA THR D 213 -2.19 -32.52 -36.64
C THR D 213 -2.74 -33.74 -37.35
N LYS D 214 -3.73 -33.57 -38.23
CA LYS D 214 -4.37 -34.67 -38.96
C LYS D 214 -4.96 -35.72 -38.02
N GLN D 215 -5.34 -35.30 -36.83
CA GLN D 215 -6.01 -36.15 -35.86
C GLN D 215 -7.52 -35.97 -35.95
N SER D 216 -8.24 -36.95 -35.42
CA SER D 216 -9.69 -36.84 -35.38
C SER D 216 -10.11 -35.83 -34.32
N LEU D 217 -11.36 -35.36 -34.43
CA LEU D 217 -11.87 -34.41 -33.45
C LEU D 217 -11.99 -35.03 -32.07
N GLN D 218 -12.29 -36.33 -32.00
CA GLN D 218 -12.42 -37.00 -30.70
C GLN D 218 -11.08 -37.01 -29.96
N VAL D 219 -9.99 -37.27 -30.67
CA VAL D 219 -8.68 -37.29 -30.03
C VAL D 219 -8.29 -35.88 -29.56
N ILE D 220 -8.62 -34.86 -30.37
CA ILE D 220 -8.34 -33.48 -29.98
C ILE D 220 -9.15 -33.11 -28.74
N GLU D 221 -10.40 -33.56 -28.67
CA GLU D 221 -11.25 -33.24 -27.52
C GLU D 221 -10.77 -33.96 -26.27
N SER D 222 -10.32 -35.21 -26.42
CA SER D 222 -9.86 -35.99 -25.27
C SER D 222 -8.49 -35.53 -24.76
N ALA D 223 -7.64 -35.01 -25.65
CA ALA D 223 -6.30 -34.65 -25.21
C ALA D 223 -6.23 -33.24 -24.64
N MET D 224 -7.11 -32.35 -25.09
CA MET D 224 -7.09 -30.96 -24.68
C MET D 224 -8.10 -30.63 -23.59
N GLU D 225 -8.83 -31.63 -23.07
CA GLU D 225 -9.75 -31.37 -21.97
C GLU D 225 -8.99 -30.93 -20.72
N ARG D 226 -7.80 -31.49 -20.51
CA ARG D 226 -6.89 -31.08 -19.45
C ARG D 226 -5.54 -30.77 -20.07
N ASP D 227 -4.61 -30.29 -19.23
CA ASP D 227 -3.27 -30.00 -19.71
C ASP D 227 -2.55 -31.28 -20.10
N ARG D 228 -2.06 -31.33 -21.34
CA ARG D 228 -1.37 -32.49 -21.88
C ARG D 228 0.03 -32.06 -22.31
N TYR D 229 1.03 -32.39 -21.51
CA TYR D 229 2.42 -32.09 -21.82
C TYR D 229 3.03 -33.23 -22.62
N MET D 230 3.82 -32.88 -23.64
CA MET D 230 4.42 -33.85 -24.53
C MET D 230 5.91 -33.57 -24.69
N SER D 231 6.66 -34.61 -25.01
CA SER D 231 8.04 -34.49 -25.42
C SER D 231 8.11 -34.26 -26.92
N PRO D 232 9.26 -33.80 -27.44
CA PRO D 232 9.36 -33.61 -28.90
C PRO D 232 9.04 -34.87 -29.69
N MET D 233 9.44 -36.04 -29.19
CA MET D 233 9.09 -37.29 -29.85
C MET D 233 7.59 -37.53 -29.83
N GLU D 234 6.94 -37.27 -28.70
CA GLU D 234 5.50 -37.48 -28.60
C GLU D 234 4.73 -36.48 -29.45
N ALA D 235 5.19 -35.22 -29.48
CA ALA D 235 4.50 -34.21 -30.29
C ALA D 235 4.65 -34.49 -31.77
N GLN D 236 5.74 -35.13 -32.19
CA GLN D 236 5.90 -35.50 -33.59
C GLN D 236 4.91 -36.60 -33.97
N GLU D 237 4.81 -37.64 -33.14
CA GLU D 237 3.86 -38.71 -33.42
C GLU D 237 2.41 -38.22 -33.33
N PHE D 238 2.15 -37.24 -32.46
CA PHE D 238 0.81 -36.67 -32.36
C PHE D 238 0.46 -35.79 -33.55
N GLY D 239 1.46 -35.26 -34.25
CA GLY D 239 1.23 -34.41 -35.40
C GLY D 239 1.47 -32.94 -35.18
N ILE D 240 2.00 -32.54 -34.03
CA ILE D 240 2.24 -31.11 -33.76
C ILE D 240 3.45 -30.63 -34.53
N LEU D 241 4.55 -31.37 -34.48
CA LEU D 241 5.75 -31.05 -35.23
C LEU D 241 6.12 -32.21 -36.14
N ASP D 242 7.14 -31.99 -36.97
CA ASP D 242 7.52 -32.93 -38.02
C ASP D 242 8.81 -33.67 -37.72
N LYS D 243 9.87 -32.97 -37.35
CA LYS D 243 11.20 -33.56 -37.23
C LYS D 243 11.82 -33.15 -35.89
N VAL D 244 12.20 -34.14 -35.08
CA VAL D 244 12.92 -33.90 -33.85
C VAL D 244 14.40 -33.90 -34.16
N LEU D 245 15.05 -32.76 -33.93
CA LEU D 245 16.45 -32.57 -34.32
C LEU D 245 17.38 -32.81 -33.14
N VAL D 246 18.59 -33.26 -33.45
CA VAL D 246 19.64 -33.45 -32.46
C VAL D 246 20.83 -32.57 -32.85
N HIS D 247 21.52 -32.94 -33.93
CA HIS D 247 22.64 -32.18 -34.45
C HIS D 247 22.50 -32.12 -35.96
N PRO D 248 22.59 -30.93 -36.56
CA PRO D 248 22.48 -30.76 -38.02
C PRO D 248 23.73 -31.23 -38.76
N LEU E 58 23.12 3.76 -19.63
CA LEU E 58 23.94 3.55 -18.44
C LEU E 58 25.21 2.77 -18.77
N ILE E 59 25.00 1.52 -19.21
CA ILE E 59 26.05 0.57 -19.55
C ILE E 59 27.12 1.27 -20.40
N PRO E 60 28.40 1.11 -20.09
CA PRO E 60 29.44 1.81 -20.87
C PRO E 60 29.28 1.52 -22.35
N ILE E 61 29.58 2.54 -23.17
CA ILE E 61 29.37 2.46 -24.60
C ILE E 61 30.01 1.23 -25.21
N TYR E 73 28.98 0.98 -29.75
CA TYR E 73 27.97 0.01 -29.34
C TYR E 73 27.77 0.14 -27.83
N ASP E 74 27.47 -0.97 -27.17
CA ASP E 74 27.56 -1.06 -25.73
C ASP E 74 28.87 -1.79 -25.39
N ILE E 75 28.94 -2.41 -24.22
CA ILE E 75 30.11 -3.20 -23.84
C ILE E 75 29.89 -4.68 -24.10
N TYR E 76 28.69 -5.19 -23.80
CA TYR E 76 28.40 -6.59 -24.08
C TYR E 76 28.39 -6.86 -25.58
N SER E 77 27.96 -5.89 -26.39
CA SER E 77 28.01 -6.06 -27.84
C SER E 77 29.45 -6.11 -28.34
N ARG E 78 30.35 -5.37 -27.68
CA ARG E 78 31.77 -5.42 -28.05
C ARG E 78 32.32 -6.82 -27.84
N LEU E 79 32.06 -7.41 -26.67
CA LEU E 79 32.48 -8.79 -26.43
C LEU E 79 31.82 -9.75 -27.41
N LEU E 80 30.58 -9.47 -27.81
CA LEU E 80 29.94 -10.29 -28.84
C LEU E 80 30.68 -10.20 -30.16
N ARG E 81 31.26 -9.03 -30.46
CA ARG E 81 32.11 -8.92 -31.65
C ARG E 81 33.36 -9.78 -31.53
N GLU E 82 33.84 -9.99 -30.31
CA GLU E 82 34.91 -10.94 -30.03
C GLU E 82 34.38 -12.36 -29.83
N ARG E 83 33.12 -12.61 -30.18
CA ARG E 83 32.48 -13.93 -30.02
C ARG E 83 32.45 -14.35 -28.56
N ILE E 84 31.89 -13.49 -27.73
CA ILE E 84 31.75 -13.74 -26.29
C ILE E 84 30.29 -13.53 -25.92
N VAL E 85 29.67 -14.57 -25.36
CA VAL E 85 28.29 -14.52 -24.87
C VAL E 85 28.32 -14.51 -23.35
N CYS E 86 27.63 -13.54 -22.75
CA CYS E 86 27.63 -13.37 -21.30
C CYS E 86 26.30 -13.83 -20.74
N VAL E 87 26.34 -14.84 -19.87
CA VAL E 87 25.16 -15.30 -19.16
C VAL E 87 25.26 -14.83 -17.71
N MET E 88 24.87 -13.58 -17.47
CA MET E 88 25.01 -12.95 -16.16
C MET E 88 23.65 -12.82 -15.49
N GLY E 89 23.62 -13.04 -14.19
CA GLY E 89 22.40 -12.89 -13.42
C GLY E 89 21.45 -14.06 -13.57
N PRO E 90 20.23 -13.91 -13.09
CA PRO E 90 19.25 -14.99 -13.19
C PRO E 90 18.91 -15.31 -14.64
N ILE E 91 18.35 -16.50 -14.84
CA ILE E 91 18.02 -17.01 -16.16
C ILE E 91 16.51 -17.18 -16.25
N ASP E 92 15.89 -16.47 -17.19
CA ASP E 92 14.46 -16.61 -17.44
C ASP E 92 14.20 -16.71 -18.94
N ASP E 93 12.93 -16.57 -19.35
CA ASP E 93 12.63 -16.62 -20.77
C ASP E 93 13.24 -15.44 -21.53
N SER E 94 13.40 -14.30 -20.86
CA SER E 94 14.02 -13.15 -21.52
C SER E 94 15.53 -13.33 -21.67
N VAL E 95 16.18 -13.88 -20.65
CA VAL E 95 17.62 -14.12 -20.73
C VAL E 95 17.91 -15.26 -21.71
N ALA E 96 17.11 -16.32 -21.67
CA ALA E 96 17.31 -17.44 -22.59
C ALA E 96 17.12 -16.99 -24.04
N SER E 97 16.16 -16.11 -24.29
CA SER E 97 15.93 -15.63 -25.64
C SER E 97 17.11 -14.81 -26.15
N LEU E 98 17.73 -14.01 -25.27
CA LEU E 98 18.88 -13.21 -25.68
C LEU E 98 20.09 -14.08 -25.94
N VAL E 99 20.33 -15.08 -25.08
CA VAL E 99 21.48 -15.96 -25.28
C VAL E 99 21.33 -16.78 -26.56
N ILE E 100 20.13 -17.31 -26.79
CA ILE E 100 19.89 -18.11 -27.99
C ILE E 100 20.00 -17.23 -29.24
N ALA E 101 19.54 -15.98 -29.14
CA ALA E 101 19.68 -15.06 -30.28
C ALA E 101 21.14 -14.75 -30.56
N GLN E 102 21.95 -14.60 -29.51
CA GLN E 102 23.38 -14.34 -29.71
C GLN E 102 24.09 -15.58 -30.25
N LEU E 103 23.70 -16.77 -29.78
CA LEU E 103 24.33 -17.99 -30.28
C LEU E 103 24.00 -18.22 -31.75
N LEU E 104 22.76 -17.94 -32.15
CA LEU E 104 22.39 -18.09 -33.55
C LEU E 104 23.06 -17.02 -34.42
N PHE E 105 23.27 -15.82 -33.86
CA PHE E 105 23.97 -14.78 -34.60
C PHE E 105 25.44 -15.13 -34.79
N LEU E 106 26.08 -15.70 -33.77
CA LEU E 106 27.48 -16.06 -33.89
C LEU E 106 27.66 -17.27 -34.81
N GLN E 107 26.66 -18.14 -34.90
CA GLN E 107 26.74 -19.25 -35.85
C GLN E 107 26.53 -18.78 -37.28
N SER E 108 25.68 -17.76 -37.47
CA SER E 108 25.46 -17.21 -38.81
C SER E 108 26.73 -16.56 -39.35
N GLU E 109 27.59 -16.05 -38.46
CA GLU E 109 28.88 -15.53 -38.89
C GLU E 109 29.76 -16.65 -39.44
N SER E 110 29.92 -17.72 -38.66
CA SER E 110 30.74 -18.85 -39.07
C SER E 110 30.22 -20.11 -38.38
N ASN E 111 30.30 -21.23 -39.08
CA ASN E 111 29.78 -22.50 -38.58
C ASN E 111 30.84 -23.35 -37.90
N LYS E 112 32.01 -22.79 -37.61
CA LYS E 112 33.07 -23.57 -36.99
C LYS E 112 33.91 -22.73 -36.04
N LYS E 113 33.81 -21.41 -36.14
CA LYS E 113 34.55 -20.55 -35.22
C LYS E 113 34.07 -20.78 -33.79
N PRO E 114 34.98 -20.83 -32.83
CA PRO E 114 34.58 -21.11 -31.44
C PRO E 114 33.79 -19.96 -30.84
N ILE E 115 32.83 -20.33 -29.98
CA ILE E 115 32.00 -19.37 -29.27
C ILE E 115 32.32 -19.46 -27.79
N HIS E 116 32.61 -18.32 -27.17
CA HIS E 116 32.92 -18.25 -25.74
C HIS E 116 31.69 -17.82 -24.97
N MET E 117 31.45 -18.50 -23.85
CA MET E 117 30.28 -18.26 -23.01
C MET E 117 30.72 -18.15 -21.57
N TYR E 118 30.62 -16.95 -21.00
CA TYR E 118 30.98 -16.70 -19.61
C TYR E 118 29.73 -16.78 -18.74
N ILE E 119 29.82 -17.52 -17.65
CA ILE E 119 28.67 -17.80 -16.78
C ILE E 119 28.91 -17.16 -15.42
N ASN E 120 27.91 -16.44 -14.92
CA ASN E 120 27.87 -15.87 -13.58
C ASN E 120 26.40 -15.79 -13.17
N SER E 121 25.76 -16.95 -13.05
CA SER E 121 24.33 -17.03 -12.84
C SER E 121 24.02 -17.79 -11.56
N PRO E 122 23.09 -17.29 -10.74
CA PRO E 122 22.65 -18.05 -9.56
C PRO E 122 21.56 -19.07 -9.87
N GLY E 123 21.19 -19.23 -11.14
CA GLY E 123 20.14 -20.16 -11.51
C GLY E 123 18.94 -19.45 -12.13
N GLY E 124 17.82 -20.15 -12.19
CA GLY E 124 16.61 -19.55 -12.74
C GLY E 124 15.63 -20.63 -13.19
N VAL E 125 14.80 -20.26 -14.16
CA VAL E 125 13.80 -21.18 -14.67
C VAL E 125 14.47 -22.36 -15.35
N VAL E 126 13.95 -23.56 -15.08
CA VAL E 126 14.55 -24.77 -15.64
C VAL E 126 14.29 -24.86 -17.13
N THR E 127 13.07 -24.52 -17.57
CA THR E 127 12.74 -24.59 -18.99
C THR E 127 13.58 -23.60 -19.79
N ALA E 128 13.92 -22.46 -19.19
CA ALA E 128 14.80 -21.51 -19.88
C ALA E 128 16.23 -22.04 -19.97
N GLY E 129 16.68 -22.76 -18.94
CA GLY E 129 18.01 -23.35 -18.99
C GLY E 129 18.11 -24.45 -20.02
N LEU E 130 17.05 -25.27 -20.15
CA LEU E 130 17.04 -26.29 -21.18
C LEU E 130 16.97 -25.70 -22.57
N ALA E 131 16.39 -24.50 -22.70
CA ALA E 131 16.39 -23.82 -23.99
C ALA E 131 17.80 -23.43 -24.41
N ILE E 132 18.61 -22.97 -23.46
CA ILE E 132 20.00 -22.62 -23.77
C ILE E 132 20.81 -23.88 -24.01
N TYR E 133 20.55 -24.94 -23.24
CA TYR E 133 21.31 -26.18 -23.38
C TYR E 133 21.15 -26.77 -24.77
N ASP E 134 19.90 -26.86 -25.26
CA ASP E 134 19.66 -27.44 -26.56
C ASP E 134 20.28 -26.58 -27.67
N THR E 135 20.22 -25.26 -27.53
CA THR E 135 20.84 -24.39 -28.52
C THR E 135 22.35 -24.53 -28.53
N MET E 136 22.95 -24.73 -27.36
CA MET E 136 24.39 -24.93 -27.29
C MET E 136 24.82 -26.20 -28.03
N GLN E 137 24.07 -27.28 -27.84
CA GLN E 137 24.43 -28.54 -28.49
C GLN E 137 24.10 -28.53 -29.98
N TYR E 138 23.03 -27.83 -30.37
CA TYR E 138 22.60 -27.86 -31.77
C TYR E 138 23.59 -27.14 -32.67
N ILE E 139 24.08 -25.97 -32.24
CA ILE E 139 25.00 -25.20 -33.08
C ILE E 139 26.31 -25.96 -33.24
N LEU E 140 26.90 -25.88 -34.43
CA LEU E 140 28.11 -26.63 -34.74
C LEU E 140 29.34 -26.07 -34.03
N ASN E 141 29.32 -24.80 -33.66
CA ASN E 141 30.52 -24.16 -33.12
C ASN E 141 30.88 -24.77 -31.77
N PRO E 142 32.17 -24.91 -31.47
CA PRO E 142 32.57 -25.37 -30.14
C PRO E 142 32.36 -24.27 -29.10
N ILE E 143 31.70 -24.63 -28.00
CA ILE E 143 31.38 -23.69 -26.93
C ILE E 143 32.45 -23.77 -25.85
N CYS E 144 33.03 -22.64 -25.49
CA CYS E 144 34.00 -22.53 -24.41
C CYS E 144 33.30 -21.88 -23.21
N THR E 145 33.01 -22.68 -22.19
CA THR E 145 32.31 -22.18 -21.01
C THR E 145 33.30 -21.76 -19.95
N TRP E 146 33.09 -20.57 -19.39
CA TRP E 146 33.96 -20.00 -18.36
C TRP E 146 33.10 -19.63 -17.16
N CYS E 147 33.35 -20.28 -16.03
CA CYS E 147 32.62 -20.00 -14.81
C CYS E 147 33.28 -18.84 -14.07
N VAL E 148 32.54 -17.75 -13.89
CA VAL E 148 33.01 -16.57 -13.18
C VAL E 148 32.12 -16.33 -11.98
N GLY E 149 32.71 -16.18 -10.80
CA GLY E 149 31.96 -15.94 -9.60
C GLY E 149 31.20 -17.16 -9.11
N GLN E 150 30.13 -17.52 -9.80
CA GLN E 150 29.34 -18.69 -9.43
C GLN E 150 28.57 -19.18 -10.66
N ALA E 151 28.22 -20.47 -10.62
CA ALA E 151 27.40 -21.11 -11.65
C ALA E 151 26.53 -22.15 -10.93
N ALA E 152 25.40 -21.70 -10.39
CA ALA E 152 24.52 -22.53 -9.58
C ALA E 152 23.24 -22.85 -10.35
N SER E 153 22.60 -23.95 -9.95
CA SER E 153 21.34 -24.41 -10.51
C SER E 153 21.53 -24.62 -12.00
N MET E 154 20.78 -23.95 -12.88
CA MET E 154 20.97 -24.12 -14.31
C MET E 154 22.30 -23.55 -14.79
N GLY E 155 22.92 -22.65 -14.02
CA GLY E 155 24.22 -22.14 -14.39
C GLY E 155 25.30 -23.20 -14.41
N SER E 156 25.21 -24.19 -13.52
CA SER E 156 26.13 -25.31 -13.56
C SER E 156 25.87 -26.21 -14.76
N LEU E 157 24.61 -26.33 -15.17
CA LEU E 157 24.29 -27.13 -16.34
C LEU E 157 24.89 -26.51 -17.60
N LEU E 158 24.76 -25.20 -17.77
CA LEU E 158 25.38 -24.53 -18.90
C LEU E 158 26.90 -24.59 -18.84
N LEU E 159 27.46 -24.56 -17.63
CA LEU E 159 28.91 -24.72 -17.48
C LEU E 159 29.35 -26.12 -17.88
N ALA E 160 28.57 -27.14 -17.51
CA ALA E 160 28.90 -28.52 -17.87
C ALA E 160 28.51 -28.86 -19.30
N ALA E 161 27.67 -28.05 -19.93
CA ALA E 161 27.24 -28.29 -21.30
C ALA E 161 28.26 -27.85 -22.34
N GLY E 162 29.40 -27.31 -21.92
CA GLY E 162 30.40 -26.89 -22.85
C GLY E 162 31.05 -28.05 -23.58
N THR E 163 31.81 -27.71 -24.61
CA THR E 163 32.53 -28.70 -25.39
C THR E 163 33.53 -29.41 -24.48
N PRO E 164 33.62 -30.74 -24.52
CA PRO E 164 34.58 -31.46 -23.68
C PRO E 164 36.00 -30.95 -23.91
N GLY E 165 36.69 -30.65 -22.81
CA GLY E 165 38.00 -30.04 -22.87
C GLY E 165 38.00 -28.53 -22.96
N MET E 166 36.83 -27.90 -22.98
CA MET E 166 36.72 -26.44 -23.10
C MET E 166 35.82 -25.87 -22.02
N ARG E 167 35.79 -26.51 -20.85
CA ARG E 167 34.96 -26.07 -19.73
C ARG E 167 35.89 -25.63 -18.62
N HIS E 168 36.01 -24.31 -18.44
CA HIS E 168 36.96 -23.73 -17.50
C HIS E 168 36.21 -23.04 -16.36
N SER E 169 36.96 -22.70 -15.31
CA SER E 169 36.41 -22.00 -14.17
C SER E 169 37.53 -21.25 -13.46
N LEU E 170 37.17 -20.12 -12.86
CA LEU E 170 38.12 -19.32 -12.10
C LEU E 170 38.42 -19.98 -10.76
N PRO E 171 39.58 -19.65 -10.15
CA PRO E 171 39.97 -20.36 -8.93
C PRO E 171 38.97 -20.25 -7.78
N ASN E 172 38.41 -19.06 -7.55
CA ASN E 172 37.53 -18.83 -6.41
C ASN E 172 36.06 -18.85 -6.80
N SER E 173 35.71 -19.46 -7.92
CA SER E 173 34.31 -19.60 -8.30
C SER E 173 33.67 -20.73 -7.49
N ARG E 174 32.38 -20.96 -7.70
CA ARG E 174 31.67 -22.00 -6.98
C ARG E 174 30.57 -22.55 -7.86
N ILE E 175 30.34 -23.87 -7.76
CA ILE E 175 29.38 -24.58 -8.58
C ILE E 175 28.39 -25.28 -7.65
N MET E 176 27.10 -25.16 -7.96
CA MET E 176 26.05 -25.80 -7.18
C MET E 176 25.12 -26.57 -8.10
N ILE E 177 24.74 -27.77 -7.67
CA ILE E 177 23.80 -28.62 -8.39
C ILE E 177 22.69 -29.03 -7.44
N HIS E 178 21.45 -29.04 -7.94
CA HIS E 178 20.31 -29.41 -7.13
C HIS E 178 19.15 -29.80 -8.04
N GLN E 179 18.26 -30.65 -7.52
CA GLN E 179 17.10 -31.07 -8.28
C GLN E 179 16.17 -29.88 -8.54
N PRO E 180 15.38 -29.93 -9.60
CA PRO E 180 14.51 -28.79 -9.91
C PRO E 180 13.41 -28.61 -8.87
N SER E 181 13.07 -27.36 -8.62
CA SER E 181 11.97 -26.99 -7.73
C SER E 181 10.92 -26.22 -8.52
N GLY E 182 9.67 -26.45 -8.19
CA GLY E 182 8.56 -25.80 -8.87
C GLY E 182 7.35 -25.70 -7.97
N GLY E 183 6.18 -25.68 -8.59
CA GLY E 183 4.93 -25.58 -7.86
C GLY E 183 3.78 -26.19 -8.63
N ALA E 184 2.67 -26.37 -7.93
CA ALA E 184 1.47 -26.94 -8.53
C ALA E 184 0.25 -26.43 -7.79
N ARG E 185 -0.79 -26.08 -8.54
CA ARG E 185 -2.03 -25.56 -7.98
C ARG E 185 -3.20 -26.08 -8.79
N GLY E 186 -4.38 -26.06 -8.18
CA GLY E 186 -5.59 -26.52 -8.84
C GLY E 186 -6.21 -27.73 -8.18
N GLN E 187 -7.09 -28.43 -8.90
CA GLN E 187 -7.73 -29.62 -8.37
C GLN E 187 -6.76 -30.80 -8.41
N ALA E 188 -7.21 -31.92 -7.83
CA ALA E 188 -6.34 -33.08 -7.66
C ALA E 188 -5.86 -33.62 -9.00
N THR E 189 -6.72 -33.58 -10.02
CA THR E 189 -6.31 -34.05 -11.34
C THR E 189 -5.24 -33.15 -11.95
N ASP E 190 -5.38 -31.84 -11.77
CA ASP E 190 -4.37 -30.91 -12.29
C ASP E 190 -3.08 -30.98 -11.47
N ILE E 191 -3.19 -31.23 -10.16
CA ILE E 191 -2.00 -31.40 -9.33
C ILE E 191 -1.21 -32.61 -9.79
N GLU E 192 -1.90 -33.70 -10.12
CA GLU E 192 -1.21 -34.92 -10.53
C GLU E 192 -0.54 -34.74 -11.89
N ILE E 193 -1.17 -33.98 -12.79
CA ILE E 193 -0.59 -33.75 -14.11
C ILE E 193 0.70 -32.94 -13.98
N GLN E 194 0.66 -31.83 -13.25
CA GLN E 194 1.84 -30.99 -13.11
C GLN E 194 2.93 -31.68 -12.30
N ALA E 195 2.55 -32.60 -11.40
CA ALA E 195 3.55 -33.32 -10.63
C ALA E 195 4.31 -34.33 -11.47
N ARG E 196 3.67 -34.89 -12.50
CA ARG E 196 4.35 -35.82 -13.38
C ARG E 196 5.44 -35.11 -14.20
N GLU E 197 5.11 -33.95 -14.77
CA GLU E 197 6.05 -33.26 -15.64
C GLU E 197 7.27 -32.76 -14.86
N ILE E 198 7.10 -32.43 -13.58
CA ILE E 198 8.23 -32.03 -12.77
C ILE E 198 9.13 -33.23 -12.49
N MET E 199 8.53 -34.40 -12.27
CA MET E 199 9.33 -35.62 -12.14
C MET E 199 10.05 -35.94 -13.43
N LYS E 200 9.39 -35.71 -14.58
CA LYS E 200 10.04 -35.92 -15.86
C LYS E 200 11.21 -34.97 -16.07
N LEU E 201 11.05 -33.71 -15.64
CA LEU E 201 12.16 -32.77 -15.72
C LEU E 201 13.30 -33.20 -14.81
N LYS E 202 12.99 -33.78 -13.66
CA LYS E 202 14.02 -34.24 -12.75
C LYS E 202 14.86 -35.34 -13.39
N LYS E 203 14.19 -36.33 -14.01
CA LYS E 203 14.92 -37.37 -14.73
C LYS E 203 15.60 -36.82 -15.96
N GLN E 204 14.99 -35.82 -16.62
CA GLN E 204 15.59 -35.22 -17.80
C GLN E 204 16.88 -34.49 -17.45
N LEU E 205 16.85 -33.70 -16.37
CA LEU E 205 18.07 -33.05 -15.91
C LEU E 205 19.11 -34.06 -15.44
N TYR E 206 18.66 -35.11 -14.77
CA TYR E 206 19.59 -36.15 -14.30
C TYR E 206 20.25 -36.85 -15.47
N ASN E 207 19.51 -37.07 -16.56
CA ASN E 207 20.11 -37.69 -17.74
C ASN E 207 21.06 -36.72 -18.44
N ILE E 208 20.73 -35.43 -18.46
CA ILE E 208 21.61 -34.46 -19.08
C ILE E 208 22.89 -34.31 -18.28
N TYR E 209 22.78 -34.26 -16.94
CA TYR E 209 23.98 -34.15 -16.10
C TYR E 209 24.84 -35.40 -16.21
N ALA E 210 24.23 -36.59 -16.14
CA ALA E 210 24.99 -37.82 -16.17
C ALA E 210 25.71 -38.01 -17.51
N LYS E 211 25.17 -37.42 -18.59
CA LYS E 211 25.81 -37.52 -19.89
C LYS E 211 27.11 -36.73 -19.92
N HIS E 212 27.05 -35.45 -19.57
CA HIS E 212 28.22 -34.58 -19.69
C HIS E 212 29.21 -34.78 -18.55
N THR E 213 28.74 -35.13 -17.36
CA THR E 213 29.63 -35.40 -16.23
C THR E 213 30.22 -36.81 -16.26
N LYS E 214 29.72 -37.68 -17.13
CA LYS E 214 30.18 -39.07 -17.24
C LYS E 214 30.07 -39.81 -15.92
N GLN E 215 29.07 -39.46 -15.12
CA GLN E 215 28.80 -40.13 -13.86
C GLN E 215 27.61 -41.07 -14.00
N SER E 216 27.45 -41.96 -13.02
CA SER E 216 26.32 -42.87 -13.02
C SER E 216 25.05 -42.14 -12.60
N LEU E 217 23.90 -42.74 -12.93
CA LEU E 217 22.63 -42.14 -12.56
C LEU E 217 22.46 -42.09 -11.05
N GLN E 218 22.93 -43.12 -10.35
CA GLN E 218 22.82 -43.14 -8.89
C GLN E 218 23.60 -42.00 -8.26
N VAL E 219 24.79 -41.69 -8.81
CA VAL E 219 25.60 -40.60 -8.28
C VAL E 219 24.88 -39.27 -8.48
N ILE E 220 24.27 -39.07 -9.64
CA ILE E 220 23.54 -37.83 -9.91
C ILE E 220 22.34 -37.70 -8.98
N GLU E 221 21.66 -38.83 -8.71
CA GLU E 221 20.50 -38.79 -7.82
C GLU E 221 20.90 -38.46 -6.40
N SER E 222 21.95 -39.12 -5.88
CA SER E 222 22.40 -38.85 -4.53
C SER E 222 23.05 -37.49 -4.39
N ALA E 223 23.54 -36.90 -5.48
CA ALA E 223 24.20 -35.60 -5.37
C ALA E 223 23.21 -34.46 -5.46
N MET E 224 22.21 -34.57 -6.33
CA MET E 224 21.24 -33.51 -6.55
C MET E 224 19.98 -33.66 -5.71
N GLU E 225 19.95 -34.64 -4.79
CA GLU E 225 18.81 -34.77 -3.89
C GLU E 225 18.69 -33.54 -2.99
N ARG E 226 19.81 -33.07 -2.47
CA ARG E 226 19.89 -31.82 -1.73
C ARG E 226 20.82 -30.86 -2.48
N ASP E 227 20.89 -29.63 -1.98
CA ASP E 227 21.81 -28.65 -2.56
C ASP E 227 23.25 -29.08 -2.31
N ARG E 228 24.05 -29.15 -3.36
CA ARG E 228 25.45 -29.56 -3.29
C ARG E 228 26.32 -28.47 -3.89
N TYR E 229 27.11 -27.82 -3.06
CA TYR E 229 28.08 -26.82 -3.50
C TYR E 229 29.45 -27.46 -3.67
N MET E 230 30.17 -27.06 -4.71
CA MET E 230 31.47 -27.63 -5.02
C MET E 230 32.46 -26.54 -5.39
N SER E 231 33.71 -26.73 -4.99
CA SER E 231 34.78 -25.86 -5.44
C SER E 231 35.12 -26.19 -6.89
N PRO E 232 35.86 -25.30 -7.58
CA PRO E 232 36.24 -25.59 -8.97
C PRO E 232 36.96 -26.92 -9.14
N MET E 233 37.75 -27.34 -8.16
CA MET E 233 38.40 -28.64 -8.25
C MET E 233 37.42 -29.78 -7.99
N GLU E 234 36.49 -29.59 -7.06
CA GLU E 234 35.50 -30.63 -6.78
C GLU E 234 34.56 -30.81 -7.97
N ALA E 235 34.23 -29.73 -8.67
CA ALA E 235 33.40 -29.86 -9.87
C ALA E 235 34.18 -30.46 -11.03
N GLN E 236 35.49 -30.23 -11.07
CA GLN E 236 36.31 -30.86 -12.11
C GLN E 236 36.39 -32.37 -11.89
N GLU E 237 36.55 -32.79 -10.64
CA GLU E 237 36.54 -34.22 -10.33
C GLU E 237 35.18 -34.83 -10.60
N PHE E 238 34.10 -34.09 -10.30
CA PHE E 238 32.76 -34.61 -10.54
C PHE E 238 32.47 -34.74 -12.03
N GLY E 239 32.97 -33.80 -12.84
CA GLY E 239 32.80 -33.87 -14.27
C GLY E 239 32.09 -32.68 -14.86
N ILE E 240 31.90 -31.62 -14.07
CA ILE E 240 31.23 -30.42 -14.58
C ILE E 240 32.17 -29.64 -15.49
N LEU E 241 33.35 -29.30 -14.99
CA LEU E 241 34.33 -28.52 -15.74
C LEU E 241 35.56 -29.38 -16.02
N ASP E 242 36.45 -28.84 -16.86
CA ASP E 242 37.65 -29.54 -17.28
C ASP E 242 38.93 -28.94 -16.72
N LYS E 243 39.07 -27.62 -16.75
CA LYS E 243 40.32 -26.97 -16.36
C LYS E 243 40.05 -25.89 -15.32
N VAL E 244 40.91 -25.84 -14.30
CA VAL E 244 40.85 -24.82 -13.27
C VAL E 244 42.03 -23.88 -13.49
N LEU E 245 41.74 -22.64 -13.87
CA LEU E 245 42.78 -21.66 -14.09
C LEU E 245 43.40 -21.23 -12.76
N VAL E 246 44.47 -20.44 -12.84
CA VAL E 246 45.22 -20.05 -11.66
C VAL E 246 46.07 -18.82 -11.96
N HIS E 247 46.75 -18.29 -10.93
CA HIS E 247 47.63 -17.14 -10.96
C HIS E 247 48.57 -17.17 -12.18
N PRO E 248 48.40 -16.26 -13.14
CA PRO E 248 49.24 -16.15 -14.33
C PRO E 248 50.67 -15.70 -13.99
N LEU F 58 23.52 14.31 -15.13
CA LEU F 58 23.20 12.94 -14.75
C LEU F 58 24.10 11.96 -15.49
N ILE F 59 24.22 12.14 -16.80
CA ILE F 59 25.19 11.41 -17.62
C ILE F 59 25.76 12.37 -18.66
N PRO F 60 26.87 13.05 -18.39
CA PRO F 60 27.37 14.04 -19.36
C PRO F 60 28.03 13.38 -20.56
N ILE F 61 28.03 14.12 -21.68
CA ILE F 61 28.61 13.66 -22.93
C ILE F 61 29.79 14.55 -23.28
N VAL F 62 30.87 13.92 -23.73
CA VAL F 62 32.07 14.65 -24.17
C VAL F 62 32.62 14.05 -25.45
N TYR F 73 29.26 8.89 -25.79
CA TYR F 73 30.44 8.98 -24.94
C TYR F 73 30.08 9.41 -23.52
N ASP F 74 29.53 8.50 -22.72
CA ASP F 74 29.29 8.84 -21.33
C ASP F 74 30.62 9.02 -20.60
N ILE F 75 30.57 9.79 -19.51
CA ILE F 75 31.78 10.20 -18.82
C ILE F 75 32.59 9.02 -18.31
N TYR F 76 31.96 7.86 -18.15
CA TYR F 76 32.69 6.67 -17.69
C TYR F 76 33.41 5.95 -18.80
N SER F 77 33.03 6.18 -20.07
CA SER F 77 33.74 5.55 -21.17
C SER F 77 34.96 6.36 -21.58
N ARG F 78 34.87 7.69 -21.52
CA ARG F 78 36.02 8.53 -21.82
C ARG F 78 37.17 8.22 -20.89
N LEU F 79 36.87 7.92 -19.62
CA LEU F 79 37.89 7.41 -18.72
C LEU F 79 38.27 5.98 -19.08
N LEU F 80 37.29 5.17 -19.48
CA LEU F 80 37.58 3.81 -19.93
C LEU F 80 38.47 3.79 -21.15
N ARG F 81 38.33 4.79 -22.03
CA ARG F 81 39.24 4.91 -23.16
C ARG F 81 40.67 5.16 -22.69
N GLU F 82 40.83 5.83 -21.55
CA GLU F 82 42.12 5.98 -20.89
C GLU F 82 42.47 4.77 -20.01
N ARG F 83 41.78 3.65 -20.20
CA ARG F 83 41.98 2.42 -19.43
C ARG F 83 41.72 2.67 -17.93
N ILE F 84 40.49 3.10 -17.63
CA ILE F 84 40.05 3.36 -16.27
C ILE F 84 38.72 2.66 -16.07
N VAL F 85 38.65 1.76 -15.08
CA VAL F 85 37.43 1.05 -14.73
C VAL F 85 36.94 1.58 -13.40
N CYS F 86 35.70 2.06 -13.37
CA CYS F 86 35.12 2.65 -12.17
C CYS F 86 34.24 1.62 -11.46
N VAL F 87 34.48 1.44 -10.16
CA VAL F 87 33.68 0.56 -9.32
C VAL F 87 33.01 1.45 -8.28
N MET F 88 31.78 1.87 -8.57
CA MET F 88 31.05 2.79 -7.71
C MET F 88 29.81 2.10 -7.13
N GLY F 89 29.37 2.58 -5.98
CA GLY F 89 28.16 2.09 -5.36
C GLY F 89 28.27 0.66 -4.88
N PRO F 90 27.15 0.08 -4.43
CA PRO F 90 27.17 -1.31 -3.97
C PRO F 90 27.54 -2.27 -5.09
N ILE F 91 28.15 -3.38 -4.71
CA ILE F 91 28.64 -4.39 -5.65
C ILE F 91 27.65 -5.53 -5.68
N ASP F 92 27.05 -5.76 -6.85
CA ASP F 92 26.16 -6.90 -7.06
C ASP F 92 26.51 -7.61 -8.35
N ASP F 93 25.65 -8.53 -8.79
CA ASP F 93 25.91 -9.23 -10.05
C ASP F 93 25.92 -8.27 -11.23
N SER F 94 25.13 -7.19 -11.16
CA SER F 94 25.13 -6.20 -12.23
C SER F 94 26.45 -5.46 -12.29
N VAL F 95 26.92 -4.96 -11.14
CA VAL F 95 28.18 -4.23 -11.10
C VAL F 95 29.36 -5.15 -11.40
N ALA F 96 29.32 -6.38 -10.85
CA ALA F 96 30.43 -7.31 -11.07
C ALA F 96 30.57 -7.67 -12.55
N SER F 97 29.45 -7.95 -13.22
CA SER F 97 29.51 -8.31 -14.63
C SER F 97 30.01 -7.16 -15.49
N LEU F 98 29.71 -5.91 -15.10
CA LEU F 98 30.20 -4.77 -15.87
C LEU F 98 31.69 -4.58 -15.68
N VAL F 99 32.19 -4.73 -14.45
CA VAL F 99 33.62 -4.57 -14.20
C VAL F 99 34.41 -5.68 -14.87
N ILE F 100 33.92 -6.92 -14.78
CA ILE F 100 34.60 -8.05 -15.41
C ILE F 100 34.61 -7.91 -16.92
N ALA F 101 33.49 -7.45 -17.50
CA ALA F 101 33.44 -7.26 -18.94
C ALA F 101 34.42 -6.19 -19.41
N GLN F 102 34.64 -5.16 -18.59
CA GLN F 102 35.61 -4.13 -18.94
C GLN F 102 37.05 -4.61 -18.73
N LEU F 103 37.28 -5.47 -17.74
CA LEU F 103 38.63 -5.99 -17.51
C LEU F 103 39.06 -6.94 -18.63
N LEU F 104 38.14 -7.79 -19.10
CA LEU F 104 38.48 -8.70 -20.17
C LEU F 104 38.66 -7.96 -21.50
N PHE F 105 37.86 -6.91 -21.72
CA PHE F 105 37.99 -6.14 -22.96
C PHE F 105 39.31 -5.38 -23.00
N LEU F 106 39.69 -4.73 -21.89
CA LEU F 106 40.97 -4.02 -21.85
C LEU F 106 42.14 -4.98 -21.96
N GLN F 107 42.01 -6.20 -21.44
CA GLN F 107 43.05 -7.19 -21.64
C GLN F 107 43.10 -7.64 -23.09
N SER F 108 41.94 -7.75 -23.73
CA SER F 108 41.89 -8.15 -25.13
C SER F 108 42.50 -7.10 -26.06
N GLU F 109 42.54 -5.85 -25.64
CA GLU F 109 43.20 -4.81 -26.43
C GLU F 109 44.70 -4.73 -26.16
N SER F 110 45.14 -5.09 -24.96
CA SER F 110 46.55 -5.03 -24.61
C SER F 110 46.81 -5.88 -23.38
N ASN F 111 47.92 -6.62 -23.40
CA ASN F 111 48.35 -7.42 -22.27
C ASN F 111 49.50 -6.77 -21.49
N LYS F 112 49.75 -5.49 -21.74
CA LYS F 112 50.88 -4.77 -21.15
C LYS F 112 50.46 -3.46 -20.47
N LYS F 113 49.60 -2.67 -21.09
CA LYS F 113 49.25 -1.38 -20.54
C LYS F 113 48.52 -1.55 -19.21
N PRO F 114 48.88 -0.81 -18.18
CA PRO F 114 48.21 -0.96 -16.87
C PRO F 114 46.77 -0.50 -16.93
N ILE F 115 45.97 -1.04 -16.00
CA ILE F 115 44.55 -0.73 -15.90
C ILE F 115 44.31 -0.04 -14.57
N HIS F 116 43.78 1.18 -14.63
CA HIS F 116 43.42 1.93 -13.42
C HIS F 116 42.02 1.56 -12.99
N MET F 117 41.84 1.29 -11.70
CA MET F 117 40.56 0.92 -11.13
C MET F 117 40.23 1.83 -9.97
N TYR F 118 39.30 2.76 -10.18
CA TYR F 118 38.84 3.66 -9.13
C TYR F 118 37.75 2.98 -8.31
N ILE F 119 37.91 2.97 -6.99
CA ILE F 119 37.03 2.25 -6.09
C ILE F 119 36.39 3.24 -5.13
N ASN F 120 35.05 3.21 -5.05
CA ASN F 120 34.27 4.00 -4.12
C ASN F 120 33.00 3.20 -3.83
N SER F 121 33.18 2.06 -3.17
CA SER F 121 32.09 1.12 -2.93
C SER F 121 31.93 0.84 -1.44
N PRO F 122 30.69 0.85 -0.92
CA PRO F 122 30.46 0.48 0.48
C PRO F 122 30.38 -1.02 0.71
N GLY F 123 30.52 -1.84 -0.33
CA GLY F 123 30.43 -3.28 -0.19
C GLY F 123 29.32 -3.88 -1.02
N GLY F 124 28.95 -5.12 -0.71
CA GLY F 124 27.88 -5.77 -1.45
C GLY F 124 27.96 -7.28 -1.33
N VAL F 125 27.55 -7.96 -2.40
CA VAL F 125 27.52 -9.41 -2.42
C VAL F 125 28.94 -9.96 -2.39
N VAL F 126 29.12 -11.06 -1.67
CA VAL F 126 30.44 -11.68 -1.57
C VAL F 126 30.81 -12.36 -2.88
N THR F 127 29.86 -13.08 -3.49
CA THR F 127 30.14 -13.75 -4.76
C THR F 127 30.47 -12.75 -5.86
N ALA F 128 29.85 -11.57 -5.82
CA ALA F 128 30.17 -10.53 -6.80
C ALA F 128 31.57 -9.95 -6.57
N GLY F 129 31.99 -9.86 -5.31
CA GLY F 129 33.33 -9.36 -5.04
C GLY F 129 34.41 -10.35 -5.43
N LEU F 130 34.16 -11.64 -5.20
CA LEU F 130 35.11 -12.67 -5.61
C LEU F 130 35.18 -12.78 -7.13
N ALA F 131 34.05 -12.56 -7.81
CA ALA F 131 34.05 -12.59 -9.27
C ALA F 131 34.96 -11.51 -9.85
N ILE F 132 34.92 -10.31 -9.27
CA ILE F 132 35.82 -9.24 -9.70
C ILE F 132 37.25 -9.56 -9.29
N TYR F 133 37.43 -10.14 -8.10
CA TYR F 133 38.77 -10.45 -7.62
C TYR F 133 39.47 -11.46 -8.52
N ASP F 134 38.76 -12.53 -8.91
CA ASP F 134 39.37 -13.55 -9.76
C ASP F 134 39.75 -12.98 -11.12
N THR F 135 38.88 -12.15 -11.70
CA THR F 135 39.18 -11.54 -12.99
C THR F 135 40.38 -10.60 -12.88
N MET F 136 40.55 -9.92 -11.75
CA MET F 136 41.72 -9.09 -11.55
C MET F 136 42.99 -9.93 -11.45
N GLN F 137 42.93 -11.00 -10.65
CA GLN F 137 44.07 -11.90 -10.48
C GLN F 137 44.24 -12.87 -11.64
N TYR F 138 43.52 -12.68 -12.74
CA TYR F 138 43.69 -13.51 -13.93
C TYR F 138 44.16 -12.75 -15.15
N ILE F 139 43.84 -11.45 -15.27
CA ILE F 139 44.33 -10.68 -16.39
C ILE F 139 45.81 -10.39 -16.20
N LEU F 140 46.57 -10.46 -17.30
CA LEU F 140 48.01 -10.25 -17.23
C LEU F 140 48.37 -8.80 -16.93
N ASN F 141 47.47 -7.87 -17.20
CA ASN F 141 47.78 -6.46 -17.00
C ASN F 141 47.93 -6.14 -15.52
N PRO F 142 48.86 -5.28 -15.15
CA PRO F 142 48.92 -4.80 -13.76
C PRO F 142 47.80 -3.82 -13.50
N ILE F 143 47.12 -4.00 -12.36
CA ILE F 143 45.97 -3.16 -11.99
C ILE F 143 46.43 -2.15 -10.94
N CYS F 144 46.16 -0.88 -11.19
CA CYS F 144 46.46 0.19 -10.25
C CYS F 144 45.14 0.61 -9.58
N THR F 145 44.98 0.23 -8.31
CA THR F 145 43.77 0.53 -7.57
C THR F 145 43.89 1.88 -6.88
N TRP F 146 42.82 2.67 -6.96
CA TRP F 146 42.77 4.00 -6.37
C TRP F 146 41.52 4.09 -5.50
N CYS F 147 41.70 4.13 -4.18
CA CYS F 147 40.58 4.27 -3.26
C CYS F 147 40.14 5.72 -3.22
N VAL F 148 38.86 5.96 -3.49
CA VAL F 148 38.28 7.30 -3.47
C VAL F 148 37.08 7.28 -2.52
N GLY F 149 37.06 8.23 -1.60
CA GLY F 149 35.96 8.31 -0.64
C GLY F 149 35.98 7.20 0.39
N GLN F 150 35.65 5.98 -0.03
CA GLN F 150 35.64 4.84 0.87
C GLN F 150 35.76 3.55 0.07
N ALA F 151 36.28 2.51 0.72
CA ALA F 151 36.37 1.17 0.15
C ALA F 151 36.09 0.20 1.30
N ALA F 152 34.81 -0.15 1.46
CA ALA F 152 34.37 -0.98 2.57
C ALA F 152 33.92 -2.35 2.08
N SER F 153 34.03 -3.33 2.97
CA SER F 153 33.60 -4.72 2.72
C SER F 153 34.36 -5.24 1.50
N MET F 154 33.69 -5.72 0.45
CA MET F 154 34.40 -6.26 -0.70
C MET F 154 35.16 -5.20 -1.47
N GLY F 155 34.78 -3.92 -1.34
CA GLY F 155 35.55 -2.87 -1.98
C GLY F 155 36.96 -2.75 -1.45
N SER F 156 37.15 -3.09 -0.17
CA SER F 156 38.49 -3.09 0.40
C SER F 156 39.33 -4.24 -0.13
N LEU F 157 38.70 -5.37 -0.45
CA LEU F 157 39.44 -6.50 -1.01
C LEU F 157 39.95 -6.18 -2.40
N LEU F 158 39.12 -5.53 -3.23
CA LEU F 158 39.58 -5.12 -4.56
C LEU F 158 40.69 -4.08 -4.46
N LEU F 159 40.64 -3.21 -3.45
CA LEU F 159 41.72 -2.27 -3.22
C LEU F 159 43.00 -2.99 -2.81
N ALA F 160 42.87 -4.02 -1.97
CA ALA F 160 44.04 -4.77 -1.53
C ALA F 160 44.54 -5.77 -2.57
N ALA F 161 43.72 -6.11 -3.55
CA ALA F 161 44.09 -7.08 -4.58
C ALA F 161 44.79 -6.44 -5.77
N GLY F 162 45.09 -5.15 -5.72
CA GLY F 162 45.82 -4.51 -6.78
C GLY F 162 47.25 -5.01 -6.89
N THR F 163 47.92 -4.55 -7.94
CA THR F 163 49.31 -4.92 -8.14
C THR F 163 50.16 -4.38 -6.99
N PRO F 164 51.04 -5.19 -6.40
CA PRO F 164 51.86 -4.70 -5.28
C PRO F 164 52.66 -3.47 -5.65
N GLY F 165 52.55 -2.44 -4.83
CA GLY F 165 53.18 -1.16 -5.09
C GLY F 165 52.35 -0.21 -5.93
N MET F 166 51.18 -0.63 -6.40
CA MET F 166 50.32 0.20 -7.23
C MET F 166 48.94 0.40 -6.62
N ARG F 167 48.81 0.20 -5.30
CA ARG F 167 47.56 0.38 -4.59
C ARG F 167 47.61 1.71 -3.85
N HIS F 168 46.69 2.62 -4.20
CA HIS F 168 46.71 3.98 -3.69
C HIS F 168 45.43 4.29 -2.95
N SER F 169 45.43 5.42 -2.24
CA SER F 169 44.27 5.90 -1.53
C SER F 169 44.44 7.39 -1.26
N LEU F 170 43.31 8.09 -1.23
CA LEU F 170 43.30 9.53 -0.98
C LEU F 170 43.39 9.79 0.53
N PRO F 171 43.81 11.00 0.92
CA PRO F 171 44.07 11.24 2.37
C PRO F 171 42.86 11.02 3.26
N ASN F 172 41.69 11.53 2.89
CA ASN F 172 40.51 11.45 3.73
C ASN F 172 39.59 10.28 3.38
N SER F 173 40.14 9.24 2.76
CA SER F 173 39.36 8.04 2.49
C SER F 173 39.24 7.22 3.77
N ARG F 174 38.54 6.09 3.68
CA ARG F 174 38.41 5.19 4.81
C ARG F 174 38.12 3.78 4.31
N ILE F 175 38.78 2.80 4.91
CA ILE F 175 38.70 1.41 4.50
C ILE F 175 38.11 0.59 5.65
N MET F 176 37.18 -0.30 5.32
CA MET F 176 36.53 -1.15 6.31
C MET F 176 36.57 -2.59 5.85
N ILE F 177 36.84 -3.49 6.79
CA ILE F 177 36.86 -4.93 6.53
C ILE F 177 36.03 -5.62 7.60
N HIS F 178 35.36 -6.71 7.19
CA HIS F 178 34.52 -7.47 8.12
C HIS F 178 34.22 -8.83 7.51
N GLN F 179 33.83 -9.77 8.36
CA GLN F 179 33.47 -11.09 7.91
C GLN F 179 32.17 -11.03 7.10
N PRO F 180 31.95 -11.97 6.19
CA PRO F 180 30.74 -11.93 5.36
C PRO F 180 29.50 -12.25 6.16
N SER F 181 28.38 -11.68 5.71
CA SER F 181 27.07 -11.93 6.29
C SER F 181 26.15 -12.52 5.23
N GLY F 182 25.21 -13.35 5.67
CA GLY F 182 24.31 -13.99 4.75
C GLY F 182 23.04 -14.45 5.45
N GLY F 183 22.24 -15.21 4.69
CA GLY F 183 20.98 -15.72 5.20
C GLY F 183 20.82 -17.19 4.86
N ALA F 184 19.86 -17.82 5.52
CA ALA F 184 19.58 -19.24 5.33
C ALA F 184 18.19 -19.55 5.89
N ARG F 185 17.39 -20.27 5.12
CA ARG F 185 16.06 -20.67 5.54
C ARG F 185 15.68 -21.97 4.85
N GLY F 186 15.04 -22.85 5.60
CA GLY F 186 14.62 -24.15 5.09
C GLY F 186 14.67 -25.19 6.19
N GLN F 187 14.78 -26.45 5.76
CA GLN F 187 14.88 -27.54 6.72
C GLN F 187 16.23 -27.51 7.43
N ALA F 188 16.33 -28.31 8.50
CA ALA F 188 17.55 -28.34 9.29
C ALA F 188 18.74 -28.83 8.46
N THR F 189 18.50 -29.78 7.55
CA THR F 189 19.56 -30.26 6.67
C THR F 189 20.01 -29.16 5.72
N ASP F 190 19.06 -28.37 5.21
CA ASP F 190 19.40 -27.28 4.29
C ASP F 190 20.10 -26.13 5.02
N ILE F 191 19.75 -25.89 6.28
CA ILE F 191 20.42 -24.85 7.06
C ILE F 191 21.89 -25.21 7.26
N GLU F 192 22.15 -26.48 7.58
CA GLU F 192 23.53 -26.90 7.83
C GLU F 192 24.37 -26.85 6.56
N ILE F 193 23.77 -27.11 5.40
CA ILE F 193 24.50 -27.03 4.14
C ILE F 193 24.84 -25.58 3.82
N GLN F 194 23.86 -24.69 3.98
CA GLN F 194 24.09 -23.28 3.69
C GLN F 194 25.05 -22.65 4.69
N ALA F 195 24.92 -23.00 5.97
CA ALA F 195 25.87 -22.52 6.96
C ALA F 195 27.26 -23.08 6.72
N ARG F 196 27.37 -24.27 6.13
CA ARG F 196 28.67 -24.82 5.77
C ARG F 196 29.36 -23.97 4.72
N GLU F 197 28.59 -23.42 3.77
CA GLU F 197 29.18 -22.62 2.71
C GLU F 197 29.47 -21.19 3.15
N ILE F 198 28.69 -20.65 4.09
CA ILE F 198 28.97 -19.32 4.60
C ILE F 198 30.28 -19.31 5.38
N MET F 199 30.55 -20.38 6.12
CA MET F 199 31.82 -20.48 6.83
C MET F 199 32.97 -20.76 5.87
N LYS F 200 32.71 -21.45 4.75
CA LYS F 200 33.73 -21.65 3.74
C LYS F 200 34.12 -20.31 3.09
N LEU F 201 33.13 -19.48 2.76
CA LEU F 201 33.42 -18.17 2.20
C LEU F 201 34.14 -17.28 3.20
N LYS F 202 33.83 -17.44 4.50
CA LYS F 202 34.50 -16.65 5.53
C LYS F 202 35.99 -16.96 5.56
N LYS F 203 36.34 -18.25 5.56
CA LYS F 203 37.75 -18.63 5.56
C LYS F 203 38.40 -18.42 4.20
N GLN F 204 37.62 -18.47 3.13
CA GLN F 204 38.16 -18.17 1.81
C GLN F 204 38.51 -16.70 1.68
N LEU F 205 37.70 -15.82 2.28
CA LEU F 205 38.02 -14.40 2.30
C LEU F 205 39.21 -14.12 3.20
N TYR F 206 39.34 -14.86 4.31
CA TYR F 206 40.46 -14.67 5.21
C TYR F 206 41.78 -15.06 4.56
N ASN F 207 41.78 -16.09 3.72
CA ASN F 207 43.00 -16.48 3.02
C ASN F 207 43.38 -15.47 1.95
N ILE F 208 42.38 -14.88 1.28
CA ILE F 208 42.66 -13.89 0.25
C ILE F 208 43.21 -12.61 0.87
N TYR F 209 42.61 -12.17 1.98
CA TYR F 209 43.11 -10.96 2.66
C TYR F 209 44.52 -11.18 3.21
N ALA F 210 44.76 -12.34 3.84
CA ALA F 210 46.07 -12.60 4.40
C ALA F 210 47.14 -12.72 3.30
N LYS F 211 46.73 -13.08 2.08
CA LYS F 211 47.69 -13.20 0.99
C LYS F 211 48.17 -11.83 0.52
N HIS F 212 47.25 -10.89 0.35
CA HIS F 212 47.60 -9.58 -0.20
C HIS F 212 48.05 -8.59 0.87
N THR F 213 47.68 -8.78 2.12
CA THR F 213 48.12 -7.91 3.20
C THR F 213 49.38 -8.41 3.90
N LYS F 214 49.86 -9.60 3.55
CA LYS F 214 51.04 -10.20 4.16
C LYS F 214 50.89 -10.36 5.66
N GLN F 215 49.66 -10.56 6.12
CA GLN F 215 49.35 -10.77 7.52
C GLN F 215 49.06 -12.24 7.79
N SER F 216 49.10 -12.61 9.06
CA SER F 216 48.78 -13.97 9.46
C SER F 216 47.26 -14.14 9.59
N LEU F 217 46.82 -15.40 9.49
CA LEU F 217 45.39 -15.68 9.59
C LEU F 217 44.85 -15.32 10.97
N GLN F 218 45.69 -15.39 12.01
CA GLN F 218 45.24 -15.02 13.35
C GLN F 218 44.87 -13.54 13.41
N VAL F 219 45.69 -12.68 12.82
CA VAL F 219 45.40 -11.25 12.80
C VAL F 219 44.18 -10.96 11.93
N ILE F 220 44.02 -11.71 10.84
CA ILE F 220 42.88 -11.50 9.96
C ILE F 220 41.58 -11.90 10.65
N GLU F 221 41.60 -13.03 11.37
CA GLU F 221 40.41 -13.47 12.09
C GLU F 221 40.06 -12.53 13.22
N SER F 222 41.07 -12.00 13.92
CA SER F 222 40.82 -11.12 15.05
C SER F 222 40.34 -9.75 14.60
N ALA F 223 40.84 -9.27 13.46
CA ALA F 223 40.48 -7.92 13.01
C ALA F 223 39.14 -7.90 12.29
N MET F 224 38.79 -8.96 11.57
CA MET F 224 37.56 -9.02 10.78
C MET F 224 36.41 -9.69 11.52
N GLU F 225 36.58 -9.99 12.81
CA GLU F 225 35.47 -10.55 13.58
C GLU F 225 34.34 -9.54 13.71
N ARG F 226 34.67 -8.26 13.80
CA ARG F 226 33.70 -7.17 13.80
C ARG F 226 34.07 -6.19 12.68
N ASP F 227 33.27 -5.14 12.54
CA ASP F 227 33.57 -4.10 11.58
C ASP F 227 34.84 -3.36 11.99
N ARG F 228 35.81 -3.32 11.08
CA ARG F 228 37.13 -2.76 11.35
C ARG F 228 37.40 -1.63 10.35
N TYR F 229 37.09 -0.40 10.75
CA TYR F 229 37.37 0.76 9.92
C TYR F 229 38.82 1.20 10.11
N MET F 230 39.45 1.61 9.01
CA MET F 230 40.84 2.02 9.02
C MET F 230 41.01 3.32 8.24
N SER F 231 41.88 4.20 8.72
CA SER F 231 42.30 5.34 7.95
C SER F 231 43.28 4.90 6.87
N PRO F 232 43.51 5.74 5.84
CA PRO F 232 44.48 5.34 4.80
C PRO F 232 45.86 4.99 5.34
N MET F 233 46.32 5.68 6.39
CA MET F 233 47.58 5.31 7.00
C MET F 233 47.46 4.00 7.78
N GLU F 234 46.31 3.79 8.43
CA GLU F 234 46.10 2.51 9.13
C GLU F 234 45.99 1.35 8.17
N ALA F 235 45.41 1.58 6.99
CA ALA F 235 45.32 0.52 5.99
C ALA F 235 46.66 0.29 5.29
N GLN F 236 47.48 1.34 5.14
CA GLN F 236 48.81 1.16 4.55
C GLN F 236 49.69 0.30 5.45
N GLU F 237 49.68 0.57 6.76
CA GLU F 237 50.46 -0.24 7.68
C GLU F 237 49.91 -1.65 7.81
N PHE F 238 48.59 -1.81 7.65
CA PHE F 238 47.99 -3.14 7.75
C PHE F 238 48.35 -4.01 6.56
N GLY F 239 48.61 -3.41 5.41
CA GLY F 239 48.91 -4.14 4.20
C GLY F 239 47.84 -4.08 3.12
N ILE F 240 46.81 -3.26 3.30
CA ILE F 240 45.74 -3.17 2.30
C ILE F 240 46.20 -2.41 1.08
N LEU F 241 46.76 -1.23 1.27
CA LEU F 241 47.27 -0.41 0.18
C LEU F 241 48.76 -0.16 0.37
N ASP F 242 49.33 0.67 -0.49
CA ASP F 242 50.76 0.93 -0.50
C ASP F 242 51.12 2.40 -0.35
N LYS F 243 50.39 3.30 -1.00
CA LYS F 243 50.72 4.72 -1.01
C LYS F 243 49.49 5.53 -0.60
N VAL F 244 49.65 6.38 0.39
CA VAL F 244 48.62 7.33 0.79
C VAL F 244 48.99 8.65 0.13
N LEU F 245 48.48 8.85 -1.10
CA LEU F 245 48.81 10.05 -1.85
C LEU F 245 48.20 11.28 -1.22
N VAL F 246 48.87 12.42 -1.40
CA VAL F 246 48.36 13.72 -0.96
C VAL F 246 48.41 14.66 -2.16
N HIS F 247 49.13 14.24 -3.19
CA HIS F 247 49.28 14.99 -4.43
C HIS F 247 49.77 14.04 -5.51
N PRO F 248 49.56 14.38 -6.79
CA PRO F 248 50.00 13.52 -7.89
C PRO F 248 51.52 13.30 -7.91
N LEU G 58 13.64 17.89 -18.62
CA LEU G 58 14.54 17.41 -19.67
C LEU G 58 15.72 18.34 -19.85
N ILE G 59 16.90 17.76 -19.99
CA ILE G 59 18.11 18.56 -20.22
C ILE G 59 18.09 19.09 -21.66
N PRO G 60 18.38 20.37 -21.88
CA PRO G 60 18.39 20.90 -23.25
C PRO G 60 19.49 20.30 -24.11
N ILE G 61 19.52 20.64 -25.39
CA ILE G 61 20.50 20.13 -26.33
C ILE G 61 21.07 21.30 -27.11
N VAL G 62 22.39 21.50 -27.04
CA VAL G 62 23.04 22.58 -27.77
C VAL G 62 23.75 22.04 -29.00
N TYR G 73 25.39 18.63 -27.36
CA TYR G 73 25.19 17.86 -26.13
C TYR G 73 24.25 18.59 -25.19
N ASP G 74 24.14 18.08 -23.96
CA ASP G 74 23.28 18.73 -22.98
C ASP G 74 23.90 20.04 -22.51
N ILE G 75 23.11 20.81 -21.75
CA ILE G 75 23.59 22.12 -21.30
C ILE G 75 24.70 21.96 -20.27
N TYR G 76 24.72 20.86 -19.53
CA TYR G 76 25.80 20.62 -18.58
C TYR G 76 27.08 20.19 -19.27
N SER G 77 26.98 19.62 -20.47
CA SER G 77 28.18 19.23 -21.21
C SER G 77 28.81 20.40 -21.95
N ARG G 78 28.00 21.35 -22.43
CA ARG G 78 28.55 22.55 -23.05
C ARG G 78 29.32 23.38 -22.02
N LEU G 79 28.78 23.49 -20.80
CA LEU G 79 29.52 24.16 -19.73
C LEU G 79 30.79 23.41 -19.39
N LEU G 80 30.77 22.08 -19.48
CA LEU G 80 31.97 21.29 -19.22
C LEU G 80 33.06 21.59 -20.25
N ARG G 81 32.67 21.97 -21.46
CA ARG G 81 33.65 22.42 -22.45
C ARG G 81 34.32 23.72 -22.01
N GLU G 82 33.58 24.60 -21.35
CA GLU G 82 34.13 25.81 -20.78
C GLU G 82 34.77 25.58 -19.41
N ARG G 83 35.02 24.32 -19.06
CA ARG G 83 35.64 23.94 -17.78
C ARG G 83 34.77 24.38 -16.60
N ILE G 84 33.54 23.88 -16.59
CA ILE G 84 32.56 24.17 -15.55
C ILE G 84 31.99 22.86 -15.05
N VAL G 85 32.12 22.61 -13.75
CA VAL G 85 31.57 21.42 -13.10
C VAL G 85 30.42 21.86 -12.21
N CYS G 86 29.26 21.24 -12.38
CA CYS G 86 28.06 21.59 -11.64
C CYS G 86 27.82 20.59 -10.52
N VAL G 87 27.83 21.06 -9.28
CA VAL G 87 27.49 20.25 -8.12
C VAL G 87 26.11 20.70 -7.63
N MET G 88 25.06 20.19 -8.24
CA MET G 88 23.70 20.61 -7.97
C MET G 88 22.94 19.51 -7.24
N GLY G 89 22.00 19.92 -6.39
CA GLY G 89 21.17 18.99 -5.67
C GLY G 89 21.90 18.26 -4.57
N PRO G 90 21.26 17.24 -4.00
CA PRO G 90 21.92 16.47 -2.93
C PRO G 90 23.14 15.74 -3.44
N ILE G 91 24.06 15.46 -2.52
CA ILE G 91 25.33 14.81 -2.81
C ILE G 91 25.28 13.39 -2.26
N ASP G 92 25.46 12.41 -3.14
CA ASP G 92 25.56 11.01 -2.74
C ASP G 92 26.70 10.38 -3.52
N ASP G 93 26.73 9.04 -3.57
CA ASP G 93 27.78 8.37 -4.33
C ASP G 93 27.64 8.61 -5.82
N SER G 94 26.41 8.73 -6.31
CA SER G 94 26.20 8.97 -7.74
C SER G 94 26.70 10.36 -8.14
N VAL G 95 26.37 11.38 -7.33
CA VAL G 95 26.82 12.73 -7.65
C VAL G 95 28.32 12.86 -7.44
N ALA G 96 28.87 12.20 -6.42
CA ALA G 96 30.29 12.31 -6.15
C ALA G 96 31.12 11.71 -7.28
N SER G 97 30.68 10.59 -7.84
CA SER G 97 31.43 9.94 -8.91
C SER G 97 31.43 10.79 -10.18
N LEU G 98 30.29 11.40 -10.51
CA LEU G 98 30.22 12.23 -11.71
C LEU G 98 31.08 13.47 -11.58
N VAL G 99 31.09 14.10 -10.39
CA VAL G 99 31.91 15.29 -10.18
C VAL G 99 33.39 14.94 -10.27
N ILE G 100 33.79 13.84 -9.62
CA ILE G 100 35.19 13.41 -9.65
C ILE G 100 35.59 13.03 -11.08
N ALA G 101 34.68 12.40 -11.82
CA ALA G 101 34.97 12.06 -13.21
C ALA G 101 35.11 13.31 -14.07
N GLN G 102 34.27 14.32 -13.83
CA GLN G 102 34.37 15.57 -14.58
C GLN G 102 35.62 16.35 -14.20
N LEU G 103 36.06 16.26 -12.94
CA LEU G 103 37.28 16.94 -12.53
C LEU G 103 38.52 16.31 -13.16
N LEU G 104 38.47 15.01 -13.43
CA LEU G 104 39.60 14.35 -14.09
C LEU G 104 39.61 14.60 -15.59
N PHE G 105 38.44 14.85 -16.19
CA PHE G 105 38.39 15.22 -17.59
C PHE G 105 39.03 16.59 -17.82
N LEU G 106 38.76 17.54 -16.91
CA LEU G 106 39.34 18.87 -17.06
C LEU G 106 40.84 18.89 -16.74
N GLN G 107 41.29 17.97 -15.88
CA GLN G 107 42.72 17.91 -15.58
C GLN G 107 43.49 17.30 -16.74
N SER G 108 42.93 16.27 -17.38
CA SER G 108 43.61 15.66 -18.53
C SER G 108 43.69 16.62 -19.70
N GLU G 109 42.72 17.52 -19.85
CA GLU G 109 42.81 18.55 -20.89
C GLU G 109 43.92 19.55 -20.57
N SER G 110 44.05 19.94 -19.32
CA SER G 110 45.05 20.92 -18.92
C SER G 110 45.21 20.88 -17.41
N ASN G 111 46.46 20.98 -16.95
CA ASN G 111 46.75 21.09 -15.53
C ASN G 111 46.84 22.53 -15.06
N LYS G 112 46.96 23.49 -15.97
CA LYS G 112 47.10 24.90 -15.62
C LYS G 112 45.80 25.67 -15.71
N LYS G 113 44.90 25.29 -16.62
CA LYS G 113 43.65 26.01 -16.77
C LYS G 113 42.81 25.87 -15.50
N PRO G 114 42.25 26.97 -14.98
CA PRO G 114 41.43 26.85 -13.77
C PRO G 114 40.12 26.15 -14.03
N ILE G 115 39.63 25.45 -13.01
CA ILE G 115 38.37 24.71 -13.06
C ILE G 115 37.33 25.49 -12.26
N HIS G 116 36.16 25.69 -12.86
CA HIS G 116 35.06 26.38 -12.20
C HIS G 116 34.05 25.37 -11.70
N MET G 117 33.65 25.50 -10.44
CA MET G 117 32.73 24.57 -9.79
C MET G 117 31.60 25.37 -9.17
N TYR G 118 30.44 25.37 -9.83
CA TYR G 118 29.25 26.04 -9.33
C TYR G 118 28.50 25.11 -8.38
N ILE G 119 28.16 25.62 -7.20
CA ILE G 119 27.60 24.81 -6.12
C ILE G 119 26.21 25.32 -5.78
N ASN G 120 25.23 24.41 -5.79
CA ASN G 120 23.86 24.68 -5.36
C ASN G 120 23.35 23.39 -4.71
N SER G 121 23.90 23.06 -3.54
CA SER G 121 23.63 21.80 -2.89
C SER G 121 23.20 22.02 -1.45
N PRO G 122 22.15 21.32 -0.99
CA PRO G 122 21.79 21.35 0.43
C PRO G 122 22.64 20.43 1.29
N GLY G 123 23.49 19.60 0.69
CA GLY G 123 24.30 18.66 1.44
C GLY G 123 24.03 17.22 1.06
N GLY G 124 24.35 16.30 1.95
CA GLY G 124 24.11 14.89 1.69
C GLY G 124 25.07 14.03 2.48
N VAL G 125 25.46 12.91 1.87
CA VAL G 125 26.36 11.96 2.53
C VAL G 125 27.71 12.61 2.77
N VAL G 126 28.24 12.43 3.98
CA VAL G 126 29.52 13.03 4.33
C VAL G 126 30.66 12.36 3.57
N THR G 127 30.63 11.03 3.47
CA THR G 127 31.69 10.32 2.75
C THR G 127 31.73 10.72 1.27
N ALA G 128 30.57 11.05 0.69
CA ALA G 128 30.55 11.55 -0.68
C ALA G 128 31.16 12.94 -0.77
N GLY G 129 30.96 13.76 0.26
CA GLY G 129 31.56 15.08 0.26
C GLY G 129 33.07 15.04 0.45
N LEU G 130 33.54 14.11 1.29
CA LEU G 130 34.98 13.94 1.46
C LEU G 130 35.63 13.40 0.19
N ALA G 131 34.89 12.60 -0.58
CA ALA G 131 35.42 12.11 -1.85
C ALA G 131 35.65 13.25 -2.83
N ILE G 132 34.66 14.15 -2.96
CA ILE G 132 34.82 15.30 -3.84
C ILE G 132 35.91 16.23 -3.30
N TYR G 133 36.03 16.33 -1.97
CA TYR G 133 37.05 17.18 -1.39
C TYR G 133 38.45 16.68 -1.71
N ASP G 134 38.67 15.37 -1.63
CA ASP G 134 40.01 14.83 -1.89
C ASP G 134 40.41 15.03 -3.35
N THR G 135 39.47 14.86 -4.28
CA THR G 135 39.78 15.08 -5.69
C THR G 135 40.13 16.54 -5.96
N MET G 136 39.43 17.46 -5.29
CA MET G 136 39.73 18.87 -5.44
C MET G 136 41.14 19.19 -4.97
N GLN G 137 41.51 18.70 -3.79
CA GLN G 137 42.86 18.95 -3.28
C GLN G 137 43.91 18.15 -4.03
N TYR G 138 43.53 17.07 -4.69
CA TYR G 138 44.51 16.25 -5.41
C TYR G 138 44.91 16.90 -6.72
N ILE G 139 43.94 17.27 -7.56
CA ILE G 139 44.26 17.82 -8.87
C ILE G 139 45.04 19.12 -8.73
N LEU G 140 45.94 19.36 -9.69
CA LEU G 140 46.79 20.54 -9.67
C LEU G 140 46.07 21.79 -10.14
N ASN G 141 44.93 21.64 -10.81
CA ASN G 141 44.24 22.80 -11.38
C ASN G 141 43.71 23.69 -10.27
N PRO G 142 43.87 25.01 -10.38
CA PRO G 142 43.17 25.92 -9.46
C PRO G 142 41.66 25.80 -9.65
N ILE G 143 40.94 25.79 -8.55
CA ILE G 143 39.50 25.59 -8.55
C ILE G 143 38.81 26.86 -8.10
N CYS G 144 37.88 27.35 -8.92
CA CYS G 144 37.07 28.53 -8.60
C CYS G 144 35.69 28.04 -8.19
N THR G 145 35.40 28.09 -6.89
CA THR G 145 34.10 27.69 -6.37
C THR G 145 33.16 28.87 -6.37
N TRP G 146 31.93 28.65 -6.85
CA TRP G 146 30.91 29.70 -6.93
C TRP G 146 29.65 29.18 -6.23
N CYS G 147 29.30 29.82 -5.12
CA CYS G 147 28.10 29.44 -4.39
C CYS G 147 26.88 30.12 -5.00
N VAL G 148 25.97 29.32 -5.56
CA VAL G 148 24.73 29.81 -6.12
C VAL G 148 23.58 29.17 -5.36
N GLY G 149 22.63 29.99 -4.92
CA GLY G 149 21.51 29.47 -4.15
C GLY G 149 21.87 29.13 -2.71
N GLN G 150 22.48 27.98 -2.50
CA GLN G 150 22.86 27.56 -1.17
C GLN G 150 24.04 26.60 -1.23
N ALA G 151 24.85 26.62 -0.16
CA ALA G 151 25.96 25.69 0.02
C ALA G 151 25.91 25.25 1.48
N ALA G 152 25.21 24.15 1.74
CA ALA G 152 24.98 23.66 3.09
C ALA G 152 25.60 22.27 3.26
N SER G 153 25.90 21.94 4.51
CA SER G 153 26.47 20.64 4.90
C SER G 153 27.77 20.46 4.14
N MET G 154 27.96 19.37 3.40
CA MET G 154 29.17 19.18 2.62
C MET G 154 29.28 20.19 1.49
N GLY G 155 28.17 20.80 1.06
CA GLY G 155 28.24 21.82 0.04
C GLY G 155 29.03 23.04 0.48
N SER G 156 28.99 23.37 1.77
CA SER G 156 29.80 24.46 2.28
C SER G 156 31.26 24.08 2.39
N LEU G 157 31.56 22.80 2.65
CA LEU G 157 32.95 22.36 2.68
C LEU G 157 33.57 22.42 1.29
N LEU G 158 32.82 22.02 0.26
CA LEU G 158 33.33 22.13 -1.11
C LEU G 158 33.52 23.59 -1.51
N LEU G 159 32.67 24.48 -1.00
CA LEU G 159 32.84 25.91 -1.29
C LEU G 159 34.13 26.44 -0.66
N ALA G 160 34.41 26.04 0.58
CA ALA G 160 35.63 26.43 1.26
C ALA G 160 36.85 25.67 0.75
N ALA G 161 36.64 24.55 0.04
CA ALA G 161 37.74 23.76 -0.48
C ALA G 161 38.35 24.35 -1.75
N GLY G 162 37.79 25.45 -2.26
CA GLY G 162 38.34 26.09 -3.44
C GLY G 162 39.71 26.68 -3.18
N THR G 163 40.37 27.04 -4.28
CA THR G 163 41.69 27.64 -4.20
C THR G 163 41.60 28.98 -3.45
N PRO G 164 42.49 29.25 -2.51
CA PRO G 164 42.44 30.53 -1.78
C PRO G 164 42.49 31.71 -2.73
N GLY G 165 41.49 32.59 -2.60
CA GLY G 165 41.34 33.73 -3.48
C GLY G 165 40.41 33.51 -4.64
N MET G 166 39.85 32.31 -4.80
CA MET G 166 38.96 31.99 -5.91
C MET G 166 37.66 31.38 -5.43
N ARG G 167 37.23 31.73 -4.22
CA ARG G 167 35.98 31.23 -3.64
C ARG G 167 34.98 32.38 -3.62
N HIS G 168 33.95 32.28 -4.45
CA HIS G 168 33.01 33.37 -4.67
C HIS G 168 31.61 32.95 -4.25
N SER G 169 30.71 33.94 -4.17
CA SER G 169 29.34 33.69 -3.80
C SER G 169 28.48 34.85 -4.29
N LEU G 170 27.24 34.53 -4.66
CA LEU G 170 26.26 35.53 -5.08
C LEU G 170 25.66 36.21 -3.86
N PRO G 171 25.09 37.41 -4.03
CA PRO G 171 24.70 38.20 -2.83
C PRO G 171 23.64 37.54 -1.97
N ASN G 172 22.65 36.88 -2.58
CA ASN G 172 21.54 36.28 -1.85
C ASN G 172 21.72 34.79 -1.59
N SER G 173 22.95 34.29 -1.71
CA SER G 173 23.22 32.89 -1.41
C SER G 173 23.13 32.65 0.10
N ARG G 174 23.27 31.39 0.49
CA ARG G 174 23.16 31.02 1.90
C ARG G 174 24.11 29.86 2.18
N ILE G 175 24.94 30.01 3.22
CA ILE G 175 25.95 29.03 3.59
C ILE G 175 25.61 28.48 4.96
N MET G 176 25.64 27.16 5.09
CA MET G 176 25.32 26.49 6.35
C MET G 176 26.36 25.43 6.65
N ILE G 177 26.84 25.43 7.89
CA ILE G 177 27.79 24.42 8.37
C ILE G 177 27.21 23.77 9.61
N HIS G 178 27.49 22.47 9.78
CA HIS G 178 26.98 21.73 10.92
C HIS G 178 27.77 20.43 11.05
N GLN G 179 27.77 19.89 12.28
CA GLN G 179 28.44 18.63 12.53
C GLN G 179 27.72 17.50 11.80
N PRO G 180 28.45 16.43 11.44
CA PRO G 180 27.82 15.35 10.69
C PRO G 180 26.81 14.58 11.53
N SER G 181 25.88 13.92 10.84
CA SER G 181 24.89 13.06 11.45
C SER G 181 24.95 11.68 10.82
N GLY G 182 24.61 10.67 11.62
CA GLY G 182 24.65 9.30 11.13
C GLY G 182 23.77 8.39 11.95
N GLY G 183 23.87 7.10 11.67
CA GLY G 183 23.10 6.10 12.36
C GLY G 183 23.97 4.95 12.83
N ALA G 184 23.41 4.15 13.74
CA ALA G 184 24.11 3.00 14.29
C ALA G 184 23.09 2.02 14.84
N ARG G 185 23.27 0.74 14.53
CA ARG G 185 22.35 -0.29 15.01
C ARG G 185 23.10 -1.62 15.08
N GLY G 186 22.64 -2.48 15.99
CA GLY G 186 23.22 -3.79 16.21
C GLY G 186 23.48 -4.01 17.68
N GLN G 187 24.39 -4.95 17.97
CA GLN G 187 24.78 -5.21 19.34
C GLN G 187 25.54 -4.02 19.92
N ALA G 188 25.71 -4.04 21.25
CA ALA G 188 26.41 -2.94 21.92
C ALA G 188 27.85 -2.81 21.42
N THR G 189 28.48 -3.93 21.06
CA THR G 189 29.83 -3.86 20.49
C THR G 189 29.83 -3.13 19.15
N ASP G 190 28.80 -3.36 18.33
CA ASP G 190 28.71 -2.68 17.05
C ASP G 190 28.36 -1.21 17.22
N ILE G 191 27.59 -0.87 18.26
CA ILE G 191 27.26 0.53 18.51
C ILE G 191 28.52 1.31 18.87
N GLU G 192 29.38 0.74 19.70
CA GLU G 192 30.59 1.43 20.12
C GLU G 192 31.56 1.60 18.95
N ILE G 193 31.63 0.63 18.05
CA ILE G 193 32.51 0.74 16.90
C ILE G 193 32.04 1.84 15.96
N GLN G 194 30.74 1.86 15.67
CA GLN G 194 30.20 2.87 14.76
C GLN G 194 30.16 4.25 15.40
N ALA G 195 30.02 4.31 16.72
CA ALA G 195 30.03 5.61 17.40
C ALA G 195 31.42 6.24 17.37
N ARG G 196 32.46 5.43 17.50
CA ARG G 196 33.82 5.95 17.37
C ARG G 196 34.08 6.50 15.98
N GLU G 197 33.45 5.91 14.96
CA GLU G 197 33.68 6.38 13.59
C GLU G 197 32.97 7.70 13.33
N ILE G 198 31.77 7.88 13.89
CA ILE G 198 31.06 9.14 13.71
C ILE G 198 31.82 10.27 14.40
N MET G 199 32.42 9.99 15.57
CA MET G 199 33.22 11.00 16.24
C MET G 199 34.53 11.27 15.49
N LYS G 200 35.06 10.27 14.80
CA LYS G 200 36.24 10.49 13.97
C LYS G 200 35.90 11.37 12.77
N LEU G 201 34.76 11.11 12.12
CA LEU G 201 34.32 11.98 11.02
C LEU G 201 34.07 13.40 11.52
N LYS G 202 33.60 13.55 12.75
CA LYS G 202 33.34 14.87 13.31
C LYS G 202 34.63 15.67 13.44
N LYS G 203 35.66 15.07 14.04
CA LYS G 203 36.93 15.77 14.18
C LYS G 203 37.66 15.89 12.85
N GLN G 204 37.44 14.93 11.93
CA GLN G 204 38.05 15.03 10.62
C GLN G 204 37.50 16.22 9.84
N LEU G 205 36.17 16.41 9.89
CA LEU G 205 35.57 17.57 9.24
C LEU G 205 35.97 18.87 9.94
N TYR G 206 36.11 18.82 11.27
CA TYR G 206 36.47 20.03 12.01
C TYR G 206 37.87 20.49 11.64
N ASN G 207 38.81 19.56 11.43
CA ASN G 207 40.16 19.94 11.04
C ASN G 207 40.20 20.44 9.59
N ILE G 208 39.36 19.89 8.73
CA ILE G 208 39.31 20.35 7.33
C ILE G 208 38.73 21.75 7.26
N TYR G 209 37.62 21.99 7.96
CA TYR G 209 37.05 23.33 7.99
C TYR G 209 38.01 24.34 8.61
N ALA G 210 38.68 23.95 9.70
CA ALA G 210 39.64 24.85 10.32
C ALA G 210 40.83 25.12 9.41
N LYS G 211 41.18 24.16 8.56
CA LYS G 211 42.32 24.33 7.67
C LYS G 211 42.04 25.37 6.59
N HIS G 212 40.85 25.32 5.98
CA HIS G 212 40.54 26.20 4.86
C HIS G 212 39.93 27.53 5.28
N THR G 213 39.31 27.60 6.46
CA THR G 213 38.80 28.86 6.98
C THR G 213 39.83 29.62 7.81
N LYS G 214 40.97 28.98 8.11
CA LYS G 214 42.03 29.58 8.92
C LYS G 214 41.50 29.99 10.30
N GLN G 215 40.61 29.17 10.85
CA GLN G 215 40.06 29.35 12.18
C GLN G 215 40.63 28.30 13.12
N SER G 216 40.60 28.60 14.41
CA SER G 216 41.03 27.63 15.40
C SER G 216 39.99 26.53 15.55
N LEU G 217 40.41 25.40 16.12
CA LEU G 217 39.50 24.29 16.35
C LEU G 217 38.42 24.67 17.36
N GLN G 218 38.74 25.57 18.30
CA GLN G 218 37.75 26.02 19.28
C GLN G 218 36.57 26.70 18.61
N VAL G 219 36.84 27.51 17.58
CA VAL G 219 35.75 28.23 16.91
C VAL G 219 34.93 27.27 16.04
N ILE G 220 35.59 26.31 15.41
CA ILE G 220 34.89 25.36 14.55
C ILE G 220 33.94 24.48 15.37
N GLU G 221 34.37 24.06 16.57
CA GLU G 221 33.53 23.22 17.41
C GLU G 221 32.28 23.97 17.87
N SER G 222 32.44 25.22 18.28
CA SER G 222 31.30 26.00 18.75
C SER G 222 30.36 26.35 17.61
N ALA G 223 30.91 26.63 16.42
CA ALA G 223 30.07 27.06 15.31
C ALA G 223 29.31 25.90 14.68
N MET G 224 29.87 24.68 14.73
CA MET G 224 29.27 23.53 14.08
C MET G 224 28.55 22.60 15.05
N GLU G 225 28.44 22.99 16.33
CA GLU G 225 27.68 22.18 17.27
C GLU G 225 26.20 22.13 16.89
N ARG G 226 25.68 23.20 16.32
CA ARG G 226 24.33 23.27 15.78
C ARG G 226 24.41 23.74 14.33
N ASP G 227 23.26 23.80 13.68
CA ASP G 227 23.20 24.31 12.31
C ASP G 227 23.52 25.80 12.31
N ARG G 228 24.62 26.17 11.68
CA ARG G 228 25.07 27.56 11.61
C ARG G 228 24.83 28.08 10.20
N TYR G 229 23.85 28.98 10.06
CA TYR G 229 23.54 29.59 8.78
C TYR G 229 24.28 30.91 8.66
N MET G 230 24.91 31.14 7.51
CA MET G 230 25.71 32.34 7.28
C MET G 230 25.28 33.00 5.98
N SER G 231 25.23 34.33 6.00
CA SER G 231 25.11 35.08 4.76
C SER G 231 26.46 35.09 4.05
N PRO G 232 26.47 35.38 2.74
CA PRO G 232 27.76 35.44 2.02
C PRO G 232 28.75 36.40 2.65
N MET G 233 28.28 37.48 3.26
CA MET G 233 29.19 38.39 3.95
C MET G 233 29.73 37.77 5.23
N GLU G 234 28.88 37.03 5.95
CA GLU G 234 29.33 36.37 7.17
C GLU G 234 30.28 35.22 6.86
N ALA G 235 30.01 34.47 5.79
CA ALA G 235 30.88 33.36 5.44
C ALA G 235 32.25 33.85 4.95
N GLN G 236 32.30 35.05 4.37
CA GLN G 236 33.59 35.61 3.98
C GLN G 236 34.42 35.98 5.21
N GLU G 237 33.79 36.63 6.19
CA GLU G 237 34.50 36.97 7.42
C GLU G 237 34.90 35.71 8.19
N PHE G 238 34.05 34.69 8.15
CA PHE G 238 34.37 33.43 8.83
C PHE G 238 35.51 32.69 8.14
N GLY G 239 35.74 32.95 6.86
CA GLY G 239 36.82 32.31 6.12
C GLY G 239 36.39 31.24 5.14
N ILE G 240 35.09 31.08 4.91
CA ILE G 240 34.61 30.04 4.00
C ILE G 240 34.82 30.45 2.55
N LEU G 241 34.46 31.69 2.21
CA LEU G 241 34.62 32.21 0.85
C LEU G 241 35.43 33.49 0.90
N ASP G 242 35.77 33.98 -0.29
CA ASP G 242 36.65 35.15 -0.43
C ASP G 242 35.95 36.39 -0.96
N LYS G 243 35.09 36.24 -1.96
CA LYS G 243 34.47 37.38 -2.63
C LYS G 243 32.96 37.23 -2.69
N VAL G 244 32.26 38.32 -2.40
CA VAL G 244 30.80 38.39 -2.55
C VAL G 244 30.52 39.35 -3.69
N LEU G 245 30.14 38.81 -4.85
CA LEU G 245 30.00 39.58 -6.07
C LEU G 245 28.53 39.77 -6.41
N VAL G 246 28.19 40.97 -6.89
CA VAL G 246 26.85 41.25 -7.40
C VAL G 246 26.90 41.13 -8.93
N HIS G 247 27.63 42.05 -9.56
CA HIS G 247 27.99 42.00 -10.96
C HIS G 247 29.50 41.77 -11.10
N PRO G 248 29.95 41.17 -12.19
CA PRO G 248 31.39 40.95 -12.37
C PRO G 248 32.12 42.27 -12.48
N PRO G 249 33.02 42.59 -11.54
CA PRO G 249 33.73 43.87 -11.50
C PRO G 249 34.64 44.06 -12.70
N LEU H 58 -3.77 -8.58 26.86
CA LEU H 58 -4.80 -8.90 27.84
C LEU H 58 -4.39 -8.45 29.23
N ILE H 59 -5.32 -7.85 29.96
CA ILE H 59 -5.09 -7.40 31.33
C ILE H 59 -5.76 -8.39 32.27
N PRO H 60 -5.07 -8.89 33.29
CA PRO H 60 -5.68 -9.88 34.18
C PRO H 60 -6.82 -9.29 35.00
N ILE H 61 -7.61 -10.18 35.60
CA ILE H 61 -8.83 -9.82 36.30
C ILE H 61 -8.77 -10.39 37.71
N VAL H 62 -9.13 -9.57 38.69
CA VAL H 62 -9.23 -10.01 40.08
C VAL H 62 -10.71 -10.04 40.46
N VAL H 63 -10.99 -10.66 41.61
CA VAL H 63 -12.37 -10.84 42.06
C VAL H 63 -12.49 -10.53 43.55
N GLU H 64 -12.22 -9.28 43.92
CA GLU H 64 -12.29 -8.88 45.31
C GLU H 64 -13.74 -8.64 45.73
N TYR H 73 -12.92 -6.28 37.46
CA TYR H 73 -11.80 -5.60 38.11
C TYR H 73 -10.47 -5.97 37.47
N ASP H 74 -9.98 -5.10 36.58
CA ASP H 74 -8.68 -5.32 35.98
C ASP H 74 -7.58 -4.97 36.98
N ILE H 75 -6.33 -5.30 36.61
CA ILE H 75 -5.23 -5.15 37.56
C ILE H 75 -4.94 -3.67 37.83
N TYR H 76 -5.18 -2.80 36.85
CA TYR H 76 -5.00 -1.37 37.08
C TYR H 76 -6.16 -0.77 37.85
N SER H 77 -7.38 -1.29 37.63
CA SER H 77 -8.52 -0.86 38.44
C SER H 77 -8.40 -1.35 39.87
N ARG H 78 -7.83 -2.54 40.05
CA ARG H 78 -7.62 -3.06 41.41
C ARG H 78 -6.60 -2.21 42.16
N LEU H 79 -5.56 -1.74 41.47
CA LEU H 79 -4.58 -0.87 42.11
C LEU H 79 -5.12 0.52 42.34
N LEU H 80 -6.07 0.97 41.51
CA LEU H 80 -6.66 2.28 41.70
C LEU H 80 -7.44 2.37 43.01
N ARG H 81 -8.08 1.27 43.41
CA ARG H 81 -8.76 1.25 44.71
C ARG H 81 -7.77 1.40 45.86
N GLU H 82 -6.55 0.92 45.68
CA GLU H 82 -5.47 1.16 46.63
C GLU H 82 -4.86 2.55 46.49
N ARG H 83 -5.51 3.45 45.74
CA ARG H 83 -5.03 4.81 45.51
C ARG H 83 -3.68 4.81 44.80
N ILE H 84 -3.54 3.94 43.81
CA ILE H 84 -2.32 3.83 43.02
C ILE H 84 -2.66 4.16 41.57
N VAL H 85 -2.05 5.21 41.04
CA VAL H 85 -2.18 5.59 39.64
C VAL H 85 -0.94 5.14 38.90
N CYS H 86 -1.13 4.44 37.78
CA CYS H 86 -0.03 3.91 36.99
C CYS H 86 0.15 4.78 35.74
N VAL H 87 1.34 5.37 35.59
CA VAL H 87 1.69 6.09 34.37
C VAL H 87 2.67 5.23 33.58
N MET H 88 2.13 4.33 32.76
CA MET H 88 2.93 3.39 31.98
C MET H 88 2.89 3.76 30.51
N GLY H 89 3.98 3.48 29.81
CA GLY H 89 4.07 3.74 28.40
C GLY H 89 4.16 5.22 28.08
N PRO H 90 4.07 5.57 26.80
CA PRO H 90 4.17 6.98 26.41
C PRO H 90 3.03 7.81 26.96
N ILE H 91 3.28 9.09 27.15
CA ILE H 91 2.32 10.04 27.71
C ILE H 91 1.81 10.92 26.59
N ASP H 92 0.51 10.83 26.32
CA ASP H 92 -0.14 11.73 25.36
C ASP H 92 -1.41 12.29 25.97
N ASP H 93 -2.24 12.95 25.16
CA ASP H 93 -3.48 13.53 25.68
C ASP H 93 -4.40 12.45 26.24
N SER H 94 -4.41 11.27 25.62
CA SER H 94 -5.25 10.19 26.12
C SER H 94 -4.75 9.68 27.47
N VAL H 95 -3.43 9.50 27.60
CA VAL H 95 -2.88 9.03 28.87
C VAL H 95 -3.00 10.12 29.94
N ALA H 96 -2.74 11.37 29.56
CA ALA H 96 -2.81 12.45 30.54
C ALA H 96 -4.23 12.62 31.07
N SER H 97 -5.24 12.53 30.20
CA SER H 97 -6.61 12.70 30.64
C SER H 97 -7.03 11.61 31.61
N LEU H 98 -6.57 10.37 31.39
CA LEU H 98 -6.90 9.29 32.31
C LEU H 98 -6.24 9.49 33.66
N VAL H 99 -4.98 9.93 33.68
CA VAL H 99 -4.29 10.18 34.94
C VAL H 99 -4.95 11.32 35.70
N ILE H 100 -5.36 12.37 34.97
CA ILE H 100 -6.02 13.50 35.63
C ILE H 100 -7.38 13.08 36.18
N ALA H 101 -8.13 12.28 35.42
CA ALA H 101 -9.42 11.79 35.89
C ALA H 101 -9.27 10.92 37.13
N GLN H 102 -8.17 10.15 37.20
CA GLN H 102 -7.95 9.32 38.39
C GLN H 102 -7.52 10.16 39.58
N LEU H 103 -6.64 11.13 39.36
CA LEU H 103 -6.18 11.97 40.47
C LEU H 103 -7.30 12.79 41.07
N LEU H 104 -8.19 13.33 40.22
CA LEU H 104 -9.31 14.11 40.73
C LEU H 104 -10.37 13.24 41.37
N PHE H 105 -10.49 11.99 40.92
CA PHE H 105 -11.39 11.06 41.60
C PHE H 105 -10.83 10.64 42.95
N LEU H 106 -9.52 10.44 43.04
CA LEU H 106 -8.92 10.06 44.31
C LEU H 106 -8.96 11.19 45.32
N GLN H 107 -8.88 12.44 44.86
CA GLN H 107 -8.97 13.57 45.78
C GLN H 107 -10.41 13.74 46.27
N SER H 108 -11.39 13.49 45.40
CA SER H 108 -12.79 13.57 45.82
C SER H 108 -13.12 12.49 46.85
N GLU H 109 -12.48 11.33 46.76
CA GLU H 109 -12.68 10.29 47.77
C GLU H 109 -12.05 10.68 49.09
N SER H 110 -10.87 11.29 49.06
CA SER H 110 -10.18 11.71 50.28
C SER H 110 -9.08 12.69 49.89
N ASN H 111 -9.10 13.88 50.50
CA ASN H 111 -8.05 14.86 50.29
C ASN H 111 -6.90 14.71 51.28
N LYS H 112 -6.98 13.71 52.17
CA LYS H 112 -5.93 13.44 53.15
C LYS H 112 -5.09 12.23 52.80
N LYS H 113 -5.72 11.16 52.30
CA LYS H 113 -4.99 9.93 52.01
C LYS H 113 -3.99 10.17 50.90
N PRO H 114 -2.75 9.69 51.05
CA PRO H 114 -1.75 9.92 49.99
C PRO H 114 -2.04 9.09 48.74
N ILE H 115 -1.59 9.62 47.61
CA ILE H 115 -1.75 8.98 46.31
C ILE H 115 -0.40 8.49 45.84
N HIS H 116 -0.33 7.24 45.41
CA HIS H 116 0.90 6.65 44.90
C HIS H 116 0.87 6.63 43.38
N MET H 117 1.98 7.02 42.77
CA MET H 117 2.08 7.13 41.32
C MET H 117 3.26 6.30 40.84
N TYR H 118 2.96 5.19 40.16
CA TYR H 118 3.99 4.34 39.56
C TYR H 118 4.30 4.84 38.16
N ILE H 119 5.59 5.03 37.88
CA ILE H 119 6.05 5.65 36.65
C ILE H 119 6.97 4.69 35.91
N ASN H 120 6.64 4.38 34.65
CA ASN H 120 7.46 3.61 33.74
C ASN H 120 7.17 4.14 32.33
N SER H 121 7.66 5.35 32.06
CA SER H 121 7.31 6.06 30.85
C SER H 121 8.57 6.58 30.16
N PRO H 122 8.72 6.38 28.85
CA PRO H 122 9.80 7.04 28.11
C PRO H 122 9.54 8.50 27.80
N GLY H 123 8.39 9.03 28.20
CA GLY H 123 8.03 10.40 27.94
C GLY H 123 6.94 10.52 26.89
N GLY H 124 6.81 11.72 26.35
CA GLY H 124 5.82 11.97 25.33
C GLY H 124 5.55 13.44 25.09
N VAL H 125 4.27 13.79 24.89
CA VAL H 125 3.90 15.17 24.62
C VAL H 125 4.17 16.03 25.84
N VAL H 126 4.73 17.22 25.61
CA VAL H 126 5.06 18.13 26.70
C VAL H 126 3.79 18.68 27.34
N THR H 127 2.82 19.07 26.52
CA THR H 127 1.57 19.61 27.06
C THR H 127 0.83 18.56 27.89
N ALA H 128 0.95 17.28 27.52
CA ALA H 128 0.33 16.24 28.32
C ALA H 128 1.03 16.07 29.66
N GLY H 129 2.35 16.22 29.68
CA GLY H 129 3.08 16.14 30.94
C GLY H 129 2.79 17.30 31.86
N LEU H 130 2.65 18.50 31.28
CA LEU H 130 2.29 19.66 32.08
C LEU H 130 0.87 19.55 32.63
N ALA H 131 -0.03 18.91 31.88
CA ALA H 131 -1.38 18.70 32.38
C ALA H 131 -1.39 17.83 33.63
N ILE H 132 -0.58 16.78 33.64
CA ILE H 132 -0.48 15.92 34.81
C ILE H 132 0.19 16.66 35.96
N TYR H 133 1.29 17.36 35.66
CA TYR H 133 2.03 18.07 36.70
C TYR H 133 1.16 19.10 37.40
N ASP H 134 0.34 19.82 36.64
CA ASP H 134 -0.54 20.81 37.25
C ASP H 134 -1.54 20.17 38.19
N THR H 135 -2.15 19.05 37.76
CA THR H 135 -3.08 18.35 38.63
C THR H 135 -2.40 17.79 39.87
N MET H 136 -1.14 17.35 39.73
CA MET H 136 -0.40 16.86 40.89
C MET H 136 -0.20 17.96 41.92
N GLN H 137 0.29 19.12 41.49
CA GLN H 137 0.50 20.24 42.41
C GLN H 137 -0.81 20.82 42.91
N TYR H 138 -1.92 20.61 42.19
CA TYR H 138 -3.19 21.21 42.59
C TYR H 138 -3.84 20.43 43.72
N ILE H 139 -3.93 19.11 43.59
CA ILE H 139 -4.59 18.30 44.61
C ILE H 139 -3.83 18.38 45.92
N LEU H 140 -4.58 18.39 47.02
CA LEU H 140 -3.98 18.54 48.34
C LEU H 140 -3.33 17.26 48.84
N ASN H 141 -3.63 16.12 48.22
CA ASN H 141 -3.09 14.86 48.70
C ASN H 141 -1.58 14.80 48.51
N PRO H 142 -0.84 14.29 49.50
CA PRO H 142 0.58 14.00 49.26
C PRO H 142 0.73 12.92 48.20
N ILE H 143 1.67 13.13 47.29
CA ILE H 143 1.87 12.25 46.14
C ILE H 143 3.22 11.57 46.29
N CYS H 144 3.21 10.25 46.40
CA CYS H 144 4.42 9.45 46.44
C CYS H 144 4.67 8.91 45.04
N THR H 145 5.77 9.36 44.42
CA THR H 145 6.14 8.90 43.10
C THR H 145 7.13 7.75 43.20
N TRP H 146 6.90 6.72 42.39
CA TRP H 146 7.73 5.51 42.38
C TRP H 146 8.16 5.24 40.95
N CYS H 147 9.45 5.35 40.69
CA CYS H 147 10.00 5.10 39.36
C CYS H 147 10.38 3.63 39.23
N VAL H 148 9.74 2.94 38.30
CA VAL H 148 10.06 1.55 37.98
C VAL H 148 10.46 1.49 36.51
N GLY H 149 11.63 0.93 36.25
CA GLY H 149 12.11 0.82 34.89
C GLY H 149 12.80 2.07 34.40
N GLN H 150 12.03 3.08 34.02
CA GLN H 150 12.61 4.32 33.51
C GLN H 150 11.60 5.45 33.66
N ALA H 151 12.13 6.68 33.81
CA ALA H 151 11.33 7.90 33.85
C ALA H 151 12.07 8.94 33.03
N ALA H 152 11.72 9.02 31.75
CA ALA H 152 12.39 9.91 30.81
C ALA H 152 11.42 10.96 30.30
N SER H 153 11.99 12.08 29.82
CA SER H 153 11.24 13.20 29.24
C SER H 153 10.26 13.70 30.29
N MET H 154 8.96 13.75 30.01
CA MET H 154 8.00 14.21 31.02
C MET H 154 7.83 13.21 32.15
N GLY H 155 8.22 11.96 31.95
CA GLY H 155 8.17 10.99 33.03
C GLY H 155 9.12 11.34 34.17
N SER H 156 10.27 11.93 33.84
CA SER H 156 11.18 12.40 34.88
C SER H 156 10.65 13.63 35.59
N LEU H 157 9.83 14.44 34.89
CA LEU H 157 9.24 15.61 35.53
C LEU H 157 8.16 15.20 36.53
N LEU H 158 7.33 14.22 36.18
CA LEU H 158 6.34 13.71 37.11
C LEU H 158 7.00 13.03 38.31
N LEU H 159 8.13 12.37 38.10
CA LEU H 159 8.87 11.77 39.20
C LEU H 159 9.39 12.83 40.16
N ALA H 160 9.90 13.95 39.61
CA ALA H 160 10.37 15.03 40.46
C ALA H 160 9.22 15.84 41.05
N ALA H 161 8.02 15.73 40.48
CA ALA H 161 6.86 16.47 40.95
C ALA H 161 6.24 15.88 42.21
N GLY H 162 6.75 14.75 42.70
CA GLY H 162 6.22 14.17 43.91
C GLY H 162 6.47 15.02 45.13
N THR H 163 5.73 14.71 46.20
CA THR H 163 5.89 15.43 47.45
C THR H 163 7.31 15.26 47.96
N PRO H 164 7.97 16.34 48.40
CA PRO H 164 9.35 16.23 48.88
C PRO H 164 9.49 15.19 49.98
N GLY H 165 10.50 14.33 49.83
CA GLY H 165 10.70 13.21 50.74
C GLY H 165 9.96 11.95 50.35
N MET H 166 9.15 11.98 49.29
CA MET H 166 8.33 10.85 48.88
C MET H 166 8.56 10.50 47.41
N ARG H 167 9.79 10.70 46.93
CA ARG H 167 10.16 10.40 45.55
C ARG H 167 11.17 9.27 45.56
N HIS H 168 10.79 8.10 45.05
CA HIS H 168 11.60 6.90 45.14
C HIS H 168 11.90 6.35 43.75
N SER H 169 12.81 5.39 43.70
CA SER H 169 13.18 4.73 42.46
C SER H 169 13.87 3.41 42.79
N LEU H 170 13.69 2.43 41.90
CA LEU H 170 14.33 1.14 42.04
C LEU H 170 15.78 1.23 41.59
N PRO H 171 16.63 0.27 42.01
CA PRO H 171 18.08 0.45 41.79
C PRO H 171 18.49 0.54 40.33
N ASN H 172 17.92 -0.30 39.46
CA ASN H 172 18.34 -0.37 38.06
C ASN H 172 17.45 0.46 37.14
N SER H 173 16.79 1.49 37.66
CA SER H 173 16.07 2.41 36.81
C SER H 173 17.04 3.41 36.17
N ARG H 174 16.51 4.23 35.27
CA ARG H 174 17.30 5.31 34.70
C ARG H 174 16.39 6.49 34.41
N ILE H 175 16.90 7.70 34.64
CA ILE H 175 16.14 8.93 34.51
C ILE H 175 16.81 9.77 33.44
N MET H 176 16.01 10.27 32.49
CA MET H 176 16.51 11.10 31.41
C MET H 176 15.72 12.40 31.36
N ILE H 177 16.44 13.51 31.21
CA ILE H 177 15.85 14.83 31.06
C ILE H 177 16.42 15.48 29.81
N HIS H 178 15.60 16.31 29.16
CA HIS H 178 16.03 16.98 27.94
C HIS H 178 15.08 18.14 27.64
N GLN H 179 15.57 19.09 26.87
CA GLN H 179 14.74 20.19 26.42
C GLN H 179 13.65 19.67 25.49
N PRO H 180 12.49 20.32 25.47
CA PRO H 180 11.39 19.82 24.64
C PRO H 180 11.68 19.95 23.15
N SER H 181 11.00 19.11 22.38
CA SER H 181 11.08 19.12 20.93
C SER H 181 9.68 19.28 20.35
N GLY H 182 9.62 19.80 19.13
CA GLY H 182 8.33 20.02 18.50
C GLY H 182 8.49 20.36 17.03
N GLY H 183 7.37 20.74 16.42
CA GLY H 183 7.34 21.06 15.01
C GLY H 183 6.66 22.40 14.76
N ALA H 184 6.83 22.88 13.53
CA ALA H 184 6.23 24.14 13.10
C ALA H 184 6.24 24.19 11.58
N ARG H 185 5.11 24.59 11.00
CA ARG H 185 5.00 24.67 9.56
C ARG H 185 3.91 25.67 9.19
N GLY H 186 4.14 26.39 8.10
CA GLY H 186 3.21 27.38 7.60
C GLY H 186 3.97 28.58 7.09
N GLN H 187 3.29 29.72 7.04
CA GLN H 187 3.92 30.96 6.63
C GLN H 187 4.95 31.41 7.67
N ALA H 188 5.80 32.35 7.27
CA ALA H 188 6.84 32.85 8.16
C ALA H 188 6.25 33.48 9.41
N THR H 189 5.08 34.11 9.30
CA THR H 189 4.41 34.67 10.47
C THR H 189 4.00 33.57 11.44
N ASP H 190 3.47 32.46 10.92
CA ASP H 190 3.07 31.36 11.78
C ASP H 190 4.27 30.64 12.39
N ILE H 191 5.39 30.57 11.64
CA ILE H 191 6.60 29.95 12.16
C ILE H 191 7.10 30.70 13.38
N GLU H 192 7.10 32.04 13.32
CA GLU H 192 7.59 32.83 14.44
C GLU H 192 6.66 32.73 15.65
N ILE H 193 5.35 32.58 15.42
CA ILE H 193 4.42 32.40 16.53
C ILE H 193 4.64 31.04 17.19
N GLN H 194 4.75 29.98 16.38
CA GLN H 194 4.95 28.66 16.93
C GLN H 194 6.33 28.51 17.57
N ALA H 195 7.35 29.19 17.02
CA ALA H 195 8.68 29.11 17.59
C ALA H 195 8.75 29.83 18.94
N ARG H 196 8.13 31.00 19.04
CA ARG H 196 8.10 31.71 20.32
C ARG H 196 7.36 30.91 21.38
N GLU H 197 6.33 30.15 20.98
CA GLU H 197 5.58 29.37 21.96
C GLU H 197 6.37 28.15 22.43
N ILE H 198 7.15 27.54 21.52
CA ILE H 198 7.99 26.42 21.93
C ILE H 198 9.11 26.90 22.85
N MET H 199 9.68 28.07 22.55
CA MET H 199 10.71 28.63 23.43
C MET H 199 10.14 28.99 24.80
N LYS H 200 8.87 29.41 24.85
CA LYS H 200 8.24 29.69 26.13
C LYS H 200 8.01 28.40 26.92
N LEU H 201 7.71 27.29 26.24
CA LEU H 201 7.59 26.01 26.94
C LEU H 201 8.93 25.55 27.47
N LYS H 202 10.01 25.79 26.72
CA LYS H 202 11.34 25.40 27.16
C LYS H 202 11.72 26.13 28.44
N LYS H 203 11.52 27.44 28.48
CA LYS H 203 11.78 28.20 29.70
C LYS H 203 10.82 27.82 30.81
N GLN H 204 9.60 27.42 30.47
CA GLN H 204 8.63 27.02 31.48
C GLN H 204 9.03 25.71 32.14
N LEU H 205 9.50 24.73 31.36
CA LEU H 205 9.95 23.47 31.92
C LEU H 205 11.22 23.66 32.74
N TYR H 206 12.14 24.52 32.28
CA TYR H 206 13.37 24.73 33.01
C TYR H 206 13.11 25.31 34.40
N ASN H 207 12.12 26.20 34.51
CA ASN H 207 11.79 26.75 35.82
C ASN H 207 11.13 25.73 36.72
N ILE H 208 10.34 24.82 36.16
CA ILE H 208 9.69 23.78 36.96
C ILE H 208 10.73 22.80 37.50
N TYR H 209 11.68 22.38 36.65
CA TYR H 209 12.74 21.48 37.11
C TYR H 209 13.59 22.13 38.18
N ALA H 210 13.99 23.39 37.97
CA ALA H 210 14.81 24.08 38.95
C ALA H 210 14.06 24.28 40.27
N LYS H 211 12.74 24.32 40.23
CA LYS H 211 11.96 24.49 41.44
C LYS H 211 11.97 23.24 42.30
N HIS H 212 11.78 22.06 41.68
CA HIS H 212 11.67 20.81 42.43
C HIS H 212 13.00 20.12 42.64
N THR H 213 14.01 20.40 41.82
CA THR H 213 15.34 19.84 42.00
C THR H 213 16.24 20.74 42.85
N LYS H 214 15.78 21.93 43.20
CA LYS H 214 16.53 22.91 43.99
C LYS H 214 17.83 23.33 43.29
N GLN H 215 17.91 23.13 41.99
CA GLN H 215 19.07 23.54 41.20
C GLN H 215 18.85 24.93 40.61
N SER H 216 19.94 25.52 40.13
CA SER H 216 19.85 26.82 39.49
C SER H 216 19.46 26.66 38.02
N LEU H 217 18.94 27.75 37.44
CA LEU H 217 18.57 27.72 36.03
C LEU H 217 19.77 27.47 35.13
N GLN H 218 20.92 28.05 35.49
CA GLN H 218 22.13 27.84 34.70
C GLN H 218 22.53 26.37 34.67
N VAL H 219 22.30 25.66 35.78
CA VAL H 219 22.57 24.22 35.81
C VAL H 219 21.54 23.47 34.97
N ILE H 220 20.27 23.86 35.07
CA ILE H 220 19.22 23.19 34.32
C ILE H 220 19.39 23.43 32.83
N GLU H 221 19.82 24.63 32.44
CA GLU H 221 19.98 24.95 31.02
C GLU H 221 21.10 24.13 30.40
N SER H 222 22.20 23.93 31.12
CA SER H 222 23.33 23.19 30.59
C SER H 222 23.13 21.68 30.64
N ALA H 223 22.28 21.19 31.55
CA ALA H 223 22.08 19.75 31.67
C ALA H 223 21.06 19.23 30.67
N MET H 224 20.02 20.02 30.39
CA MET H 224 18.94 19.59 29.51
C MET H 224 19.13 20.05 28.07
N GLU H 225 20.30 20.59 27.72
CA GLU H 225 20.55 20.99 26.34
C GLU H 225 20.53 19.79 25.41
N ARG H 226 21.15 18.70 25.83
CA ARG H 226 21.08 17.42 25.13
C ARG H 226 20.45 16.38 26.06
N ASP H 227 20.27 15.17 25.54
CA ASP H 227 19.73 14.09 26.36
C ASP H 227 20.66 13.79 27.52
N ARG H 228 20.13 13.84 28.73
CA ARG H 228 20.91 13.69 29.96
C ARG H 228 20.36 12.49 30.73
N TYR H 229 21.03 11.35 30.60
CA TYR H 229 20.63 10.14 31.31
C TYR H 229 21.32 10.08 32.67
N MET H 230 20.58 9.62 33.68
CA MET H 230 21.09 9.56 35.04
C MET H 230 20.71 8.22 35.67
N SER H 231 21.59 7.72 36.53
CA SER H 231 21.26 6.60 37.39
C SER H 231 20.47 7.10 38.59
N PRO H 232 19.78 6.19 39.30
CA PRO H 232 19.05 6.63 40.50
C PRO H 232 19.93 7.34 41.52
N MET H 233 21.19 6.93 41.65
CA MET H 233 22.10 7.68 42.52
C MET H 233 22.43 9.04 41.94
N GLU H 234 22.59 9.12 40.62
CA GLU H 234 22.84 10.41 39.98
C GLU H 234 21.60 11.28 39.99
N ALA H 235 20.41 10.67 39.84
CA ALA H 235 19.18 11.44 39.88
C ALA H 235 18.88 11.94 41.29
N GLN H 236 19.20 11.14 42.31
CA GLN H 236 19.04 11.60 43.69
C GLN H 236 19.98 12.76 43.98
N GLU H 237 21.22 12.67 43.53
CA GLU H 237 22.16 13.77 43.73
C GLU H 237 21.76 15.00 42.93
N PHE H 238 21.19 14.81 41.75
CA PHE H 238 20.74 15.94 40.94
C PHE H 238 19.55 16.64 41.59
N GLY H 239 18.75 15.92 42.35
CA GLY H 239 17.57 16.47 42.99
C GLY H 239 16.24 16.04 42.41
N ILE H 240 16.23 14.99 41.58
CA ILE H 240 14.98 14.56 40.96
C ILE H 240 14.19 13.66 41.88
N LEU H 241 14.86 12.73 42.55
CA LEU H 241 14.21 11.82 43.49
C LEU H 241 14.91 11.89 44.84
N ASP H 242 14.31 11.26 45.84
CA ASP H 242 14.78 11.34 47.22
C ASP H 242 15.52 10.10 47.68
N LYS H 243 14.92 8.91 47.48
CA LYS H 243 15.50 7.68 48.00
C LYS H 243 15.62 6.65 46.88
N VAL H 244 16.74 5.92 46.89
CA VAL H 244 16.94 4.75 46.05
C VAL H 244 16.75 3.52 46.93
N LEU H 245 15.76 2.70 46.60
CA LEU H 245 15.34 1.60 47.47
C LEU H 245 15.78 0.26 46.90
N VAL H 246 16.32 -0.59 47.76
CA VAL H 246 16.67 -1.97 47.40
C VAL H 246 15.57 -2.89 47.92
N HIS H 247 15.44 -2.98 49.24
CA HIS H 247 14.39 -3.75 49.89
C HIS H 247 13.64 -2.84 50.84
N PRO H 248 12.30 -2.88 50.85
CA PRO H 248 11.50 -2.03 51.75
C PRO H 248 11.57 -2.49 53.20
N LEU I 58 -10.03 -15.42 22.82
CA LEU I 58 -9.11 -16.51 22.51
C LEU I 58 -8.62 -17.17 23.79
N ILE I 59 -9.04 -16.62 24.92
CA ILE I 59 -8.66 -17.11 26.25
C ILE I 59 -9.87 -17.80 26.86
N PRO I 60 -9.73 -19.01 27.40
CA PRO I 60 -10.90 -19.68 28.01
C PRO I 60 -11.30 -19.02 29.33
N ILE I 61 -12.59 -19.13 29.64
CA ILE I 61 -13.18 -18.49 30.81
C ILE I 61 -13.55 -19.56 31.83
N VAL I 62 -12.93 -19.51 33.00
CA VAL I 62 -13.25 -20.45 34.06
C VAL I 62 -14.00 -19.75 35.19
N ARG I 71 -19.11 -15.76 39.23
CA ARG I 71 -17.89 -15.02 38.94
C ARG I 71 -17.04 -15.79 37.93
N ALA I 72 -16.42 -15.07 36.99
CA ALA I 72 -15.68 -15.72 35.92
C ALA I 72 -14.43 -14.90 35.59
N TYR I 73 -13.42 -15.58 35.06
CA TYR I 73 -12.17 -14.95 34.65
C TYR I 73 -11.51 -15.83 33.61
N ASP I 74 -10.49 -15.28 32.96
CA ASP I 74 -9.72 -16.05 31.99
C ASP I 74 -8.72 -16.96 32.71
N ILE I 75 -8.05 -17.81 31.93
CA ILE I 75 -7.15 -18.80 32.51
C ILE I 75 -5.95 -18.12 33.17
N TYR I 76 -5.53 -16.96 32.67
CA TYR I 76 -4.42 -16.25 33.28
C TYR I 76 -4.84 -15.58 34.58
N SER I 77 -6.06 -15.04 34.64
CA SER I 77 -6.54 -14.44 35.88
C SER I 77 -6.82 -15.50 36.94
N ARG I 78 -7.21 -16.70 36.51
CA ARG I 78 -7.40 -17.79 37.46
C ARG I 78 -6.08 -18.21 38.10
N LEU I 79 -5.02 -18.28 37.29
CA LEU I 79 -3.71 -18.60 37.84
C LEU I 79 -3.18 -17.49 38.73
N LEU I 80 -3.56 -16.24 38.45
CA LEU I 80 -3.14 -15.13 39.30
C LEU I 80 -3.74 -15.23 40.70
N ARG I 81 -4.94 -15.79 40.81
CA ARG I 81 -5.52 -16.02 42.14
C ARG I 81 -4.71 -17.05 42.91
N GLU I 82 -4.07 -17.98 42.21
CA GLU I 82 -3.14 -18.91 42.82
C GLU I 82 -1.74 -18.33 42.94
N ARG I 83 -1.60 -17.00 42.84
CA ARG I 83 -0.31 -16.31 42.96
C ARG I 83 0.68 -16.79 41.89
N ILE I 84 0.24 -16.75 40.64
CA ILE I 84 1.05 -17.16 39.50
C ILE I 84 1.03 -16.04 38.47
N VAL I 85 2.20 -15.49 38.15
CA VAL I 85 2.35 -14.47 37.14
C VAL I 85 3.01 -15.11 35.91
N CYS I 86 2.42 -14.89 34.74
CA CYS I 86 2.89 -15.49 33.50
C CYS I 86 3.62 -14.45 32.67
N VAL I 87 4.91 -14.68 32.43
CA VAL I 87 5.70 -13.85 31.52
C VAL I 87 5.96 -14.67 30.27
N MET I 88 5.00 -14.68 29.35
CA MET I 88 5.04 -15.54 28.17
C MET I 88 4.84 -14.69 26.93
N GLY I 89 5.84 -14.68 26.06
CA GLY I 89 5.82 -13.83 24.89
C GLY I 89 6.89 -12.76 24.96
N PRO I 90 7.03 -11.97 23.90
CA PRO I 90 8.03 -10.89 23.91
C PRO I 90 7.76 -9.89 25.03
N ILE I 91 8.82 -9.45 25.66
CA ILE I 91 8.75 -8.55 26.82
C ILE I 91 8.98 -7.13 26.32
N ASP I 92 7.94 -6.30 26.42
CA ASP I 92 8.03 -4.88 26.14
C ASP I 92 7.54 -4.10 27.36
N ASP I 93 7.29 -2.80 27.17
CA ASP I 93 6.80 -1.98 28.27
C ASP I 93 5.40 -2.40 28.69
N SER I 94 4.56 -2.81 27.73
CA SER I 94 3.21 -3.24 28.07
C SER I 94 3.23 -4.51 28.91
N VAL I 95 4.07 -5.47 28.54
CA VAL I 95 4.16 -6.72 29.31
C VAL I 95 4.78 -6.47 30.68
N ALA I 96 5.84 -5.65 30.72
CA ALA I 96 6.52 -5.40 31.99
C ALA I 96 5.60 -4.71 32.98
N SER I 97 4.84 -3.70 32.52
CA SER I 97 3.95 -2.97 33.42
C SER I 97 2.90 -3.90 34.02
N LEU I 98 2.32 -4.78 33.22
CA LEU I 98 1.35 -5.74 33.74
C LEU I 98 1.99 -6.67 34.75
N VAL I 99 3.18 -7.19 34.43
CA VAL I 99 3.88 -8.08 35.36
C VAL I 99 4.21 -7.35 36.66
N ILE I 100 4.68 -6.10 36.55
CA ILE I 100 4.98 -5.32 37.75
C ILE I 100 3.70 -5.03 38.53
N ALA I 101 2.61 -4.75 37.81
CA ALA I 101 1.33 -4.52 38.48
C ALA I 101 0.84 -5.78 39.19
N GLN I 102 1.02 -6.94 38.55
CA GLN I 102 0.62 -8.20 39.17
C GLN I 102 1.48 -8.52 40.38
N LEU I 103 2.80 -8.28 40.28
CA LEU I 103 3.69 -8.53 41.41
C LEU I 103 3.36 -7.62 42.59
N LEU I 104 3.01 -6.36 42.31
CA LEU I 104 2.64 -5.45 43.39
C LEU I 104 1.32 -5.85 44.03
N PHE I 105 0.37 -6.32 43.23
CA PHE I 105 -0.90 -6.77 43.78
C PHE I 105 -0.72 -8.03 44.62
N LEU I 106 0.13 -8.96 44.16
CA LEU I 106 0.36 -10.18 44.93
C LEU I 106 1.08 -9.89 46.24
N GLN I 107 1.90 -8.85 46.28
CA GLN I 107 2.54 -8.47 47.54
C GLN I 107 1.55 -7.80 48.48
N SER I 108 0.62 -7.02 47.92
CA SER I 108 -0.40 -6.38 48.75
C SER I 108 -1.40 -7.38 49.31
N GLU I 109 -1.48 -8.59 48.75
CA GLU I 109 -2.30 -9.64 49.33
C GLU I 109 -1.57 -10.38 50.44
N SER I 110 -0.26 -10.54 50.31
CA SER I 110 0.55 -11.25 51.29
C SER I 110 2.01 -10.93 51.06
N ASN I 111 2.74 -10.67 52.15
CA ASN I 111 4.17 -10.42 52.08
C ASN I 111 4.99 -11.68 52.30
N LYS I 112 4.37 -12.79 52.69
CA LYS I 112 5.06 -14.03 53.00
C LYS I 112 4.82 -15.12 51.97
N LYS I 113 3.61 -15.23 51.43
CA LYS I 113 3.30 -16.30 50.50
C LYS I 113 4.16 -16.16 49.24
N PRO I 114 4.83 -17.22 48.81
CA PRO I 114 5.71 -17.11 47.64
C PRO I 114 4.91 -16.85 46.36
N ILE I 115 5.58 -16.22 45.41
CA ILE I 115 5.01 -15.88 44.12
C ILE I 115 5.65 -16.77 43.05
N HIS I 116 4.82 -17.36 42.20
CA HIS I 116 5.30 -18.23 41.12
C HIS I 116 5.29 -17.45 39.81
N MET I 117 6.40 -17.48 39.09
CA MET I 117 6.55 -16.77 37.82
C MET I 117 6.85 -17.79 36.73
N TYR I 118 5.90 -17.98 35.82
CA TYR I 118 6.08 -18.86 34.68
C TYR I 118 6.63 -18.07 33.50
N ILE I 119 7.70 -18.58 32.89
CA ILE I 119 8.45 -17.86 31.87
C ILE I 119 8.44 -18.67 30.58
N ASN I 120 8.02 -18.05 29.49
CA ASN I 120 8.07 -18.60 28.14
C ASN I 120 8.22 -17.42 27.18
N SER I 121 9.36 -16.76 27.26
CA SER I 121 9.60 -15.52 26.55
C SER I 121 10.84 -15.62 25.67
N PRO I 122 10.77 -15.17 24.41
CA PRO I 122 11.98 -15.09 23.59
C PRO I 122 12.82 -13.85 23.85
N GLY I 123 12.40 -12.98 24.75
CA GLY I 123 13.13 -11.77 25.07
C GLY I 123 12.41 -10.52 24.58
N GLY I 124 13.12 -9.41 24.67
CA GLY I 124 12.56 -8.13 24.24
C GLY I 124 13.39 -6.94 24.64
N VAL I 125 12.71 -5.86 25.05
CA VAL I 125 13.40 -4.63 25.43
C VAL I 125 14.17 -4.84 26.73
N VAL I 126 15.40 -4.34 26.78
CA VAL I 126 16.24 -4.52 27.97
C VAL I 126 15.68 -3.73 29.14
N THR I 127 15.23 -2.50 28.89
CA THR I 127 14.64 -1.71 29.97
C THR I 127 13.39 -2.36 30.53
N ALA I 128 12.65 -3.10 29.69
CA ALA I 128 11.48 -3.81 30.19
C ALA I 128 11.88 -4.97 31.10
N GLY I 129 12.93 -5.71 30.72
CA GLY I 129 13.39 -6.80 31.58
C GLY I 129 13.99 -6.30 32.88
N LEU I 130 14.71 -5.18 32.83
CA LEU I 130 15.27 -4.59 34.05
C LEU I 130 14.16 -4.10 34.97
N ALA I 131 13.07 -3.59 34.40
CA ALA I 131 11.93 -3.15 35.21
C ALA I 131 11.33 -4.32 35.98
N ILE I 132 11.20 -5.47 35.33
CA ILE I 132 10.68 -6.65 36.02
C ILE I 132 11.68 -7.15 37.04
N TYR I 133 12.98 -7.12 36.69
CA TYR I 133 14.01 -7.59 37.62
C TYR I 133 14.02 -6.76 38.91
N ASP I 134 13.94 -5.43 38.77
CA ASP I 134 13.93 -4.57 39.95
C ASP I 134 12.74 -4.88 40.85
N THR I 135 11.55 -5.04 40.26
CA THR I 135 10.37 -5.37 41.06
C THR I 135 10.51 -6.75 41.71
N MET I 136 11.17 -7.69 41.02
CA MET I 136 11.39 -9.01 41.62
C MET I 136 12.28 -8.93 42.85
N GLN I 137 13.37 -8.16 42.77
CA GLN I 137 14.27 -8.04 43.91
C GLN I 137 13.69 -7.15 45.01
N TYR I 138 12.81 -6.20 44.64
CA TYR I 138 12.29 -5.28 45.64
C TYR I 138 11.29 -5.96 46.56
N ILE I 139 10.30 -6.63 46.00
CA ILE I 139 9.24 -7.22 46.83
C ILE I 139 9.83 -8.26 47.78
N LEU I 140 9.22 -8.38 48.95
CA LEU I 140 9.72 -9.26 49.99
C LEU I 140 9.36 -10.72 49.77
N ASN I 141 8.37 -10.99 48.92
CA ASN I 141 7.91 -12.36 48.73
C ASN I 141 8.99 -13.18 48.03
N PRO I 142 9.19 -14.44 48.45
CA PRO I 142 10.05 -15.33 47.67
C PRO I 142 9.43 -15.60 46.31
N ILE I 143 10.27 -15.64 45.28
CA ILE I 143 9.82 -15.78 43.90
C ILE I 143 10.38 -17.08 43.34
N CYS I 144 9.49 -17.99 42.98
CA CYS I 144 9.86 -19.24 42.32
C CYS I 144 9.70 -19.04 40.80
N THR I 145 10.82 -19.09 40.08
CA THR I 145 10.81 -18.96 38.64
C THR I 145 10.75 -20.34 38.00
N TRP I 146 9.86 -20.50 37.02
CA TRP I 146 9.66 -21.77 36.33
C TRP I 146 9.80 -21.52 34.84
N CYS I 147 10.90 -22.00 34.25
CA CYS I 147 11.11 -21.85 32.82
C CYS I 147 10.36 -22.93 32.07
N VAL I 148 9.39 -22.51 31.26
CA VAL I 148 8.60 -23.41 30.41
C VAL I 148 8.85 -23.02 28.97
N GLY I 149 9.24 -23.99 28.15
CA GLY I 149 9.52 -23.73 26.75
C GLY I 149 10.88 -23.11 26.52
N GLN I 150 10.98 -21.79 26.70
CA GLN I 150 12.24 -21.11 26.50
C GLN I 150 12.31 -19.89 27.41
N ALA I 151 13.54 -19.50 27.74
CA ALA I 151 13.82 -18.29 28.53
C ALA I 151 15.05 -17.64 27.89
N ALA I 152 14.82 -16.83 26.88
CA ALA I 152 15.88 -16.21 26.10
C ALA I 152 15.94 -14.71 26.35
N SER I 153 17.13 -14.14 26.17
CA SER I 153 17.38 -12.69 26.31
C SER I 153 17.02 -12.30 27.74
N MET I 154 16.18 -11.28 27.94
CA MET I 154 15.81 -10.88 29.29
C MET I 154 15.02 -11.95 30.03
N GLY I 155 14.41 -12.89 29.30
CA GLY I 155 13.71 -13.98 29.96
C GLY I 155 14.64 -14.86 30.78
N SER I 156 15.87 -15.05 30.29
CA SER I 156 16.85 -15.79 31.07
C SER I 156 17.28 -15.01 32.31
N LEU I 157 17.30 -13.67 32.22
CA LEU I 157 17.64 -12.86 33.37
C LEU I 157 16.55 -12.96 34.44
N LEU I 158 15.29 -13.00 34.02
CA LEU I 158 14.19 -13.18 34.98
C LEU I 158 14.22 -14.57 35.61
N LEU I 159 14.64 -15.59 34.84
CA LEU I 159 14.77 -16.93 35.40
C LEU I 159 15.86 -16.97 36.46
N ALA I 160 17.01 -16.35 36.17
CA ALA I 160 18.10 -16.31 37.14
C ALA I 160 17.85 -15.35 38.29
N ALA I 161 16.85 -14.47 38.17
CA ALA I 161 16.53 -13.52 39.22
C ALA I 161 15.64 -14.11 40.31
N GLY I 162 15.25 -15.38 40.19
CA GLY I 162 14.42 -16.00 41.20
C GLY I 162 15.16 -16.20 42.51
N THR I 163 14.40 -16.59 43.52
CA THR I 163 14.97 -16.85 44.83
C THR I 163 15.96 -18.00 44.73
N PRO I 164 17.17 -17.87 45.31
CA PRO I 164 18.15 -18.96 45.22
C PRO I 164 17.60 -20.26 45.77
N GLY I 165 17.66 -21.30 44.94
CA GLY I 165 17.09 -22.59 45.28
C GLY I 165 15.68 -22.81 44.77
N MET I 166 15.07 -21.81 44.14
CA MET I 166 13.70 -21.91 43.65
C MET I 166 13.58 -21.61 42.17
N ARG I 167 14.67 -21.76 41.41
CA ARG I 167 14.69 -21.50 39.98
C ARG I 167 14.64 -22.85 39.25
N HIS I 168 13.53 -23.11 38.57
CA HIS I 168 13.27 -24.40 37.97
C HIS I 168 13.19 -24.29 36.45
N SER I 169 13.19 -25.45 35.80
CA SER I 169 13.09 -25.52 34.35
C SER I 169 12.66 -26.92 33.95
N LEU I 170 12.04 -27.02 32.79
CA LEU I 170 11.60 -28.29 32.23
C LEU I 170 12.72 -28.94 31.44
N PRO I 171 12.72 -30.27 31.31
CA PRO I 171 13.90 -30.97 30.76
C PRO I 171 14.25 -30.58 29.34
N ASN I 172 13.27 -30.25 28.49
CA ASN I 172 13.53 -29.88 27.11
C ASN I 172 13.45 -28.38 26.87
N SER I 173 13.59 -27.57 27.92
CA SER I 173 13.53 -26.13 27.78
C SER I 173 14.80 -25.62 27.10
N ARG I 174 14.87 -24.30 26.93
CA ARG I 174 15.98 -23.68 26.23
C ARG I 174 16.26 -22.32 26.83
N ILE I 175 17.53 -22.04 27.12
CA ILE I 175 17.94 -20.78 27.75
C ILE I 175 19.00 -20.14 26.86
N MET I 176 18.85 -18.85 26.60
CA MET I 176 19.79 -18.10 25.78
C MET I 176 20.11 -16.77 26.45
N ILE I 177 21.40 -16.41 26.48
CA ILE I 177 21.85 -15.14 27.00
C ILE I 177 22.66 -14.43 25.92
N HIS I 178 22.54 -13.11 25.88
CA HIS I 178 23.26 -12.32 24.88
C HIS I 178 23.33 -10.88 25.34
N GLN I 179 24.29 -10.15 24.75
CA GLN I 179 24.45 -8.74 25.06
C GLN I 179 23.30 -7.93 24.46
N PRO I 180 23.01 -6.76 25.03
CA PRO I 180 21.89 -5.96 24.53
C PRO I 180 22.19 -5.35 23.17
N SER I 181 21.12 -5.10 22.41
CA SER I 181 21.19 -4.43 21.13
C SER I 181 20.38 -3.15 21.19
N GLY I 182 20.58 -2.28 20.20
CA GLY I 182 19.86 -1.03 20.17
C GLY I 182 20.17 -0.26 18.91
N GLY I 183 19.80 1.02 18.92
CA GLY I 183 20.01 1.90 17.78
C GLY I 183 20.33 3.30 18.24
N ALA I 184 20.81 4.11 17.29
CA ALA I 184 21.18 5.48 17.56
C ALA I 184 21.12 6.27 16.26
N ARG I 185 20.52 7.47 16.32
CA ARG I 185 20.44 8.33 15.15
C ARG I 185 20.36 9.78 15.62
N GLY I 186 21.00 10.67 14.88
CA GLY I 186 21.04 12.08 15.17
C GLY I 186 22.41 12.64 14.90
N GLN I 187 22.70 13.78 15.52
CA GLN I 187 24.01 14.39 15.39
C GLN I 187 25.08 13.52 16.06
N ALA I 188 26.34 13.86 15.80
CA ALA I 188 27.45 13.11 16.39
C ALA I 188 27.42 13.19 17.91
N THR I 189 26.96 14.32 18.47
CA THR I 189 26.85 14.43 19.92
C THR I 189 25.75 13.51 20.46
N ASP I 190 24.62 13.44 19.76
CA ASP I 190 23.54 12.56 20.19
C ASP I 190 23.91 11.08 20.04
N ILE I 191 24.74 10.76 19.04
CA ILE I 191 25.20 9.38 18.87
C ILE I 191 26.05 8.96 20.06
N GLU I 192 26.98 9.83 20.47
CA GLU I 192 27.88 9.50 21.57
C GLU I 192 27.13 9.34 22.88
N ILE I 193 26.11 10.18 23.11
CA ILE I 193 25.33 10.07 24.34
C ILE I 193 24.57 8.75 24.38
N GLN I 194 23.88 8.41 23.29
CA GLN I 194 23.12 7.17 23.25
C GLN I 194 24.04 5.96 23.23
N ALA I 195 25.23 6.08 22.65
CA ALA I 195 26.16 4.97 22.63
C ALA I 195 26.70 4.67 24.02
N ARG I 196 27.05 5.73 24.78
CA ARG I 196 27.52 5.52 26.15
C ARG I 196 26.43 4.92 27.03
N GLU I 197 25.16 5.17 26.70
CA GLU I 197 24.07 4.64 27.50
C GLU I 197 23.89 3.14 27.28
N ILE I 198 24.00 2.69 26.02
CA ILE I 198 23.85 1.26 25.74
C ILE I 198 25.04 0.48 26.26
N MET I 199 26.20 1.13 26.44
CA MET I 199 27.34 0.47 27.06
C MET I 199 27.19 0.39 28.57
N LYS I 200 26.53 1.38 29.18
CA LYS I 200 26.23 1.29 30.60
C LYS I 200 25.20 0.20 30.88
N LEU I 201 24.20 0.06 30.00
CA LEU I 201 23.25 -1.03 30.13
C LEU I 201 23.92 -2.38 29.92
N LYS I 202 24.93 -2.45 29.06
CA LYS I 202 25.65 -3.69 28.85
C LYS I 202 26.40 -4.11 30.10
N LYS I 203 27.15 -3.17 30.70
CA LYS I 203 27.85 -3.48 31.94
C LYS I 203 26.87 -3.70 33.09
N GLN I 204 25.71 -3.05 33.05
CA GLN I 204 24.72 -3.24 34.11
C GLN I 204 24.14 -4.65 34.08
N LEU I 205 23.83 -5.16 32.88
CA LEU I 205 23.34 -6.53 32.77
C LEU I 205 24.40 -7.54 33.20
N TYR I 206 25.65 -7.30 32.81
CA TYR I 206 26.73 -8.24 33.14
C TYR I 206 26.92 -8.35 34.65
N ASN I 207 26.84 -7.23 35.37
CA ASN I 207 26.97 -7.27 36.81
C ASN I 207 25.77 -7.93 37.47
N ILE I 208 24.59 -7.85 36.84
CA ILE I 208 23.41 -8.51 37.39
C ILE I 208 23.51 -10.01 37.16
N TYR I 209 23.92 -10.43 35.96
CA TYR I 209 24.09 -11.85 35.69
C TYR I 209 25.17 -12.45 36.58
N ALA I 210 26.30 -11.76 36.72
CA ALA I 210 27.38 -12.27 37.56
C ALA I 210 26.95 -12.35 39.03
N LYS I 211 26.00 -11.50 39.43
CA LYS I 211 25.54 -11.53 40.82
C LYS I 211 24.71 -12.77 41.10
N HIS I 212 23.82 -13.14 40.18
CA HIS I 212 22.90 -14.25 40.43
C HIS I 212 23.43 -15.59 39.93
N THR I 213 24.26 -15.59 38.89
CA THR I 213 24.91 -16.82 38.46
C THR I 213 26.17 -17.14 39.25
N LYS I 214 26.63 -16.21 40.10
CA LYS I 214 27.83 -16.39 40.91
C LYS I 214 29.05 -16.66 40.04
N GLN I 215 29.09 -16.02 38.88
CA GLN I 215 30.23 -16.07 37.98
C GLN I 215 31.03 -14.77 38.08
N SER I 216 32.24 -14.80 37.54
CA SER I 216 33.04 -13.59 37.47
C SER I 216 32.63 -12.75 36.26
N LEU I 217 33.01 -11.47 36.29
CA LEU I 217 32.71 -10.60 35.16
C LEU I 217 33.38 -11.09 33.89
N GLN I 218 34.57 -11.68 34.00
CA GLN I 218 35.26 -12.19 32.82
C GLN I 218 34.46 -13.30 32.15
N VAL I 219 33.85 -14.18 32.95
CA VAL I 219 33.07 -15.28 32.39
C VAL I 219 31.79 -14.74 31.76
N ILE I 220 31.17 -13.74 32.39
CA ILE I 220 29.93 -13.18 31.85
C ILE I 220 30.20 -12.43 30.56
N GLU I 221 31.27 -11.63 30.52
CA GLU I 221 31.60 -10.88 29.31
C GLU I 221 31.97 -11.80 28.16
N SER I 222 32.60 -12.94 28.45
CA SER I 222 33.01 -13.85 27.40
C SER I 222 31.83 -14.65 26.85
N ALA I 223 30.87 -15.01 27.71
CA ALA I 223 29.77 -15.85 27.29
C ALA I 223 28.68 -15.09 26.57
N MET I 224 28.52 -13.79 26.87
CA MET I 224 27.44 -13.00 26.30
C MET I 224 27.89 -12.09 25.16
N GLU I 225 29.11 -12.28 24.66
CA GLU I 225 29.54 -11.50 23.49
C GLU I 225 28.73 -11.89 22.26
N ARG I 226 28.43 -13.17 22.11
CA ARG I 226 27.56 -13.68 21.06
C ARG I 226 26.35 -14.36 21.70
N ASP I 227 25.42 -14.79 20.86
CA ASP I 227 24.25 -15.53 21.34
C ASP I 227 24.70 -16.87 21.92
N ARG I 228 24.38 -17.10 23.19
CA ARG I 228 24.84 -18.26 23.93
C ARG I 228 23.62 -19.09 24.32
N TYR I 229 23.37 -20.16 23.58
CA TYR I 229 22.25 -21.06 23.87
C TYR I 229 22.70 -22.15 24.83
N MET I 230 21.85 -22.46 25.79
CA MET I 230 22.15 -23.45 26.82
C MET I 230 21.00 -24.43 26.97
N SER I 231 21.33 -25.65 27.35
CA SER I 231 20.36 -26.64 27.76
C SER I 231 20.03 -26.48 29.24
N PRO I 232 18.94 -27.08 29.72
CA PRO I 232 18.66 -27.02 31.16
C PRO I 232 19.81 -27.53 32.03
N MET I 233 20.56 -28.53 31.56
CA MET I 233 21.72 -28.99 32.31
C MET I 233 22.86 -28.00 32.23
N GLU I 234 23.04 -27.35 31.07
CA GLU I 234 24.10 -26.36 30.93
C GLU I 234 23.76 -25.08 31.68
N ALA I 235 22.49 -24.67 31.65
CA ALA I 235 22.09 -23.48 32.39
C ALA I 235 22.16 -23.70 33.90
N GLN I 236 21.92 -24.92 34.36
CA GLN I 236 22.11 -25.24 35.77
C GLN I 236 23.59 -25.17 36.15
N GLU I 237 24.46 -25.71 35.30
CA GLU I 237 25.89 -25.66 35.56
C GLU I 237 26.42 -24.22 35.55
N PHE I 238 25.89 -23.40 34.65
CA PHE I 238 26.35 -22.02 34.54
C PHE I 238 25.86 -21.15 35.70
N GLY I 239 24.77 -21.53 36.34
CA GLY I 239 24.23 -20.77 37.45
C GLY I 239 22.95 -19.99 37.17
N ILE I 240 22.25 -20.28 36.08
CA ILE I 240 21.03 -19.56 35.77
C ILE I 240 19.83 -20.15 36.49
N LEU I 241 19.72 -21.48 36.50
CA LEU I 241 18.66 -22.17 37.22
C LEU I 241 19.27 -23.17 38.20
N ASP I 242 18.47 -23.60 39.16
CA ASP I 242 18.93 -24.45 40.25
C ASP I 242 18.64 -25.93 40.03
N LYS I 243 17.47 -26.27 39.49
CA LYS I 243 17.09 -27.67 39.34
C LYS I 243 16.24 -27.86 38.09
N VAL I 244 16.48 -28.98 37.41
CA VAL I 244 15.71 -29.38 36.23
C VAL I 244 14.71 -30.45 36.68
N LEU I 245 13.43 -30.12 36.63
CA LEU I 245 12.38 -30.96 37.19
C LEU I 245 11.72 -31.79 36.10
N VAL I 246 11.37 -33.03 36.44
CA VAL I 246 10.71 -33.93 35.49
C VAL I 246 9.28 -34.15 35.99
N HIS I 247 9.09 -33.98 37.29
CA HIS I 247 7.80 -34.12 37.93
C HIS I 247 7.74 -33.15 39.09
N PRO I 248 6.53 -32.77 39.51
CA PRO I 248 6.39 -31.82 40.62
C PRO I 248 7.09 -32.31 41.88
N PRO I 249 7.91 -31.46 42.51
CA PRO I 249 8.66 -31.80 43.72
C PRO I 249 7.77 -31.97 44.95
N LEU J 58 -17.79 -15.49 17.59
CA LEU J 58 -18.63 -16.55 17.06
C LEU J 58 -18.70 -17.72 18.04
N ILE J 59 -17.78 -17.74 18.99
CA ILE J 59 -17.67 -18.84 19.96
C ILE J 59 -18.99 -19.00 20.70
N PRO J 60 -19.60 -20.18 20.66
CA PRO J 60 -20.91 -20.36 21.30
C PRO J 60 -20.81 -20.31 22.82
N ILE J 61 -21.97 -20.13 23.45
CA ILE J 61 -22.08 -20.05 24.90
C ILE J 61 -23.08 -21.11 25.35
N VAL J 62 -22.71 -21.88 26.37
CA VAL J 62 -23.60 -22.91 26.90
C VAL J 62 -24.40 -22.37 28.07
N ALA J 72 -22.16 -19.42 32.59
CA ALA J 72 -21.95 -19.29 31.15
C ALA J 72 -20.47 -19.28 30.82
N TYR J 73 -20.10 -19.98 29.74
CA TYR J 73 -18.72 -20.05 29.30
C TYR J 73 -18.71 -20.11 27.78
N ASP J 74 -17.50 -20.21 27.22
CA ASP J 74 -17.37 -20.59 25.83
C ASP J 74 -17.39 -22.11 25.71
N ILE J 75 -17.52 -22.61 24.47
CA ILE J 75 -17.64 -24.04 24.26
C ILE J 75 -16.37 -24.76 24.70
N TYR J 76 -15.21 -24.10 24.59
CA TYR J 76 -13.96 -24.72 25.01
C TYR J 76 -13.80 -24.74 26.52
N SER J 77 -14.41 -23.79 27.22
CA SER J 77 -14.33 -23.78 28.68
C SER J 77 -15.32 -24.76 29.30
N ARG J 78 -16.50 -24.90 28.69
CA ARG J 78 -17.42 -25.94 29.10
C ARG J 78 -16.77 -27.32 28.95
N LEU J 79 -15.93 -27.49 27.93
CA LEU J 79 -15.14 -28.70 27.83
C LEU J 79 -14.02 -28.71 28.86
N LEU J 80 -13.42 -27.54 29.13
CA LEU J 80 -12.35 -27.48 30.11
C LEU J 80 -12.83 -27.86 31.51
N ARG J 81 -14.10 -27.57 31.82
CA ARG J 81 -14.66 -28.05 33.08
C ARG J 81 -14.75 -29.57 33.10
N GLU J 82 -14.96 -30.19 31.94
CA GLU J 82 -14.90 -31.63 31.79
C GLU J 82 -13.49 -32.14 31.62
N ARG J 83 -12.49 -31.34 31.99
CA ARG J 83 -11.07 -31.70 31.89
C ARG J 83 -10.70 -32.03 30.45
N ILE J 84 -11.00 -31.10 29.54
CA ILE J 84 -10.74 -31.26 28.12
C ILE J 84 -9.96 -30.06 27.64
N VAL J 85 -8.78 -30.29 27.07
CA VAL J 85 -7.95 -29.24 26.50
C VAL J 85 -7.94 -29.42 24.99
N CYS J 86 -8.29 -28.36 24.27
CA CYS J 86 -8.38 -28.39 22.81
C CYS J 86 -7.16 -27.72 22.21
N VAL J 87 -6.38 -28.49 21.45
CA VAL J 87 -5.23 -27.96 20.73
C VAL J 87 -5.57 -27.95 19.24
N MET J 88 -6.38 -26.99 18.81
CA MET J 88 -6.85 -26.89 17.44
C MET J 88 -6.20 -25.69 16.77
N GLY J 89 -5.67 -25.90 15.57
CA GLY J 89 -5.06 -24.83 14.82
C GLY J 89 -3.55 -24.80 14.98
N PRO J 90 -2.90 -23.83 14.33
CA PRO J 90 -1.44 -23.73 14.42
C PRO J 90 -0.99 -23.49 15.85
N ILE J 91 0.22 -23.97 16.17
CA ILE J 91 0.77 -23.92 17.51
C ILE J 91 1.91 -22.89 17.53
N ASP J 92 1.73 -21.83 18.30
CA ASP J 92 2.78 -20.83 18.49
C ASP J 92 2.89 -20.58 20.00
N ASP J 93 3.53 -19.47 20.36
CA ASP J 93 3.69 -19.14 21.78
C ASP J 93 2.35 -18.88 22.45
N SER J 94 1.42 -18.24 21.74
CA SER J 94 0.11 -17.96 22.31
C SER J 94 -0.67 -19.23 22.57
N VAL J 95 -0.67 -20.15 21.61
CA VAL J 95 -1.41 -21.40 21.77
C VAL J 95 -0.75 -22.28 22.82
N ALA J 96 0.59 -22.36 22.82
CA ALA J 96 1.28 -23.19 23.79
C ALA J 96 1.07 -22.66 25.20
N SER J 97 1.14 -21.34 25.39
CA SER J 97 0.94 -20.77 26.71
C SER J 97 -0.46 -21.08 27.25
N LEU J 98 -1.46 -21.03 26.38
CA LEU J 98 -2.82 -21.34 26.81
C LEU J 98 -2.97 -22.81 27.18
N VAL J 99 -2.37 -23.70 26.37
CA VAL J 99 -2.48 -25.12 26.66
C VAL J 99 -1.76 -25.48 27.96
N ILE J 100 -0.57 -24.91 28.16
CA ILE J 100 0.17 -25.19 29.39
C ILE J 100 -0.56 -24.63 30.60
N ALA J 101 -1.17 -23.45 30.47
CA ALA J 101 -1.93 -22.88 31.57
C ALA J 101 -3.13 -23.75 31.92
N GLN J 102 -3.77 -24.35 30.90
CA GLN J 102 -4.91 -25.22 31.15
C GLN J 102 -4.46 -26.54 31.77
N LEU J 103 -3.34 -27.08 31.32
CA LEU J 103 -2.84 -28.35 31.87
C LEU J 103 -2.43 -28.21 33.33
N LEU J 104 -1.99 -27.01 33.74
CA LEU J 104 -1.63 -26.81 35.14
C LEU J 104 -2.85 -26.49 36.00
N PHE J 105 -3.84 -25.80 35.43
CA PHE J 105 -5.08 -25.57 36.18
C PHE J 105 -5.85 -26.87 36.39
N LEU J 106 -5.87 -27.74 35.37
CA LEU J 106 -6.52 -29.04 35.53
C LEU J 106 -5.78 -29.92 36.53
N GLN J 107 -4.46 -29.77 36.62
CA GLN J 107 -3.70 -30.51 37.62
C GLN J 107 -4.03 -30.04 39.03
N SER J 108 -4.29 -28.74 39.20
CA SER J 108 -4.61 -28.21 40.53
C SER J 108 -5.96 -28.72 41.01
N GLU J 109 -6.94 -28.85 40.11
CA GLU J 109 -8.22 -29.40 40.50
C GLU J 109 -8.09 -30.84 40.98
N SER J 110 -7.30 -31.65 40.28
CA SER J 110 -7.09 -33.04 40.66
C SER J 110 -5.81 -33.53 40.00
N ASN J 111 -4.93 -34.13 40.79
CA ASN J 111 -3.69 -34.70 40.29
C ASN J 111 -3.83 -36.15 39.86
N LYS J 112 -5.04 -36.70 39.91
CA LYS J 112 -5.29 -38.08 39.54
C LYS J 112 -6.25 -38.22 38.36
N LYS J 113 -7.24 -37.35 38.26
CA LYS J 113 -8.22 -37.45 37.19
C LYS J 113 -7.53 -37.29 35.84
N PRO J 114 -7.86 -38.13 34.86
CA PRO J 114 -7.21 -38.02 33.55
C PRO J 114 -7.60 -36.74 32.82
N ILE J 115 -6.69 -36.27 31.97
CA ILE J 115 -6.88 -35.08 31.17
C ILE J 115 -6.98 -35.50 29.71
N HIS J 116 -7.98 -34.98 29.00
CA HIS J 116 -8.20 -35.30 27.60
C HIS J 116 -7.74 -34.14 26.74
N MET J 117 -6.95 -34.45 25.70
CA MET J 117 -6.39 -33.45 24.81
C MET J 117 -6.80 -33.78 23.38
N TYR J 118 -7.51 -32.86 22.74
CA TYR J 118 -7.97 -33.02 21.37
C TYR J 118 -7.08 -32.23 20.43
N ILE J 119 -6.56 -32.90 19.40
CA ILE J 119 -5.57 -32.33 18.50
C ILE J 119 -6.18 -32.23 17.11
N ASN J 120 -6.22 -31.02 16.56
CA ASN J 120 -6.55 -30.78 15.17
C ASN J 120 -5.63 -29.65 14.68
N SER J 121 -4.32 -29.90 14.77
CA SER J 121 -3.32 -28.88 14.54
C SER J 121 -2.47 -29.24 13.33
N PRO J 122 -2.20 -28.28 12.43
CA PRO J 122 -1.25 -28.52 11.34
C PRO J 122 0.20 -28.37 11.75
N GLY J 123 0.47 -28.00 12.99
CA GLY J 123 1.81 -27.80 13.48
C GLY J 123 2.12 -26.34 13.75
N GLY J 124 3.41 -26.06 13.90
CA GLY J 124 3.85 -24.70 14.15
C GLY J 124 5.25 -24.60 14.69
N VAL J 125 5.46 -23.67 15.63
CA VAL J 125 6.79 -23.46 16.20
C VAL J 125 7.21 -24.69 17.00
N VAL J 126 8.46 -25.10 16.83
CA VAL J 126 8.96 -26.28 17.52
C VAL J 126 9.11 -26.03 19.01
N THR J 127 9.61 -24.83 19.38
CA THR J 127 9.76 -24.51 20.79
C THR J 127 8.42 -24.47 21.50
N ALA J 128 7.35 -24.07 20.79
CA ALA J 128 6.03 -24.11 21.38
C ALA J 128 5.54 -25.54 21.56
N GLY J 129 5.82 -26.41 20.60
CA GLY J 129 5.43 -27.80 20.74
C GLY J 129 6.20 -28.52 21.82
N LEU J 130 7.50 -28.23 21.94
CA LEU J 130 8.29 -28.81 23.02
C LEU J 130 7.81 -28.31 24.39
N ALA J 131 7.30 -27.09 24.45
CA ALA J 131 6.78 -26.57 25.71
C ALA J 131 5.56 -27.35 26.16
N ILE J 132 4.67 -27.68 25.22
CA ILE J 132 3.49 -28.47 25.55
C ILE J 132 3.90 -29.89 25.93
N TYR J 133 4.84 -30.48 25.18
CA TYR J 133 5.30 -31.83 25.49
C TYR J 133 5.90 -31.91 26.89
N ASP J 134 6.73 -30.93 27.26
CA ASP J 134 7.33 -30.93 28.58
C ASP J 134 6.27 -30.85 29.66
N THR J 135 5.25 -30.01 29.47
CA THR J 135 4.19 -29.90 30.46
C THR J 135 3.40 -31.19 30.57
N MET J 136 3.17 -31.88 29.44
CA MET J 136 2.47 -33.15 29.47
C MET J 136 3.24 -34.18 30.29
N GLN J 137 4.55 -34.30 30.05
CA GLN J 137 5.34 -35.27 30.79
C GLN J 137 5.58 -34.82 32.23
N TYR J 138 5.58 -33.50 32.48
CA TYR J 138 5.82 -33.00 33.82
C TYR J 138 4.68 -33.36 34.76
N ILE J 139 3.45 -33.03 34.37
CA ILE J 139 2.30 -33.34 35.21
C ILE J 139 2.12 -34.85 35.32
N LEU J 140 1.79 -35.32 36.52
CA LEU J 140 1.59 -36.74 36.78
C LEU J 140 0.21 -37.23 36.36
N ASN J 141 -0.67 -36.33 35.92
CA ASN J 141 -2.00 -36.75 35.48
C ASN J 141 -1.89 -37.60 34.22
N PRO J 142 -2.67 -38.67 34.10
CA PRO J 142 -2.75 -39.37 32.82
C PRO J 142 -3.38 -38.49 31.77
N ILE J 143 -2.87 -38.60 30.54
CA ILE J 143 -3.32 -37.75 29.43
C ILE J 143 -3.78 -38.65 28.29
N CYS J 144 -5.05 -38.51 27.90
CA CYS J 144 -5.61 -39.22 26.76
C CYS J 144 -5.60 -38.26 25.56
N THR J 145 -4.85 -38.61 24.53
CA THR J 145 -4.75 -37.79 23.32
C THR J 145 -5.74 -38.30 22.28
N TRP J 146 -6.42 -37.37 21.62
CA TRP J 146 -7.45 -37.67 20.64
C TRP J 146 -7.17 -36.85 19.38
N CYS J 147 -6.81 -37.54 18.30
CA CYS J 147 -6.54 -36.88 17.03
C CYS J 147 -7.82 -36.78 16.21
N VAL J 148 -8.21 -35.55 15.87
CA VAL J 148 -9.37 -35.28 15.05
C VAL J 148 -8.92 -34.48 13.83
N GLY J 149 -9.32 -34.94 12.64
CA GLY J 149 -8.94 -34.27 11.42
C GLY J 149 -7.51 -34.53 11.01
N GLN J 150 -6.56 -33.91 11.70
CA GLN J 150 -5.14 -34.11 11.40
C GLN J 150 -4.31 -33.73 12.61
N ALA J 151 -3.12 -34.35 12.70
CA ALA J 151 -2.13 -34.05 13.73
C ALA J 151 -0.77 -34.04 13.03
N ALA J 152 -0.43 -32.91 12.43
CA ALA J 152 0.78 -32.78 11.63
C ALA J 152 1.82 -31.95 12.35
N SER J 153 3.08 -32.18 11.99
CA SER J 153 4.24 -31.45 12.53
C SER J 153 4.26 -31.65 14.05
N MET J 154 4.28 -30.59 14.86
CA MET J 154 4.29 -30.75 16.30
C MET J 154 2.98 -31.35 16.83
N GLY J 155 1.90 -31.25 16.06
CA GLY J 155 0.66 -31.88 16.48
C GLY J 155 0.76 -33.39 16.57
N SER J 156 1.61 -34.00 15.73
CA SER J 156 1.85 -35.44 15.82
C SER J 156 2.64 -35.79 17.07
N LEU J 157 3.55 -34.90 17.50
CA LEU J 157 4.33 -35.17 18.71
C LEU J 157 3.46 -35.12 19.95
N LEU J 158 2.51 -34.17 19.99
CA LEU J 158 1.58 -34.12 21.12
C LEU J 158 0.68 -35.33 21.16
N LEU J 159 0.34 -35.89 19.99
CA LEU J 159 -0.48 -37.10 19.95
C LEU J 159 0.28 -38.29 20.52
N ALA J 160 1.55 -38.43 20.16
CA ALA J 160 2.38 -39.53 20.65
C ALA J 160 2.87 -39.33 22.07
N ALA J 161 2.76 -38.11 22.61
CA ALA J 161 3.22 -37.82 23.96
C ALA J 161 2.22 -38.22 25.04
N GLY J 162 1.04 -38.70 24.66
CA GLY J 162 0.04 -39.09 25.63
C GLY J 162 0.46 -40.31 26.42
N THR J 163 -0.36 -40.62 27.42
CA THR J 163 -0.10 -41.78 28.27
C THR J 163 -0.17 -43.06 27.42
N PRO J 164 0.78 -43.98 27.56
CA PRO J 164 0.74 -45.22 26.76
C PRO J 164 -0.56 -45.97 26.99
N GLY J 165 -1.26 -46.25 25.88
CA GLY J 165 -2.55 -46.91 25.92
C GLY J 165 -3.75 -45.99 25.81
N MET J 166 -3.52 -44.68 25.76
CA MET J 166 -4.59 -43.68 25.75
C MET J 166 -4.46 -42.73 24.58
N ARG J 167 -3.80 -43.17 23.51
CA ARG J 167 -3.58 -42.37 22.31
C ARG J 167 -4.52 -42.89 21.22
N HIS J 168 -5.53 -42.09 20.89
CA HIS J 168 -6.58 -42.47 19.97
C HIS J 168 -6.56 -41.58 18.73
N SER J 169 -7.28 -42.01 17.71
CA SER J 169 -7.40 -41.25 16.46
C SER J 169 -8.65 -41.70 15.72
N LEU J 170 -9.29 -40.75 15.06
CA LEU J 170 -10.49 -41.02 14.27
C LEU J 170 -10.11 -41.69 12.95
N PRO J 171 -11.06 -42.37 12.29
CA PRO J 171 -10.70 -43.17 11.10
C PRO J 171 -10.08 -42.36 9.97
N ASN J 172 -10.64 -41.19 9.64
CA ASN J 172 -10.17 -40.40 8.51
C ASN J 172 -9.18 -39.32 8.91
N SER J 173 -8.50 -39.49 10.04
CA SER J 173 -7.50 -38.52 10.46
C SER J 173 -6.21 -38.70 9.65
N ARG J 174 -5.20 -37.91 9.98
CA ARG J 174 -3.97 -37.91 9.21
C ARG J 174 -2.83 -37.40 10.09
N ILE J 175 -1.75 -38.15 10.14
CA ILE J 175 -0.59 -37.82 10.98
C ILE J 175 0.60 -37.59 10.06
N MET J 176 1.27 -36.46 10.25
CA MET J 176 2.44 -36.10 9.45
C MET J 176 3.59 -35.76 10.38
N ILE J 177 4.78 -36.28 10.07
CA ILE J 177 5.99 -36.00 10.82
C ILE J 177 7.06 -35.53 9.86
N HIS J 178 7.89 -34.59 10.31
CA HIS J 178 8.96 -34.06 9.47
C HIS J 178 9.98 -33.35 10.36
N GLN J 179 11.19 -33.21 9.82
CA GLN J 179 12.25 -32.54 10.56
C GLN J 179 11.92 -31.04 10.69
N PRO J 180 12.42 -30.39 11.74
CA PRO J 180 12.09 -28.98 11.93
C PRO J 180 12.74 -28.08 10.89
N SER J 181 12.08 -26.96 10.62
CA SER J 181 12.58 -25.94 9.71
C SER J 181 12.81 -24.65 10.49
N GLY J 182 13.65 -23.79 9.92
CA GLY J 182 13.96 -22.54 10.59
C GLY J 182 14.67 -21.58 9.66
N GLY J 183 15.14 -20.47 10.25
CA GLY J 183 15.84 -19.47 9.50
C GLY J 183 17.04 -18.95 10.26
N ALA J 184 17.90 -18.23 9.55
CA ALA J 184 19.12 -17.68 10.13
C ALA J 184 19.63 -16.56 9.24
N ARG J 185 19.97 -15.42 9.85
CA ARG J 185 20.51 -14.30 9.11
C ARG J 185 21.42 -13.48 10.03
N GLY J 186 22.54 -13.04 9.49
CA GLY J 186 23.51 -12.28 10.25
C GLY J 186 24.91 -12.61 9.77
N GLN J 187 25.89 -12.31 10.62
CA GLN J 187 27.28 -12.60 10.30
C GLN J 187 27.51 -14.11 10.27
N ALA J 188 28.66 -14.51 9.73
CA ALA J 188 28.98 -15.92 9.62
C ALA J 188 29.08 -16.59 10.99
N THR J 189 29.52 -15.84 12.01
CA THR J 189 29.54 -16.40 13.36
C THR J 189 28.13 -16.64 13.87
N ASP J 190 27.21 -15.70 13.60
CA ASP J 190 25.83 -15.86 14.05
C ASP J 190 25.13 -16.97 13.29
N ILE J 191 25.47 -17.17 12.01
CA ILE J 191 24.85 -18.24 11.23
C ILE J 191 25.21 -19.60 11.81
N GLU J 192 26.48 -19.77 12.19
CA GLU J 192 26.92 -21.06 12.73
C GLU J 192 26.26 -21.35 14.07
N ILE J 193 26.14 -20.34 14.94
CA ILE J 193 25.52 -20.54 16.24
C ILE J 193 24.07 -20.95 16.08
N GLN J 194 23.35 -20.30 15.17
CA GLN J 194 21.95 -20.63 14.92
C GLN J 194 21.77 -21.91 14.13
N ALA J 195 22.78 -22.30 13.34
CA ALA J 195 22.66 -23.55 12.57
C ALA J 195 22.76 -24.77 13.47
N ARG J 196 23.72 -24.77 14.40
CA ARG J 196 23.84 -25.86 15.35
C ARG J 196 22.61 -25.95 16.24
N GLU J 197 22.07 -24.81 16.63
CA GLU J 197 20.91 -24.80 17.51
C GLU J 197 19.70 -25.44 16.86
N ILE J 198 19.57 -25.31 15.54
CA ILE J 198 18.53 -26.04 14.82
C ILE J 198 18.86 -27.53 14.77
N MET J 199 20.14 -27.86 14.60
CA MET J 199 20.56 -29.26 14.63
C MET J 199 20.36 -29.87 16.00
N LYS J 200 20.51 -29.08 17.07
CA LYS J 200 20.23 -29.58 18.41
C LYS J 200 18.73 -29.83 18.59
N LEU J 201 17.89 -28.94 18.06
CA LEU J 201 16.45 -29.17 18.12
C LEU J 201 16.03 -30.35 17.27
N LYS J 202 16.72 -30.59 16.15
CA LYS J 202 16.40 -31.72 15.30
C LYS J 202 16.70 -33.04 16.00
N LYS J 203 17.88 -33.15 16.61
CA LYS J 203 18.23 -34.37 17.35
C LYS J 203 17.40 -34.50 18.61
N GLN J 204 17.00 -33.39 19.22
CA GLN J 204 16.17 -33.45 20.41
C GLN J 204 14.78 -33.98 20.08
N LEU J 205 14.23 -33.58 18.93
CA LEU J 205 12.95 -34.11 18.49
C LEU J 205 13.06 -35.59 18.13
N TYR J 206 14.14 -35.99 17.46
CA TYR J 206 14.31 -37.37 17.04
C TYR J 206 14.41 -38.31 18.24
N ASN J 207 15.03 -37.85 19.34
CA ASN J 207 15.10 -38.68 20.53
C ASN J 207 13.76 -38.77 21.23
N ILE J 208 12.96 -37.70 21.19
CA ILE J 208 11.64 -37.73 21.81
C ILE J 208 10.71 -38.63 21.00
N TYR J 209 10.76 -38.54 19.67
CA TYR J 209 9.96 -39.43 18.84
C TYR J 209 10.34 -40.88 19.07
N ALA J 210 11.63 -41.17 19.11
CA ALA J 210 12.09 -42.55 19.31
C ALA J 210 11.74 -43.05 20.71
N LYS J 211 11.58 -42.15 21.67
CA LYS J 211 11.26 -42.57 23.03
C LYS J 211 9.82 -43.04 23.16
N HIS J 212 8.89 -42.30 22.57
CA HIS J 212 7.46 -42.61 22.73
C HIS J 212 6.93 -43.53 21.64
N THR J 213 7.54 -43.54 20.46
CA THR J 213 7.14 -44.48 19.42
C THR J 213 7.87 -45.81 19.52
N LYS J 214 8.86 -45.92 20.42
CA LYS J 214 9.61 -47.15 20.62
C LYS J 214 10.31 -47.61 19.35
N GLN J 215 10.82 -46.63 18.58
CA GLN J 215 11.56 -46.89 17.36
C GLN J 215 13.04 -46.57 17.58
N SER J 216 13.87 -47.01 16.64
CA SER J 216 15.27 -46.66 16.67
C SER J 216 15.50 -45.30 16.01
N LEU J 217 16.64 -44.69 16.32
CA LEU J 217 16.97 -43.39 15.74
C LEU J 217 17.10 -43.47 14.22
N GLN J 218 17.53 -44.62 13.69
CA GLN J 218 17.64 -44.78 12.25
C GLN J 218 16.29 -44.70 11.57
N VAL J 219 15.26 -45.29 12.19
CA VAL J 219 13.92 -45.25 11.60
C VAL J 219 13.35 -43.84 11.69
N ILE J 220 13.58 -43.15 12.81
CA ILE J 220 13.07 -41.80 12.97
C ILE J 220 13.76 -40.84 12.00
N GLU J 221 15.06 -41.00 11.81
CA GLU J 221 15.79 -40.12 10.89
C GLU J 221 15.41 -40.38 9.45
N SER J 222 15.27 -41.65 9.06
CA SER J 222 14.93 -41.98 7.69
C SER J 222 13.51 -41.59 7.34
N ALA J 223 12.60 -41.63 8.32
CA ALA J 223 11.20 -41.31 8.04
C ALA J 223 10.96 -39.80 8.04
N MET J 224 11.59 -39.07 8.95
CA MET J 224 11.37 -37.65 9.11
C MET J 224 12.34 -36.79 8.31
N GLU J 225 13.10 -37.38 7.38
CA GLU J 225 13.95 -36.58 6.51
C GLU J 225 13.12 -35.70 5.59
N ARG J 226 11.99 -36.21 5.12
CA ARG J 226 11.02 -35.47 4.34
C ARG J 226 9.66 -35.55 5.03
N ASP J 227 8.67 -34.88 4.46
CA ASP J 227 7.31 -34.92 5.00
C ASP J 227 6.76 -36.34 4.89
N ARG J 228 6.39 -36.92 6.03
CA ARG J 228 5.94 -38.30 6.12
C ARG J 228 4.49 -38.31 6.59
N TYR J 229 3.56 -38.49 5.65
CA TYR J 229 2.14 -38.56 5.96
C TYR J 229 1.73 -40.01 6.23
N MET J 230 0.94 -40.21 7.27
CA MET J 230 0.51 -41.54 7.69
C MET J 230 -0.99 -41.54 7.94
N SER J 231 -1.63 -42.65 7.58
CA SER J 231 -3.01 -42.88 7.97
C SER J 231 -3.07 -43.29 9.44
N PRO J 232 -4.24 -43.24 10.06
CA PRO J 232 -4.33 -43.69 11.46
C PRO J 232 -3.85 -45.11 11.68
N MET J 233 -4.03 -45.99 10.70
CA MET J 233 -3.48 -47.34 10.82
C MET J 233 -1.96 -47.34 10.69
N GLU J 234 -1.43 -46.58 9.73
CA GLU J 234 0.02 -46.49 9.57
C GLU J 234 0.67 -45.81 10.77
N ALA J 235 -0.01 -44.82 11.35
CA ALA J 235 0.52 -44.16 12.54
C ALA J 235 0.48 -45.09 13.74
N GLN J 236 -0.54 -45.93 13.85
CA GLN J 236 -0.58 -46.92 14.92
C GLN J 236 0.50 -47.98 14.73
N GLU J 237 0.71 -48.42 13.49
CA GLU J 237 1.77 -49.38 13.22
C GLU J 237 3.15 -48.77 13.48
N PHE J 238 3.30 -47.47 13.24
CA PHE J 238 4.58 -46.81 13.48
C PHE J 238 4.84 -46.55 14.96
N GLY J 239 3.80 -46.50 15.78
CA GLY J 239 3.95 -46.29 17.20
C GLY J 239 3.55 -44.92 17.71
N ILE J 240 2.88 -44.10 16.89
CA ILE J 240 2.49 -42.76 17.33
C ILE J 240 1.24 -42.81 18.18
N LEU J 241 0.20 -43.51 17.71
CA LEU J 241 -1.03 -43.69 18.45
C LEU J 241 -1.27 -45.17 18.71
N ASP J 242 -2.22 -45.45 19.60
CA ASP J 242 -2.48 -46.81 20.05
C ASP J 242 -3.73 -47.42 19.43
N LYS J 243 -4.82 -46.66 19.31
CA LYS J 243 -6.08 -47.20 18.83
C LYS J 243 -6.68 -46.31 17.76
N VAL J 244 -7.26 -46.93 16.74
CA VAL J 244 -7.97 -46.23 15.67
C VAL J 244 -9.46 -46.46 15.94
N LEU J 245 -10.11 -45.48 16.56
CA LEU J 245 -11.47 -45.68 17.03
C LEU J 245 -12.47 -45.65 15.88
N VAL J 246 -13.48 -46.52 15.98
CA VAL J 246 -14.59 -46.57 15.03
C VAL J 246 -15.85 -46.85 15.83
N HIS J 247 -16.77 -45.88 15.84
CA HIS J 247 -18.04 -46.03 16.56
C HIS J 247 -19.24 -45.76 15.66
N PRO J 248 -19.36 -46.46 14.50
CA PRO J 248 -20.55 -46.19 13.71
C PRO J 248 -21.76 -46.97 14.23
N ILE K 59 -25.21 -10.09 16.07
CA ILE K 59 -25.37 -11.05 17.14
C ILE K 59 -26.57 -10.69 18.01
N PRO K 60 -27.74 -11.25 17.68
CA PRO K 60 -28.95 -10.97 18.47
C PRO K 60 -28.98 -11.80 19.74
N ILE K 61 -29.30 -11.15 20.85
CA ILE K 61 -29.32 -11.81 22.15
C ILE K 61 -30.69 -12.46 22.37
N ASP K 74 -27.24 -14.67 22.63
CA ASP K 74 -26.76 -15.18 21.34
C ASP K 74 -27.75 -16.16 20.75
N ILE K 75 -28.18 -15.90 19.51
CA ILE K 75 -29.19 -16.75 18.88
C ILE K 75 -28.62 -18.13 18.55
N TYR K 76 -27.33 -18.20 18.20
CA TYR K 76 -26.73 -19.51 17.95
C TYR K 76 -26.55 -20.30 19.23
N SER K 77 -26.30 -19.61 20.35
CA SER K 77 -26.23 -20.29 21.63
C SER K 77 -27.59 -20.80 22.07
N ARG K 78 -28.66 -20.14 21.63
CA ARG K 78 -30.01 -20.58 21.98
C ARG K 78 -30.38 -21.86 21.24
N LEU K 79 -30.03 -21.95 19.96
CA LEU K 79 -30.31 -23.15 19.20
C LEU K 79 -29.49 -24.34 19.72
N LEU K 80 -28.26 -24.09 20.16
CA LEU K 80 -27.44 -25.15 20.73
C LEU K 80 -28.08 -25.74 21.98
N ARG K 81 -28.87 -24.94 22.72
CA ARG K 81 -29.57 -25.46 23.88
C ARG K 81 -30.60 -26.51 23.49
N GLU K 82 -31.13 -26.43 22.27
CA GLU K 82 -32.04 -27.44 21.74
C GLU K 82 -31.30 -28.48 20.90
N ARG K 83 -30.00 -28.65 21.11
CA ARG K 83 -29.18 -29.61 20.39
C ARG K 83 -29.21 -29.34 18.88
N ILE K 84 -28.92 -28.09 18.52
CA ILE K 84 -28.84 -27.66 17.13
C ILE K 84 -27.48 -27.03 16.91
N VAL K 85 -26.67 -27.65 16.05
CA VAL K 85 -25.37 -27.13 15.68
C VAL K 85 -25.49 -26.52 14.27
N CYS K 86 -25.13 -25.24 14.16
CA CYS K 86 -25.23 -24.52 12.90
C CYS K 86 -23.88 -24.54 12.20
N VAL K 87 -23.85 -25.05 10.96
CA VAL K 87 -22.65 -25.03 10.15
C VAL K 87 -22.85 -24.02 9.02
N MET K 88 -22.75 -22.73 9.34
CA MET K 88 -22.98 -21.66 8.39
C MET K 88 -21.65 -21.12 7.87
N GLY K 89 -21.71 -20.53 6.67
CA GLY K 89 -20.54 -19.93 6.07
C GLY K 89 -19.49 -20.95 5.68
N PRO K 90 -18.32 -20.48 5.25
CA PRO K 90 -17.25 -21.39 4.86
C PRO K 90 -16.80 -22.27 6.02
N ILE K 91 -16.14 -23.37 5.68
CA ILE K 91 -15.68 -24.37 6.65
C ILE K 91 -14.16 -24.39 6.62
N ASP K 92 -13.54 -23.93 7.70
CA ASP K 92 -12.10 -24.00 7.86
C ASP K 92 -11.74 -24.71 9.15
N ASP K 93 -10.48 -24.64 9.57
CA ASP K 93 -10.07 -25.27 10.81
C ASP K 93 -10.75 -24.64 12.02
N SER K 94 -11.05 -23.35 11.94
CA SER K 94 -11.72 -22.68 13.06
C SER K 94 -13.18 -23.10 13.15
N VAL K 95 -13.87 -23.20 12.02
CA VAL K 95 -15.27 -23.60 12.03
C VAL K 95 -15.40 -25.06 12.47
N ALA K 96 -14.55 -25.94 11.94
CA ALA K 96 -14.60 -27.34 12.32
C ALA K 96 -14.33 -27.54 13.79
N SER K 97 -13.39 -26.76 14.35
CA SER K 97 -13.06 -26.88 15.77
C SER K 97 -14.27 -26.53 16.64
N LEU K 98 -15.06 -25.53 16.21
CA LEU K 98 -16.26 -25.17 16.96
C LEU K 98 -17.35 -26.22 16.79
N VAL K 99 -17.50 -26.77 15.58
CA VAL K 99 -18.54 -27.77 15.34
C VAL K 99 -18.22 -29.05 16.11
N ILE K 100 -16.97 -29.50 16.07
CA ILE K 100 -16.58 -30.72 16.77
C ILE K 100 -16.74 -30.55 18.27
N ALA K 101 -16.38 -29.37 18.79
CA ALA K 101 -16.52 -29.13 20.22
C ALA K 101 -17.99 -29.12 20.65
N GLN K 102 -18.88 -28.63 19.79
CA GLN K 102 -20.31 -28.65 20.13
C GLN K 102 -20.87 -30.05 20.08
N LEU K 103 -20.46 -30.85 19.09
CA LEU K 103 -21.00 -32.21 18.96
C LEU K 103 -20.57 -33.09 20.13
N LEU K 104 -19.33 -32.96 20.59
CA LEU K 104 -18.89 -33.73 21.74
C LEU K 104 -19.52 -33.23 23.03
N PHE K 105 -19.78 -31.92 23.13
CA PHE K 105 -20.51 -31.40 24.28
C PHE K 105 -21.93 -31.96 24.31
N LEU K 106 -22.58 -32.06 23.14
CA LEU K 106 -23.92 -32.62 23.11
C LEU K 106 -23.91 -34.12 23.38
N GLN K 107 -22.82 -34.81 23.06
CA GLN K 107 -22.73 -36.23 23.40
C GLN K 107 -22.44 -36.44 24.88
N SER K 108 -21.75 -35.49 25.52
CA SER K 108 -21.50 -35.61 26.95
C SER K 108 -22.78 -35.41 27.77
N GLU K 109 -23.69 -34.57 27.27
CA GLU K 109 -24.98 -34.41 27.95
C GLU K 109 -25.82 -35.67 27.83
N SER K 110 -25.89 -36.24 26.63
CA SER K 110 -26.65 -37.45 26.39
C SER K 110 -26.18 -38.08 25.09
N ASN K 111 -25.88 -39.37 25.14
CA ASN K 111 -25.46 -40.14 23.97
C ASN K 111 -26.63 -40.77 23.24
N LYS K 112 -27.87 -40.35 23.54
CA LYS K 112 -29.07 -40.88 22.90
C LYS K 112 -29.92 -39.81 22.23
N LYS K 113 -29.95 -38.59 22.76
CA LYS K 113 -30.81 -37.57 22.18
C LYS K 113 -30.29 -37.18 20.79
N PRO K 114 -31.17 -36.97 19.81
CA PRO K 114 -30.73 -36.61 18.47
C PRO K 114 -30.13 -35.21 18.43
N ILE K 115 -29.29 -35.00 17.42
CA ILE K 115 -28.59 -33.73 17.21
C ILE K 115 -28.99 -33.19 15.84
N HIS K 116 -29.39 -31.92 15.80
CA HIS K 116 -29.76 -31.27 14.55
C HIS K 116 -28.58 -30.45 14.04
N MET K 117 -28.29 -30.58 12.75
CA MET K 117 -27.18 -29.87 12.11
C MET K 117 -27.73 -29.05 10.95
N TYR K 118 -27.64 -27.73 11.07
CA TYR K 118 -28.07 -26.82 10.00
C TYR K 118 -26.87 -26.49 9.12
N ILE K 119 -27.00 -26.76 7.83
CA ILE K 119 -25.91 -26.57 6.87
C ILE K 119 -26.29 -25.44 5.92
N ASN K 120 -25.41 -24.44 5.82
CA ASN K 120 -25.51 -23.35 4.86
C ASN K 120 -24.07 -22.90 4.56
N SER K 121 -23.33 -23.79 3.92
CA SER K 121 -21.90 -23.60 3.71
C SER K 121 -21.56 -23.67 2.23
N PRO K 122 -20.77 -22.73 1.71
CA PRO K 122 -20.25 -22.86 0.34
C PRO K 122 -19.07 -23.81 0.22
N GLY K 123 -18.60 -24.38 1.31
CA GLY K 123 -17.49 -25.30 1.31
C GLY K 123 -16.27 -24.71 1.99
N GLY K 124 -15.15 -25.43 1.85
CA GLY K 124 -13.91 -24.97 2.43
C GLY K 124 -12.83 -26.03 2.44
N VAL K 125 -12.01 -26.03 3.51
CA VAL K 125 -10.91 -26.98 3.61
C VAL K 125 -11.44 -28.40 3.71
N VAL K 126 -10.78 -29.32 3.01
CA VAL K 126 -11.22 -30.71 3.00
C VAL K 126 -10.94 -31.37 4.34
N THR K 127 -9.76 -31.12 4.91
CA THR K 127 -9.41 -31.73 6.19
C THR K 127 -10.35 -31.24 7.30
N ALA K 128 -10.90 -30.04 7.17
CA ALA K 128 -11.88 -29.57 8.14
C ALA K 128 -13.20 -30.30 7.99
N GLY K 129 -13.59 -30.61 6.75
CA GLY K 129 -14.82 -31.36 6.55
C GLY K 129 -14.70 -32.81 7.00
N LEU K 130 -13.55 -33.43 6.75
CA LEU K 130 -13.31 -34.78 7.23
C LEU K 130 -13.29 -34.83 8.76
N ALA K 131 -12.79 -33.78 9.40
CA ALA K 131 -12.79 -33.73 10.86
C ALA K 131 -14.21 -33.71 11.41
N ILE K 132 -15.09 -32.93 10.80
CA ILE K 132 -16.49 -32.92 11.22
C ILE K 132 -17.16 -34.24 10.89
N TYR K 133 -16.79 -34.85 9.75
CA TYR K 133 -17.41 -36.11 9.35
C TYR K 133 -17.09 -37.22 10.35
N ASP K 134 -15.82 -37.35 10.73
CA ASP K 134 -15.43 -38.40 11.68
C ASP K 134 -16.13 -38.22 13.02
N THR K 135 -16.26 -36.97 13.47
CA THR K 135 -16.99 -36.71 14.71
C THR K 135 -18.47 -37.07 14.55
N MET K 136 -19.04 -36.78 13.38
CA MET K 136 -20.44 -37.11 13.14
C MET K 136 -20.68 -38.61 13.20
N GLN K 137 -19.74 -39.41 12.67
CA GLN K 137 -19.89 -40.85 12.66
C GLN K 137 -19.47 -41.50 13.97
N TYR K 138 -18.70 -40.79 14.80
CA TYR K 138 -18.21 -41.38 16.04
C TYR K 138 -19.26 -41.31 17.15
N ILE K 139 -19.92 -40.17 17.29
CA ILE K 139 -20.91 -40.01 18.35
C ILE K 139 -22.11 -40.91 18.08
N LEU K 140 -22.69 -41.45 19.16
CA LEU K 140 -23.83 -42.36 19.05
C LEU K 140 -25.15 -41.63 18.81
N ASN K 141 -25.17 -40.31 18.89
CA ASN K 141 -26.42 -39.58 18.75
C ASN K 141 -26.87 -39.58 17.29
N PRO K 142 -28.16 -39.74 17.03
CA PRO K 142 -28.66 -39.55 15.67
C PRO K 142 -28.51 -38.10 15.23
N ILE K 143 -28.13 -37.91 13.98
CA ILE K 143 -27.82 -36.58 13.46
C ILE K 143 -28.78 -36.29 12.30
N CYS K 144 -29.63 -35.29 12.49
CA CYS K 144 -30.54 -34.82 11.46
C CYS K 144 -29.93 -33.61 10.77
N THR K 145 -29.63 -33.75 9.49
CA THR K 145 -29.01 -32.67 8.70
C THR K 145 -30.09 -31.91 7.95
N TRP K 146 -30.01 -30.58 7.99
CA TRP K 146 -30.98 -29.70 7.37
C TRP K 146 -30.25 -28.71 6.48
N CYS K 147 -30.33 -28.92 5.16
CA CYS K 147 -29.70 -28.01 4.21
C CYS K 147 -30.57 -26.78 4.01
N VAL K 148 -29.98 -25.61 4.22
CA VAL K 148 -30.67 -24.33 4.08
C VAL K 148 -29.85 -23.45 3.15
N GLY K 149 -30.42 -23.10 2.00
CA GLY K 149 -29.74 -22.23 1.06
C GLY K 149 -28.80 -22.97 0.13
N GLN K 150 -27.68 -23.44 0.67
CA GLN K 150 -26.70 -24.17 -0.13
C GLN K 150 -25.88 -25.09 0.76
N ALA K 151 -25.47 -26.22 0.19
CA ALA K 151 -24.60 -27.20 0.85
C ALA K 151 -23.59 -27.66 -0.20
N ALA K 152 -22.58 -26.85 -0.44
CA ALA K 152 -21.60 -27.08 -1.50
C ALA K 152 -20.28 -27.56 -0.93
N SER K 153 -19.53 -28.28 -1.76
CA SER K 153 -18.19 -28.79 -1.42
C SER K 153 -18.31 -29.67 -0.18
N MET K 154 -17.57 -29.39 0.90
CA MET K 154 -17.66 -30.21 2.10
C MET K 154 -19.01 -30.09 2.79
N GLY K 155 -19.77 -29.02 2.51
CA GLY K 155 -21.11 -28.91 3.06
C GLY K 155 -22.04 -29.98 2.57
N SER K 156 -21.87 -30.43 1.32
CA SER K 156 -22.68 -31.52 0.80
C SER K 156 -22.37 -32.83 1.50
N LEU K 157 -21.08 -33.05 1.84
CA LEU K 157 -20.70 -34.27 2.54
C LEU K 157 -21.35 -34.34 3.92
N LEU K 158 -21.32 -33.22 4.66
CA LEU K 158 -21.95 -33.21 5.98
C LEU K 158 -23.45 -33.39 5.89
N LEU K 159 -24.07 -32.91 4.80
CA LEU K 159 -25.49 -33.14 4.59
C LEU K 159 -25.80 -34.62 4.40
N ALA K 160 -25.00 -35.30 3.59
CA ALA K 160 -25.20 -36.73 3.35
C ALA K 160 -24.71 -37.58 4.52
N ALA K 161 -23.81 -37.07 5.35
CA ALA K 161 -23.29 -37.82 6.48
C ALA K 161 -24.30 -37.97 7.62
N GLY K 162 -25.48 -37.37 7.50
CA GLY K 162 -26.49 -37.50 8.54
C GLY K 162 -27.05 -38.91 8.61
N THR K 163 -27.88 -39.11 9.64
CA THR K 163 -28.50 -40.41 9.84
C THR K 163 -29.43 -40.72 8.67
N PRO K 164 -29.35 -41.93 8.11
CA PRO K 164 -30.25 -42.27 6.98
C PRO K 164 -31.71 -42.11 7.36
N GLY K 165 -32.46 -41.41 6.51
CA GLY K 165 -33.84 -41.08 6.79
C GLY K 165 -34.05 -39.79 7.55
N MET K 166 -32.97 -39.05 7.83
CA MET K 166 -33.06 -37.79 8.58
C MET K 166 -32.30 -36.67 7.89
N ARG K 167 -32.09 -36.76 6.59
CA ARG K 167 -31.38 -35.75 5.81
C ARG K 167 -32.39 -35.00 4.96
N HIS K 168 -32.49 -33.68 5.20
CA HIS K 168 -33.52 -32.85 4.58
C HIS K 168 -32.88 -31.69 3.84
N SER K 169 -33.71 -31.00 3.05
CA SER K 169 -33.27 -29.82 2.31
C SER K 169 -34.49 -29.01 1.92
N LEU K 170 -34.35 -27.68 1.96
CA LEU K 170 -35.43 -26.79 1.59
C LEU K 170 -35.61 -26.81 0.06
N PRO K 171 -36.79 -26.40 -0.43
CA PRO K 171 -37.08 -26.58 -1.87
C PRO K 171 -36.12 -25.84 -2.78
N ASN K 172 -35.77 -24.60 -2.47
CA ASN K 172 -34.94 -23.79 -3.34
C ASN K 172 -33.47 -23.81 -2.96
N SER K 173 -33.06 -24.74 -2.09
CA SER K 173 -31.65 -24.91 -1.80
C SER K 173 -30.94 -25.57 -2.99
N ARG K 174 -29.63 -25.67 -2.89
CA ARG K 174 -28.86 -26.35 -3.94
C ARG K 174 -27.64 -27.01 -3.31
N ILE K 175 -27.20 -28.09 -3.95
CA ILE K 175 -26.12 -28.93 -3.45
C ILE K 175 -25.08 -29.07 -4.54
N MET K 176 -23.81 -28.89 -4.19
CA MET K 176 -22.70 -29.00 -5.14
C MET K 176 -21.65 -29.95 -4.61
N ILE K 177 -21.12 -30.79 -5.50
CA ILE K 177 -20.03 -31.72 -5.17
C ILE K 177 -18.94 -31.57 -6.21
N HIS K 178 -17.70 -31.75 -5.78
CA HIS K 178 -16.56 -31.64 -6.67
C HIS K 178 -15.34 -32.25 -6.01
N GLN K 179 -14.38 -32.66 -6.84
CA GLN K 179 -13.14 -33.23 -6.33
C GLN K 179 -12.38 -32.19 -5.52
N PRO K 180 -11.56 -32.62 -4.57
CA PRO K 180 -10.81 -31.66 -3.75
C PRO K 180 -9.75 -30.93 -4.57
N SER K 181 -9.45 -29.71 -4.15
CA SER K 181 -8.41 -28.90 -4.75
C SER K 181 -7.38 -28.52 -3.70
N GLY K 182 -6.18 -28.20 -4.14
CA GLY K 182 -5.13 -27.85 -3.23
C GLY K 182 -3.94 -27.23 -3.94
N GLY K 183 -2.81 -27.21 -3.24
CA GLY K 183 -1.59 -26.65 -3.78
C GLY K 183 -0.39 -27.45 -3.35
N ALA K 184 0.73 -27.21 -4.04
CA ALA K 184 1.98 -27.90 -3.75
C ALA K 184 3.13 -27.07 -4.32
N ARG K 185 4.16 -26.85 -3.51
CA ARG K 185 5.33 -26.10 -3.94
C ARG K 185 6.55 -26.57 -3.16
N GLY K 186 7.68 -26.65 -3.84
CA GLY K 186 8.91 -27.09 -3.24
C GLY K 186 9.74 -27.83 -4.27
N GLN K 187 10.62 -28.70 -3.77
CA GLN K 187 11.44 -29.51 -4.65
C GLN K 187 10.59 -30.59 -5.31
N ALA K 188 11.20 -31.26 -6.31
CA ALA K 188 10.47 -32.29 -7.04
C ALA K 188 10.10 -33.46 -6.14
N THR K 189 10.85 -33.68 -5.07
CA THR K 189 10.50 -34.75 -4.13
C THR K 189 9.33 -34.35 -3.26
N ASP K 190 9.32 -33.11 -2.76
CA ASP K 190 8.23 -32.63 -1.92
C ASP K 190 6.93 -32.54 -2.70
N ILE K 191 7.00 -32.09 -3.95
CA ILE K 191 5.79 -32.00 -4.79
C ILE K 191 5.22 -33.39 -5.04
N GLU K 192 6.10 -34.38 -5.20
CA GLU K 192 5.63 -35.76 -5.39
C GLU K 192 4.97 -36.29 -4.12
N ILE K 193 5.53 -35.96 -2.96
CA ILE K 193 4.92 -36.38 -1.70
C ILE K 193 3.57 -35.71 -1.50
N GLN K 194 3.49 -34.41 -1.80
CA GLN K 194 2.22 -33.70 -1.65
C GLN K 194 1.20 -34.14 -2.69
N ALA K 195 1.65 -34.47 -3.91
CA ALA K 195 0.73 -35.00 -4.90
C ALA K 195 0.24 -36.39 -4.52
N ARG K 196 1.08 -37.17 -3.83
CA ARG K 196 0.63 -38.45 -3.31
C ARG K 196 -0.53 -38.27 -2.35
N GLU K 197 -0.43 -37.29 -1.44
CA GLU K 197 -1.42 -37.15 -0.39
C GLU K 197 -2.72 -36.51 -0.89
N ILE K 198 -2.64 -35.61 -1.87
CA ILE K 198 -3.86 -35.02 -2.41
C ILE K 198 -4.68 -36.04 -3.18
N MET K 199 -4.04 -37.08 -3.71
CA MET K 199 -4.78 -38.17 -4.34
C MET K 199 -5.39 -39.11 -3.31
N LYS K 200 -4.72 -39.29 -2.18
CA LYS K 200 -5.31 -40.10 -1.11
C LYS K 200 -6.55 -39.43 -0.54
N LEU K 201 -6.54 -38.10 -0.43
CA LEU K 201 -7.74 -37.37 -0.03
C LEU K 201 -8.84 -37.49 -1.07
N LYS K 202 -8.46 -37.44 -2.36
CA LYS K 202 -9.44 -37.58 -3.44
C LYS K 202 -10.09 -38.96 -3.39
N LYS K 203 -9.29 -40.00 -3.21
CA LYS K 203 -9.84 -41.35 -3.10
C LYS K 203 -10.64 -41.52 -1.82
N GLN K 204 -10.18 -40.89 -0.72
CA GLN K 204 -10.90 -41.01 0.54
C GLN K 204 -12.25 -40.31 0.49
N LEU K 205 -12.31 -39.14 -0.16
CA LEU K 205 -13.59 -38.45 -0.30
C LEU K 205 -14.56 -39.23 -1.17
N TYR K 206 -14.05 -39.86 -2.24
CA TYR K 206 -14.94 -40.60 -3.14
C TYR K 206 -15.53 -41.82 -2.44
N ASN K 207 -14.75 -42.50 -1.60
CA ASN K 207 -15.26 -43.65 -0.87
C ASN K 207 -16.31 -43.24 0.16
N ILE K 208 -16.15 -42.06 0.76
CA ILE K 208 -17.11 -41.59 1.74
C ILE K 208 -18.41 -41.18 1.07
N TYR K 209 -18.30 -40.45 -0.05
CA TYR K 209 -19.50 -40.06 -0.79
C TYR K 209 -20.25 -41.28 -1.32
N ALA K 210 -19.51 -42.27 -1.85
CA ALA K 210 -20.15 -43.48 -2.35
C ALA K 210 -20.78 -44.29 -1.22
N LYS K 211 -20.28 -44.14 0.00
CA LYS K 211 -20.80 -44.90 1.13
C LYS K 211 -22.18 -44.39 1.56
N HIS K 212 -22.31 -43.07 1.71
CA HIS K 212 -23.54 -42.50 2.23
C HIS K 212 -24.59 -42.21 1.15
N THR K 213 -24.15 -41.91 -0.07
CA THR K 213 -25.09 -41.68 -1.16
C THR K 213 -25.53 -42.98 -1.84
N LYS K 214 -24.96 -44.11 -1.45
CA LYS K 214 -25.29 -45.41 -2.04
C LYS K 214 -25.09 -45.41 -3.55
N GLN K 215 -23.94 -44.90 -3.98
CA GLN K 215 -23.56 -44.86 -5.38
C GLN K 215 -22.24 -45.63 -5.57
N SER K 216 -21.99 -46.01 -6.81
CA SER K 216 -20.73 -46.69 -7.13
C SER K 216 -19.60 -45.68 -7.26
N LEU K 217 -18.37 -46.18 -7.14
CA LEU K 217 -17.21 -45.31 -7.26
C LEU K 217 -17.07 -44.74 -8.68
N GLN K 218 -17.60 -45.46 -9.68
CA GLN K 218 -17.50 -44.98 -11.06
C GLN K 218 -18.30 -43.69 -11.25
N VAL K 219 -19.56 -43.68 -10.80
CA VAL K 219 -20.41 -42.51 -10.96
C VAL K 219 -19.90 -41.36 -10.09
N ILE K 220 -19.38 -41.67 -8.91
CA ILE K 220 -18.84 -40.63 -8.03
C ILE K 220 -17.64 -39.95 -8.68
N GLU K 221 -16.77 -40.73 -9.31
CA GLU K 221 -15.63 -40.15 -10.01
C GLU K 221 -16.08 -39.32 -11.21
N SER K 222 -17.09 -39.80 -11.93
CA SER K 222 -17.56 -39.10 -13.13
C SER K 222 -18.32 -37.83 -12.76
N ALA K 223 -19.00 -37.80 -11.62
CA ALA K 223 -19.78 -36.64 -11.25
C ALA K 223 -18.93 -35.57 -10.58
N MET K 224 -17.95 -35.97 -9.77
CA MET K 224 -17.13 -35.04 -9.01
C MET K 224 -15.86 -34.64 -9.75
N GLU K 225 -15.69 -35.07 -11.00
CA GLU K 225 -14.53 -34.62 -11.77
C GLU K 225 -14.60 -33.12 -12.01
N ARG K 226 -15.79 -32.59 -12.22
CA ARG K 226 -16.04 -31.15 -12.34
C ARG K 226 -17.04 -30.73 -11.26
N ASP K 227 -17.38 -29.45 -11.25
CA ASP K 227 -18.38 -28.95 -10.33
C ASP K 227 -19.76 -29.48 -10.72
N ARG K 228 -20.39 -30.22 -9.82
CA ARG K 228 -21.67 -30.87 -10.08
C ARG K 228 -22.72 -30.28 -9.13
N TYR K 229 -23.55 -29.38 -9.66
CA TYR K 229 -24.62 -28.77 -8.88
C TYR K 229 -25.91 -29.56 -9.03
N MET K 230 -26.65 -29.70 -7.94
CA MET K 230 -27.88 -30.48 -7.93
C MET K 230 -28.98 -29.71 -7.21
N SER K 231 -30.21 -29.94 -7.67
CA SER K 231 -31.39 -29.45 -6.98
C SER K 231 -31.73 -30.40 -5.83
N PRO K 232 -32.57 -29.98 -4.88
CA PRO K 232 -32.95 -30.88 -3.78
C PRO K 232 -33.58 -32.19 -4.25
N MET K 233 -34.29 -32.17 -5.38
CA MET K 233 -34.83 -33.40 -5.93
C MET K 233 -33.75 -34.24 -6.61
N GLU K 234 -32.80 -33.58 -7.28
CA GLU K 234 -31.70 -34.31 -7.90
C GLU K 234 -30.77 -34.91 -6.84
N ALA K 235 -30.56 -34.19 -5.73
CA ALA K 235 -29.70 -34.70 -4.68
C ALA K 235 -30.37 -35.83 -3.90
N GLN K 236 -31.70 -35.81 -3.79
CA GLN K 236 -32.40 -36.92 -3.14
C GLN K 236 -32.31 -38.19 -3.98
N GLU K 237 -32.51 -38.07 -5.29
CA GLU K 237 -32.38 -39.23 -6.17
C GLU K 237 -30.95 -39.72 -6.24
N PHE K 238 -29.98 -38.80 -6.15
CA PHE K 238 -28.57 -39.20 -6.17
C PHE K 238 -28.15 -39.85 -4.86
N GLY K 239 -28.89 -39.63 -3.78
CA GLY K 239 -28.60 -40.24 -2.51
C GLY K 239 -28.01 -39.33 -1.46
N ILE K 240 -27.92 -38.03 -1.72
CA ILE K 240 -27.31 -37.11 -0.75
C ILE K 240 -28.26 -36.86 0.42
N LEU K 241 -29.52 -36.53 0.12
CA LEU K 241 -30.52 -36.29 1.14
C LEU K 241 -31.71 -37.22 0.93
N ASP K 242 -32.64 -37.17 1.89
CA ASP K 242 -33.78 -38.08 1.91
C ASP K 242 -35.10 -37.39 1.63
N LYS K 243 -35.37 -36.24 2.24
CA LYS K 243 -36.64 -35.56 2.12
C LYS K 243 -36.43 -34.12 1.65
N VAL K 244 -37.32 -33.66 0.78
CA VAL K 244 -37.35 -32.28 0.34
C VAL K 244 -38.57 -31.64 0.99
N LEU K 245 -38.34 -30.88 2.06
CA LEU K 245 -39.44 -30.32 2.84
C LEU K 245 -40.22 -29.31 2.00
N VAL K 246 -41.54 -29.38 2.06
CA VAL K 246 -42.41 -28.34 1.51
C VAL K 246 -43.05 -27.54 2.63
N HIS K 247 -43.53 -28.22 3.66
CA HIS K 247 -44.04 -27.66 4.89
C HIS K 247 -43.85 -28.70 5.98
N PRO K 248 -43.76 -28.27 7.25
CA PRO K 248 -43.51 -29.27 8.31
C PRO K 248 -44.72 -30.18 8.55
N LEU L 58 -25.30 2.30 17.74
CA LEU L 58 -24.76 0.98 17.46
C LEU L 58 -25.20 -0.03 18.50
N ILE L 59 -25.26 0.39 19.76
CA ILE L 59 -25.69 -0.48 20.84
C ILE L 59 -26.79 0.17 21.68
N PRO L 60 -27.97 0.45 21.10
CA PRO L 60 -29.07 0.97 21.93
C PRO L 60 -29.61 -0.09 22.87
N ILE L 61 -29.16 -0.07 24.12
CA ILE L 61 -29.52 -1.08 25.10
C ILE L 61 -30.81 -0.65 25.80
N VAL L 62 -31.71 -1.61 26.00
CA VAL L 62 -32.96 -1.36 26.69
C VAL L 62 -32.96 -2.17 27.99
N VAL L 63 -33.77 -1.70 28.94
CA VAL L 63 -33.90 -2.33 30.26
C VAL L 63 -32.55 -2.43 30.96
N ALA L 72 -31.51 -6.52 29.59
CA ALA L 72 -30.37 -5.89 28.94
C ALA L 72 -30.32 -6.24 27.45
N TYR L 73 -31.48 -6.17 26.79
CA TYR L 73 -31.57 -6.46 25.37
C TYR L 73 -31.08 -5.27 24.56
N ASP L 74 -30.53 -5.55 23.38
CA ASP L 74 -30.24 -4.50 22.43
C ASP L 74 -31.48 -4.21 21.58
N ILE L 75 -31.39 -3.15 20.78
CA ILE L 75 -32.58 -2.65 20.09
C ILE L 75 -33.15 -3.68 19.11
N TYR L 76 -32.28 -4.48 18.48
CA TYR L 76 -32.75 -5.46 17.51
C TYR L 76 -33.30 -6.73 18.16
N SER L 77 -32.88 -7.03 19.39
CA SER L 77 -33.39 -8.21 20.10
C SER L 77 -34.71 -7.93 20.81
N ARG L 78 -34.92 -6.70 21.27
CA ARG L 78 -36.19 -6.35 21.89
C ARG L 78 -37.33 -6.48 20.88
N LEU L 79 -37.07 -6.11 19.62
CA LEU L 79 -38.05 -6.35 18.57
C LEU L 79 -38.26 -7.83 18.33
N LEU L 80 -37.20 -8.64 18.50
CA LEU L 80 -37.34 -10.08 18.33
C LEU L 80 -38.24 -10.69 19.38
N ARG L 81 -38.30 -10.08 20.58
CA ARG L 81 -39.30 -10.50 21.56
C ARG L 81 -40.72 -10.25 21.06
N GLU L 82 -40.91 -9.18 20.30
CA GLU L 82 -42.19 -8.89 19.66
C GLU L 82 -42.36 -9.61 18.34
N ARG L 83 -41.56 -10.66 18.10
CA ARG L 83 -41.62 -11.45 16.88
C ARG L 83 -41.36 -10.59 15.65
N ILE L 84 -40.37 -9.71 15.74
CA ILE L 84 -39.99 -8.81 14.66
C ILE L 84 -38.56 -9.12 14.27
N VAL L 85 -38.35 -9.51 13.02
CA VAL L 85 -37.03 -9.79 12.46
C VAL L 85 -36.69 -8.68 11.47
N CYS L 86 -35.49 -8.11 11.61
CA CYS L 86 -35.06 -7.00 10.78
C CYS L 86 -34.10 -7.49 9.70
N VAL L 87 -34.48 -7.31 8.44
CA VAL L 87 -33.61 -7.61 7.32
C VAL L 87 -33.04 -6.30 6.80
N MET L 88 -32.09 -5.73 7.55
CA MET L 88 -31.50 -4.44 7.23
C MET L 88 -30.15 -4.63 6.55
N GLY L 89 -29.80 -3.69 5.68
CA GLY L 89 -28.53 -3.70 5.01
C GLY L 89 -28.43 -4.80 3.96
N PRO L 90 -27.22 -5.04 3.47
CA PRO L 90 -27.02 -6.08 2.46
C PRO L 90 -27.38 -7.47 2.99
N ILE L 91 -27.55 -8.39 2.06
CA ILE L 91 -27.96 -9.76 2.37
C ILE L 91 -26.85 -10.69 1.88
N ASP L 92 -26.02 -11.17 2.81
CA ASP L 92 -25.02 -12.18 2.51
C ASP L 92 -25.35 -13.45 3.30
N ASP L 93 -24.43 -14.42 3.26
CA ASP L 93 -24.65 -15.67 3.99
C ASP L 93 -24.71 -15.44 5.50
N SER L 94 -23.98 -14.43 6.00
CA SER L 94 -24.03 -14.13 7.43
C SER L 94 -25.38 -13.55 7.83
N VAL L 95 -25.91 -12.62 7.02
CA VAL L 95 -27.22 -12.04 7.31
C VAL L 95 -28.31 -13.09 7.18
N ALA L 96 -28.24 -13.93 6.15
CA ALA L 96 -29.25 -14.97 5.96
C ALA L 96 -29.25 -15.96 7.12
N SER L 97 -28.08 -16.45 7.51
CA SER L 97 -28.00 -17.41 8.60
C SER L 97 -28.54 -16.83 9.90
N LEU L 98 -28.34 -15.53 10.12
CA LEU L 98 -28.90 -14.89 11.30
C LEU L 98 -30.42 -14.76 11.19
N VAL L 99 -30.92 -14.41 10.01
CA VAL L 99 -32.36 -14.27 9.82
C VAL L 99 -33.05 -15.63 9.93
N ILE L 100 -32.46 -16.66 9.33
CA ILE L 100 -33.06 -17.99 9.39
C ILE L 100 -33.08 -18.52 10.82
N ALA L 101 -32.00 -18.26 11.58
CA ALA L 101 -31.96 -18.71 12.96
C ALA L 101 -33.04 -18.05 13.80
N GLN L 102 -33.34 -16.78 13.52
CA GLN L 102 -34.39 -16.09 14.26
C GLN L 102 -35.77 -16.59 13.85
N LEU L 103 -35.97 -16.84 12.55
CA LEU L 103 -37.27 -17.31 12.07
C LEU L 103 -37.57 -18.71 12.59
N LEU L 104 -36.59 -19.61 12.51
CA LEU L 104 -36.81 -20.96 13.04
C LEU L 104 -36.97 -20.94 14.56
N PHE L 105 -36.29 -20.02 15.24
CA PHE L 105 -36.48 -19.89 16.68
C PHE L 105 -37.86 -19.33 17.01
N LEU L 106 -38.34 -18.38 16.22
CA LEU L 106 -39.67 -17.83 16.46
C LEU L 106 -40.76 -18.88 16.19
N GLN L 107 -40.53 -19.78 15.25
CA GLN L 107 -41.47 -20.88 15.05
C GLN L 107 -41.46 -21.83 16.24
N SER L 108 -40.30 -22.04 16.85
CA SER L 108 -40.24 -22.84 18.07
C SER L 108 -40.99 -22.19 19.21
N GLU L 109 -41.06 -20.85 19.24
CA GLU L 109 -41.84 -20.16 20.24
C GLU L 109 -43.33 -20.34 20.00
N SER L 110 -43.75 -20.34 18.74
CA SER L 110 -45.16 -20.49 18.38
C SER L 110 -45.25 -20.83 16.90
N ASN L 111 -46.06 -21.85 16.59
CA ASN L 111 -46.33 -22.24 15.21
C ASN L 111 -47.53 -21.51 14.61
N LYS L 112 -48.02 -20.46 15.28
CA LYS L 112 -49.20 -19.74 14.83
C LYS L 112 -49.11 -18.23 15.02
N LYS L 113 -48.42 -17.73 16.04
CA LYS L 113 -48.34 -16.30 16.26
C LYS L 113 -47.62 -15.64 15.09
N PRO L 114 -48.09 -14.49 14.62
CA PRO L 114 -47.50 -13.88 13.41
C PRO L 114 -46.09 -13.38 13.66
N ILE L 115 -45.33 -13.31 12.57
CA ILE L 115 -43.95 -12.83 12.59
C ILE L 115 -43.86 -11.61 11.66
N HIS L 116 -43.34 -10.51 12.19
CA HIS L 116 -43.15 -9.29 11.41
C HIS L 116 -41.71 -9.23 10.90
N MET L 117 -41.57 -8.86 9.63
CA MET L 117 -40.28 -8.81 8.97
C MET L 117 -40.09 -7.42 8.35
N TYR L 118 -39.22 -6.62 8.96
CA TYR L 118 -38.92 -5.28 8.46
C TYR L 118 -37.76 -5.37 7.47
N ILE L 119 -37.98 -4.90 6.25
CA ILE L 119 -37.01 -5.02 5.16
C ILE L 119 -36.55 -3.63 4.76
N ASN L 120 -35.23 -3.43 4.74
CA ASN L 120 -34.57 -2.22 4.26
C ASN L 120 -33.22 -2.65 3.71
N SER L 121 -33.25 -3.34 2.57
CA SER L 121 -32.07 -3.98 2.02
C SER L 121 -31.85 -3.59 0.56
N PRO L 122 -30.62 -3.31 0.17
CA PRO L 122 -30.30 -3.11 -1.25
C PRO L 122 -30.09 -4.40 -2.02
N GLY L 123 -30.18 -5.55 -1.36
CA GLY L 123 -29.99 -6.83 -2.00
C GLY L 123 -28.73 -7.54 -1.52
N GLY L 124 -28.25 -8.44 -2.36
CA GLY L 124 -27.03 -9.18 -2.04
C GLY L 124 -26.98 -10.48 -2.81
N VAL L 125 -26.34 -11.48 -2.20
CA VAL L 125 -26.18 -12.78 -2.82
C VAL L 125 -27.55 -13.44 -3.00
N VAL L 126 -27.72 -14.11 -4.14
CA VAL L 126 -29.01 -14.74 -4.44
C VAL L 126 -29.25 -15.93 -3.53
N THR L 127 -28.22 -16.75 -3.30
CA THR L 127 -28.39 -17.92 -2.44
C THR L 127 -28.77 -17.52 -1.02
N ALA L 128 -28.32 -16.36 -0.55
CA ALA L 128 -28.72 -15.88 0.76
C ALA L 128 -30.19 -15.46 0.77
N GLY L 129 -30.66 -14.89 -0.35
CA GLY L 129 -32.06 -14.50 -0.42
C GLY L 129 -32.99 -15.69 -0.53
N LEU L 130 -32.59 -16.71 -1.30
CA LEU L 130 -33.41 -17.92 -1.40
C LEU L 130 -33.43 -18.69 -0.09
N ALA L 131 -32.34 -18.63 0.68
CA ALA L 131 -32.32 -19.30 1.98
C ALA L 131 -33.33 -18.67 2.94
N ILE L 132 -33.45 -17.34 2.91
CA ILE L 132 -34.46 -16.67 3.72
C ILE L 132 -35.85 -16.93 3.16
N TYR L 133 -35.97 -17.02 1.84
CA TYR L 133 -37.26 -17.27 1.21
C TYR L 133 -37.81 -18.64 1.61
N ASP L 134 -36.97 -19.67 1.59
CA ASP L 134 -37.43 -21.01 1.94
C ASP L 134 -37.85 -21.08 3.40
N THR L 135 -37.13 -20.40 4.28
CA THR L 135 -37.49 -20.40 5.70
C THR L 135 -38.83 -19.69 5.91
N MET L 136 -39.10 -18.63 5.15
CA MET L 136 -40.38 -17.95 5.27
C MET L 136 -41.53 -18.85 4.84
N GLN L 137 -41.36 -19.55 3.72
CA GLN L 137 -42.41 -20.44 3.22
C GLN L 137 -42.53 -21.72 4.03
N TYR L 138 -41.47 -22.11 4.75
CA TYR L 138 -41.51 -23.35 5.52
C TYR L 138 -42.22 -23.17 6.85
N ILE L 139 -41.98 -22.04 7.54
CA ILE L 139 -42.60 -21.83 8.84
C ILE L 139 -44.10 -21.66 8.68
N LEU L 140 -44.85 -22.12 9.68
CA LEU L 140 -46.30 -22.05 9.66
C LEU L 140 -46.84 -20.70 10.09
N ASN L 141 -46.01 -19.84 10.66
CA ASN L 141 -46.47 -18.54 11.12
C ASN L 141 -46.73 -17.62 9.94
N PRO L 142 -47.76 -16.77 10.01
CA PRO L 142 -47.94 -15.75 8.98
C PRO L 142 -46.87 -14.67 9.09
N ILE L 143 -46.29 -14.31 7.95
CA ILE L 143 -45.21 -13.32 7.91
C ILE L 143 -45.78 -12.01 7.38
N CYS L 144 -45.69 -10.96 8.18
CA CYS L 144 -46.07 -9.61 7.79
C CYS L 144 -44.81 -8.87 7.37
N THR L 145 -44.63 -8.71 6.06
CA THR L 145 -43.46 -8.03 5.52
C THR L 145 -43.73 -6.54 5.41
N TRP L 146 -42.77 -5.73 5.86
CA TRP L 146 -42.89 -4.28 5.86
C TRP L 146 -41.70 -3.69 5.15
N CYS L 147 -41.93 -3.03 4.03
CA CYS L 147 -40.87 -2.36 3.28
C CYS L 147 -40.64 -0.97 3.85
N VAL L 148 -39.41 -0.71 4.27
CA VAL L 148 -39.01 0.59 4.80
C VAL L 148 -37.81 1.08 4.01
N GLY L 149 -37.90 2.31 3.49
CA GLY L 149 -36.81 2.87 2.72
C GLY L 149 -36.69 2.28 1.32
N GLN L 150 -36.17 1.06 1.23
CA GLN L 150 -36.05 0.39 -0.05
C GLN L 150 -35.98 -1.11 0.15
N ALA L 151 -36.36 -1.84 -0.90
CA ALA L 151 -36.28 -3.31 -0.94
C ALA L 151 -35.87 -3.69 -2.35
N ALA L 152 -34.57 -3.76 -2.59
CA ALA L 152 -34.01 -3.99 -3.91
C ALA L 152 -33.38 -5.37 -4.00
N SER L 153 -33.31 -5.89 -5.23
CA SER L 153 -32.71 -7.19 -5.54
C SER L 153 -33.44 -8.26 -4.73
N MET L 154 -32.75 -9.02 -3.88
CA MET L 154 -33.43 -10.06 -3.10
C MET L 154 -34.32 -9.49 -2.01
N GLY L 155 -34.12 -8.21 -1.65
CA GLY L 155 -35.01 -7.59 -0.67
C GLY L 155 -36.44 -7.48 -1.15
N SER L 156 -36.63 -7.33 -2.47
CA SER L 156 -37.98 -7.28 -3.01
C SER L 156 -38.62 -8.66 -3.05
N LEU L 157 -37.81 -9.71 -3.20
CA LEU L 157 -38.35 -11.07 -3.18
C LEU L 157 -38.86 -11.44 -1.80
N LEU L 158 -38.11 -11.07 -0.75
CA LEU L 158 -38.58 -11.32 0.61
C LEU L 158 -39.84 -10.52 0.92
N LEU L 159 -39.97 -9.33 0.34
CA LEU L 159 -41.19 -8.55 0.52
C LEU L 159 -42.39 -9.22 -0.14
N ALA L 160 -42.20 -9.75 -1.35
CA ALA L 160 -43.28 -10.44 -2.04
C ALA L 160 -43.55 -11.82 -1.46
N ALA L 161 -42.59 -12.38 -0.72
CA ALA L 161 -42.75 -13.71 -0.12
C ALA L 161 -43.61 -13.71 1.13
N GLY L 162 -44.07 -12.55 1.59
CA GLY L 162 -44.89 -12.49 2.78
C GLY L 162 -46.24 -13.14 2.58
N THR L 163 -46.97 -13.26 3.68
CA THR L 163 -48.30 -13.83 3.65
C THR L 163 -49.22 -12.97 2.79
N PRO L 164 -50.00 -13.54 1.90
CA PRO L 164 -50.90 -12.73 1.06
C PRO L 164 -51.83 -11.86 1.90
N GLY L 165 -51.84 -10.57 1.59
CA GLY L 165 -52.62 -9.61 2.34
C GLY L 165 -51.87 -8.94 3.48
N MET L 166 -50.64 -9.36 3.75
CA MET L 166 -49.84 -8.82 4.86
C MET L 166 -48.51 -8.28 4.36
N ARG L 167 -48.43 -7.87 3.10
CA ARG L 167 -47.24 -7.29 2.52
C ARG L 167 -47.44 -5.78 2.40
N HIS L 168 -46.74 -5.03 3.23
CA HIS L 168 -46.95 -3.58 3.35
C HIS L 168 -45.70 -2.83 2.87
N SER L 169 -45.86 -1.52 2.73
CA SER L 169 -44.77 -0.65 2.33
C SER L 169 -45.11 0.78 2.72
N LEU L 170 -44.10 1.52 3.16
CA LEU L 170 -44.26 2.91 3.53
C LEU L 170 -44.39 3.77 2.27
N PRO L 171 -44.97 4.98 2.39
CA PRO L 171 -45.29 5.76 1.19
C PRO L 171 -44.10 6.08 0.31
N ASN L 172 -42.97 6.51 0.89
CA ASN L 172 -41.81 6.93 0.11
C ASN L 172 -40.78 5.81 -0.05
N SER L 173 -41.20 4.56 0.12
CA SER L 173 -40.30 3.43 -0.09
C SER L 173 -40.09 3.20 -1.58
N ARG L 174 -39.22 2.26 -1.91
CA ARG L 174 -38.93 1.95 -3.31
C ARG L 174 -38.59 0.47 -3.44
N ILE L 175 -39.09 -0.15 -4.49
CA ILE L 175 -38.91 -1.58 -4.75
C ILE L 175 -38.19 -1.73 -6.09
N MET L 176 -37.16 -2.57 -6.12
CA MET L 176 -36.37 -2.79 -7.32
C MET L 176 -36.18 -4.28 -7.54
N ILE L 177 -36.38 -4.73 -8.78
CA ILE L 177 -36.19 -6.12 -9.16
C ILE L 177 -35.28 -6.18 -10.37
N HIS L 178 -34.47 -7.24 -10.43
CA HIS L 178 -33.54 -7.40 -11.54
C HIS L 178 -33.04 -8.84 -11.55
N GLN L 179 -32.60 -9.29 -12.73
CA GLN L 179 -32.07 -10.63 -12.88
C GLN L 179 -30.76 -10.78 -12.08
N PRO L 180 -30.43 -12.00 -11.66
CA PRO L 180 -29.22 -12.19 -10.85
C PRO L 180 -27.96 -11.97 -11.67
N SER L 181 -26.91 -11.53 -10.99
CA SER L 181 -25.59 -11.34 -11.57
C SER L 181 -24.60 -12.28 -10.89
N GLY L 182 -23.53 -12.60 -11.61
CA GLY L 182 -22.53 -13.51 -11.08
C GLY L 182 -21.24 -13.43 -11.85
N GLY L 183 -20.31 -14.30 -11.48
CA GLY L 183 -19.02 -14.37 -12.13
C GLY L 183 -18.65 -15.79 -12.46
N ALA L 184 -17.66 -15.93 -13.35
CA ALA L 184 -17.23 -17.25 -13.80
C ALA L 184 -15.80 -17.14 -14.33
N ARG L 185 -14.94 -18.08 -13.94
CA ARG L 185 -13.57 -18.11 -14.41
C ARG L 185 -13.05 -19.53 -14.32
N GLY L 186 -12.28 -19.94 -15.32
CA GLY L 186 -11.72 -21.26 -15.41
C GLY L 186 -11.66 -21.72 -16.85
N GLN L 187 -11.59 -23.04 -17.03
CA GLN L 187 -11.57 -23.61 -18.37
C GLN L 187 -12.94 -23.46 -19.03
N ALA L 188 -12.96 -23.71 -20.35
CA ALA L 188 -14.20 -23.58 -21.10
C ALA L 188 -15.27 -24.55 -20.60
N THR L 189 -14.85 -25.71 -20.08
CA THR L 189 -15.82 -26.63 -19.49
C THR L 189 -16.37 -26.07 -18.18
N ASP L 190 -15.51 -25.46 -17.37
CA ASP L 190 -15.97 -24.87 -16.11
C ASP L 190 -16.85 -23.65 -16.35
N ILE L 191 -16.57 -22.89 -17.42
CA ILE L 191 -17.39 -21.72 -17.73
C ILE L 191 -18.80 -22.16 -18.14
N GLU L 192 -18.90 -23.25 -18.90
CA GLU L 192 -20.21 -23.72 -19.34
C GLU L 192 -21.04 -24.23 -18.16
N ILE L 193 -20.42 -24.93 -17.22
CA ILE L 193 -21.14 -25.44 -16.06
C ILE L 193 -21.63 -24.28 -15.20
N GLN L 194 -20.77 -23.30 -14.94
CA GLN L 194 -21.15 -22.17 -14.11
C GLN L 194 -22.18 -21.28 -14.78
N ALA L 195 -22.13 -21.15 -16.10
CA ALA L 195 -23.11 -20.34 -16.81
C ALA L 195 -24.49 -21.01 -16.82
N ARG L 196 -24.53 -22.34 -16.88
CA ARG L 196 -25.81 -23.03 -16.81
C ARG L 196 -26.45 -22.89 -15.44
N GLU L 197 -25.64 -22.80 -14.39
CA GLU L 197 -26.20 -22.63 -13.05
C GLU L 197 -26.73 -21.22 -12.84
N ILE L 198 -26.13 -20.22 -13.50
CA ILE L 198 -26.67 -18.87 -13.41
C ILE L 198 -28.01 -18.79 -14.13
N MET L 199 -28.14 -19.49 -15.26
CA MET L 199 -29.42 -19.52 -15.97
C MET L 199 -30.48 -20.24 -15.15
N LYS L 200 -30.09 -21.30 -14.43
CA LYS L 200 -31.04 -22.01 -13.58
C LYS L 200 -31.50 -21.15 -12.42
N LEU L 201 -30.60 -20.35 -11.85
CA LEU L 201 -30.99 -19.42 -10.80
C LEU L 201 -31.87 -18.30 -11.33
N LYS L 202 -31.62 -17.87 -12.58
CA LYS L 202 -32.44 -16.83 -13.18
C LYS L 202 -33.88 -17.31 -13.40
N LYS L 203 -34.03 -18.51 -13.96
CA LYS L 203 -35.36 -19.06 -14.17
C LYS L 203 -36.03 -19.44 -12.85
N GLN L 204 -35.23 -19.84 -11.84
CA GLN L 204 -35.80 -20.16 -10.54
C GLN L 204 -36.36 -18.92 -9.86
N LEU L 205 -35.65 -17.79 -9.96
CA LEU L 205 -36.15 -16.54 -9.41
C LEU L 205 -37.39 -16.07 -10.15
N TYR L 206 -37.42 -16.23 -11.48
CA TYR L 206 -38.57 -15.79 -12.25
C TYR L 206 -39.81 -16.61 -11.93
N ASN L 207 -39.64 -17.90 -11.64
CA ASN L 207 -40.78 -18.71 -11.24
C ASN L 207 -41.29 -18.32 -9.86
N ILE L 208 -40.39 -17.93 -8.96
CA ILE L 208 -40.81 -17.49 -7.63
C ILE L 208 -41.53 -16.14 -7.70
N TYR L 209 -40.99 -15.21 -8.51
CA TYR L 209 -41.64 -13.92 -8.65
C TYR L 209 -43.01 -14.05 -9.30
N ALA L 210 -43.11 -14.88 -10.34
CA ALA L 210 -44.40 -15.10 -11.00
C ALA L 210 -45.39 -15.83 -10.09
N LYS L 211 -44.91 -16.51 -9.05
CA LYS L 211 -45.78 -17.24 -8.14
C LYS L 211 -46.47 -16.30 -7.16
N HIS L 212 -45.69 -15.41 -6.53
CA HIS L 212 -46.23 -14.53 -5.49
C HIS L 212 -46.87 -13.26 -6.05
N THR L 213 -46.43 -12.80 -7.22
CA THR L 213 -47.01 -11.61 -7.84
C THR L 213 -48.18 -11.92 -8.75
N LYS L 214 -48.48 -13.20 -8.98
CA LYS L 214 -49.56 -13.63 -9.86
C LYS L 214 -49.39 -13.10 -11.29
N GLN L 215 -48.14 -12.85 -11.68
CA GLN L 215 -47.81 -12.42 -13.03
C GLN L 215 -47.40 -13.62 -13.87
N SER L 216 -47.36 -13.40 -15.18
CA SER L 216 -46.91 -14.44 -16.11
C SER L 216 -45.39 -14.39 -16.26
N LEU L 217 -44.84 -15.48 -16.77
CA LEU L 217 -43.39 -15.55 -16.97
C LEU L 217 -42.91 -14.52 -17.99
N GLN L 218 -43.72 -14.21 -18.99
CA GLN L 218 -43.33 -13.22 -19.99
C GLN L 218 -43.20 -11.84 -19.37
N VAL L 219 -44.12 -11.49 -18.46
CA VAL L 219 -44.04 -10.18 -17.80
C VAL L 219 -42.85 -10.11 -16.88
N ILE L 220 -42.55 -11.21 -16.17
CA ILE L 220 -41.42 -11.22 -15.25
C ILE L 220 -40.10 -11.17 -16.02
N GLU L 221 -40.01 -11.91 -17.14
CA GLU L 221 -38.79 -11.89 -17.94
C GLU L 221 -38.58 -10.53 -18.59
N SER L 222 -39.66 -9.88 -19.03
CA SER L 222 -39.51 -8.60 -19.72
C SER L 222 -39.22 -7.46 -18.75
N ALA L 223 -39.67 -7.59 -17.49
CA ALA L 223 -39.47 -6.54 -16.50
C ALA L 223 -38.12 -6.63 -15.80
N MET L 224 -37.64 -7.84 -15.52
CA MET L 224 -36.40 -8.03 -14.80
C MET L 224 -35.20 -8.22 -15.71
N GLU L 225 -35.33 -7.92 -17.00
CA GLU L 225 -34.18 -7.96 -17.90
C GLU L 225 -33.16 -6.88 -17.52
N ARG L 226 -33.64 -5.73 -17.09
CA ARG L 226 -32.82 -4.65 -16.57
C ARG L 226 -33.28 -4.29 -15.15
N ASP L 227 -32.57 -3.35 -14.53
CA ASP L 227 -32.98 -2.87 -13.22
C ASP L 227 -34.32 -2.17 -13.31
N ARG L 228 -35.32 -2.70 -12.59
CA ARG L 228 -36.69 -2.22 -12.64
C ARG L 228 -37.06 -1.60 -11.30
N TYR L 229 -37.05 -0.27 -11.24
CA TYR L 229 -37.44 0.45 -10.03
C TYR L 229 -38.94 0.71 -10.05
N MET L 230 -39.57 0.60 -8.88
CA MET L 230 -41.00 0.77 -8.76
C MET L 230 -41.33 1.60 -7.53
N SER L 231 -42.41 2.37 -7.63
CA SER L 231 -42.98 3.04 -6.48
C SER L 231 -43.88 2.08 -5.72
N PRO L 232 -44.21 2.38 -4.46
CA PRO L 232 -45.12 1.49 -3.71
C PRO L 232 -46.44 1.25 -4.42
N MET L 233 -46.97 2.25 -5.13
CA MET L 233 -48.19 2.03 -5.89
C MET L 233 -47.92 1.19 -7.14
N GLU L 234 -46.77 1.40 -7.78
CA GLU L 234 -46.41 0.56 -8.93
C GLU L 234 -46.14 -0.88 -8.50
N ALA L 235 -45.52 -1.06 -7.33
CA ALA L 235 -45.27 -2.40 -6.83
C ALA L 235 -46.55 -3.07 -6.36
N GLN L 236 -47.54 -2.28 -5.91
CA GLN L 236 -48.83 -2.85 -5.54
C GLN L 236 -49.59 -3.34 -6.77
N GLU L 237 -49.56 -2.56 -7.86
CA GLU L 237 -50.22 -2.98 -9.09
C GLU L 237 -49.52 -4.19 -9.70
N PHE L 238 -48.19 -4.24 -9.59
CA PHE L 238 -47.44 -5.36 -10.15
C PHE L 238 -47.64 -6.64 -9.36
N GLY L 239 -48.07 -6.55 -8.10
CA GLY L 239 -48.28 -7.71 -7.28
C GLY L 239 -47.19 -8.01 -6.27
N ILE L 240 -46.25 -7.09 -6.06
CA ILE L 240 -45.16 -7.34 -5.12
C ILE L 240 -45.63 -7.15 -3.69
N LEU L 241 -46.43 -6.11 -3.43
CA LEU L 241 -46.96 -5.86 -2.11
C LEU L 241 -48.47 -5.71 -2.20
N ASP L 242 -49.12 -5.66 -1.03
CA ASP L 242 -50.57 -5.61 -0.94
C ASP L 242 -51.11 -4.25 -0.55
N LYS L 243 -50.53 -3.60 0.46
CA LYS L 243 -51.02 -2.32 0.94
C LYS L 243 -49.88 -1.31 0.97
N VAL L 244 -50.17 -0.10 0.52
CA VAL L 244 -49.29 1.05 0.68
C VAL L 244 -49.83 1.85 1.87
N LEU L 245 -49.06 1.89 2.96
CA LEU L 245 -49.54 2.48 4.19
C LEU L 245 -49.57 4.00 4.13
N VAL L 246 -50.40 4.59 5.00
CA VAL L 246 -50.54 6.02 5.21
C VAL L 246 -51.15 6.25 6.59
N HIS L 247 -50.42 6.94 7.47
CA HIS L 247 -50.97 7.34 8.77
C HIS L 247 -50.66 8.79 9.12
N PRO L 248 -50.57 9.73 8.16
CA PRO L 248 -50.13 11.05 8.61
C PRO L 248 -51.29 12.03 8.86
N ILE M 59 -20.69 6.22 25.07
CA ILE M 59 -19.40 5.84 25.62
C ILE M 59 -19.45 5.75 27.16
N PRO M 60 -19.93 6.78 27.85
CA PRO M 60 -19.97 6.71 29.32
C PRO M 60 -21.14 5.88 29.80
N ILE M 61 -20.91 5.16 30.89
CA ILE M 61 -21.94 4.28 31.44
C ILE M 61 -22.76 5.01 32.50
N ASP M 74 -25.29 2.82 28.48
CA ASP M 74 -24.53 3.99 28.03
C ASP M 74 -25.39 5.25 28.05
N ILE M 75 -24.83 6.36 27.59
CA ILE M 75 -25.53 7.64 27.67
C ILE M 75 -26.66 7.72 26.63
N TYR M 76 -26.49 7.11 25.46
CA TYR M 76 -27.55 7.12 24.46
C TYR M 76 -28.69 6.19 24.85
N SER M 77 -28.36 5.04 25.46
CA SER M 77 -29.38 4.15 25.97
C SER M 77 -30.17 4.78 27.11
N ARG M 78 -29.52 5.63 27.91
CA ARG M 78 -30.22 6.33 28.98
C ARG M 78 -31.20 7.35 28.40
N LEU M 79 -30.80 8.08 27.36
CA LEU M 79 -31.71 9.03 26.73
C LEU M 79 -32.84 8.32 26.01
N LEU M 80 -32.59 7.11 25.50
CA LEU M 80 -33.66 6.35 24.85
C LEU M 80 -34.75 5.97 25.85
N ARG M 81 -34.39 5.76 27.12
CA ARG M 81 -35.39 5.50 28.14
C ARG M 81 -36.31 6.70 28.34
N GLU M 82 -35.77 7.91 28.17
CA GLU M 82 -36.56 9.14 28.20
C GLU M 82 -37.21 9.46 26.86
N ARG M 83 -37.31 8.46 25.98
CA ARG M 83 -37.95 8.61 24.66
C ARG M 83 -37.22 9.64 23.80
N ILE M 84 -35.89 9.64 23.87
CA ILE M 84 -35.04 10.53 23.07
C ILE M 84 -34.23 9.68 22.11
N VAL M 85 -34.32 10.00 20.82
CA VAL M 85 -33.56 9.33 19.78
C VAL M 85 -32.56 10.32 19.20
N CYS M 86 -31.29 9.94 19.18
CA CYS M 86 -30.22 10.80 18.68
C CYS M 86 -29.86 10.41 17.26
N VAL M 87 -29.82 11.39 16.36
CA VAL M 87 -29.40 11.18 14.99
C VAL M 87 -28.13 11.99 14.75
N MET M 88 -27.00 11.47 15.22
CA MET M 88 -25.72 12.16 15.13
C MET M 88 -24.88 11.58 13.99
N GLY M 89 -23.99 12.41 13.47
CA GLY M 89 -23.07 11.99 12.43
C GLY M 89 -23.77 11.71 11.11
N PRO M 90 -23.03 11.12 10.17
CA PRO M 90 -23.62 10.82 8.86
C PRO M 90 -24.75 9.81 8.97
N ILE M 91 -25.63 9.81 7.96
CA ILE M 91 -26.80 8.95 7.91
C ILE M 91 -26.60 7.96 6.78
N ASP M 92 -26.51 6.68 7.12
CA ASP M 92 -26.40 5.61 6.13
C ASP M 92 -27.45 4.55 6.47
N ASP M 93 -27.30 3.35 5.90
CA ASP M 93 -28.25 2.28 6.18
C ASP M 93 -28.19 1.85 7.65
N SER M 94 -26.99 1.78 8.21
CA SER M 94 -26.86 1.37 9.60
C SER M 94 -27.49 2.38 10.54
N VAL M 95 -27.31 3.67 10.26
CA VAL M 95 -27.91 4.71 11.10
C VAL M 95 -29.42 4.76 10.91
N ALA M 96 -29.88 4.65 9.66
CA ALA M 96 -31.31 4.70 9.40
C ALA M 96 -32.03 3.52 10.04
N SER M 97 -31.45 2.32 9.95
CA SER M 97 -32.09 1.15 10.54
C SER M 97 -32.14 1.24 12.06
N LEU M 98 -31.10 1.81 12.67
CA LEU M 98 -31.10 1.97 14.12
C LEU M 98 -32.14 2.98 14.57
N VAL M 99 -32.28 4.09 13.83
CA VAL M 99 -33.26 5.10 14.19
C VAL M 99 -34.68 4.57 14.04
N ILE M 100 -34.95 3.86 12.94
CA ILE M 100 -36.29 3.32 12.71
C ILE M 100 -36.64 2.27 13.75
N ALA M 101 -35.65 1.45 14.13
CA ALA M 101 -35.89 0.45 15.17
C ALA M 101 -36.21 1.11 16.50
N GLN M 102 -35.57 2.24 16.80
CA GLN M 102 -35.87 2.96 18.04
C GLN M 102 -37.24 3.62 17.97
N LEU M 103 -37.61 4.16 16.81
CA LEU M 103 -38.91 4.82 16.68
C LEU M 103 -40.05 3.82 16.79
N LEU M 104 -39.91 2.65 16.16
CA LEU M 104 -40.97 1.66 16.22
C LEU M 104 -41.03 0.99 17.59
N PHE M 105 -39.91 0.91 18.30
CA PHE M 105 -39.94 0.41 19.67
C PHE M 105 -40.63 1.40 20.60
N LEU M 106 -40.43 2.70 20.37
CA LEU M 106 -41.09 3.69 21.21
C LEU M 106 -42.58 3.77 20.96
N GLN M 107 -43.01 3.53 19.71
CA GLN M 107 -44.44 3.54 19.42
C GLN M 107 -45.13 2.31 20.01
N SER M 108 -44.44 1.17 20.00
CA SER M 108 -45.02 -0.05 20.56
C SER M 108 -45.25 0.08 22.06
N GLU M 109 -44.44 0.88 22.74
CA GLU M 109 -44.65 1.10 24.17
C GLU M 109 -45.81 2.06 24.42
N SER M 110 -45.95 3.09 23.59
CA SER M 110 -47.00 4.06 23.76
C SER M 110 -47.25 4.78 22.44
N ASN M 111 -48.50 4.84 22.02
CA ASN M 111 -48.89 5.58 20.83
C ASN M 111 -49.15 7.06 21.11
N LYS M 112 -48.96 7.50 22.36
CA LYS M 112 -49.32 8.85 22.77
C LYS M 112 -48.11 9.69 23.18
N LYS M 113 -47.20 9.11 23.97
CA LYS M 113 -46.09 9.89 24.50
C LYS M 113 -45.26 10.47 23.37
N PRO M 114 -44.98 11.77 23.38
CA PRO M 114 -44.18 12.36 22.29
C PRO M 114 -42.76 11.84 22.30
N ILE M 115 -42.19 11.77 21.10
CA ILE M 115 -40.83 11.28 20.88
C ILE M 115 -39.95 12.46 20.52
N HIS M 116 -38.81 12.58 21.20
CA HIS M 116 -37.85 13.65 20.95
C HIS M 116 -36.71 13.12 20.09
N MET M 117 -36.38 13.85 19.03
CA MET M 117 -35.34 13.47 18.09
C MET M 117 -34.30 14.58 18.03
N TYR M 118 -33.10 14.28 18.50
CA TYR M 118 -31.98 15.22 18.45
C TYR M 118 -31.20 15.02 17.15
N ILE M 119 -30.95 16.10 16.44
CA ILE M 119 -30.35 16.04 15.11
C ILE M 119 -29.04 16.83 15.14
N ASN M 120 -27.94 16.16 14.80
CA ASN M 120 -26.65 16.80 14.59
C ASN M 120 -25.94 16.02 13.48
N SER M 121 -26.53 16.04 12.29
CA SER M 121 -26.10 15.23 11.17
C SER M 121 -25.72 16.11 9.98
N PRO M 122 -24.58 15.87 9.36
CA PRO M 122 -24.24 16.54 8.10
C PRO M 122 -24.94 15.94 6.89
N GLY M 123 -25.76 14.92 7.05
CA GLY M 123 -26.44 14.31 5.92
C GLY M 123 -25.93 12.92 5.59
N GLY M 124 -26.09 12.49 4.34
CA GLY M 124 -25.72 11.13 3.98
C GLY M 124 -26.54 10.52 2.85
N VAL M 125 -26.90 9.23 2.97
CA VAL M 125 -27.66 8.57 1.91
C VAL M 125 -29.06 9.15 1.84
N VAL M 126 -29.56 9.36 0.62
CA VAL M 126 -30.89 9.92 0.45
C VAL M 126 -31.95 8.91 0.85
N THR M 127 -31.78 7.65 0.41
CA THR M 127 -32.75 6.61 0.77
C THR M 127 -32.77 6.37 2.28
N ALA M 128 -31.62 6.55 2.95
CA ALA M 128 -31.60 6.42 4.40
C ALA M 128 -32.39 7.54 5.07
N GLY M 129 -32.39 8.74 4.48
CA GLY M 129 -33.18 9.83 5.04
C GLY M 129 -34.67 9.64 4.81
N LEU M 130 -35.05 9.16 3.61
CA LEU M 130 -36.45 8.89 3.34
C LEU M 130 -36.98 7.76 4.21
N ALA M 131 -36.14 6.77 4.52
CA ALA M 131 -36.56 5.69 5.40
C ALA M 131 -36.93 6.23 6.78
N ILE M 132 -36.10 7.12 7.32
CA ILE M 132 -36.42 7.74 8.61
C ILE M 132 -37.64 8.64 8.47
N TYR M 133 -37.77 9.34 7.33
CA TYR M 133 -38.91 10.23 7.13
C TYR M 133 -40.22 9.46 7.13
N ASP M 134 -40.27 8.31 6.45
CA ASP M 134 -41.49 7.53 6.42
C ASP M 134 -41.88 7.03 7.81
N THR M 135 -40.90 6.54 8.57
CA THR M 135 -41.18 6.07 9.92
C THR M 135 -41.69 7.19 10.81
N MET M 136 -41.14 8.39 10.62
CA MET M 136 -41.62 9.54 11.39
C MET M 136 -43.09 9.85 11.08
N GLN M 137 -43.45 9.83 9.81
CA GLN M 137 -44.83 10.13 9.42
C GLN M 137 -45.78 8.99 9.75
N TYR M 138 -45.27 7.76 9.84
CA TYR M 138 -46.14 6.61 10.09
C TYR M 138 -46.56 6.52 11.55
N ILE M 139 -45.59 6.62 12.47
CA ILE M 139 -45.91 6.45 13.88
C ILE M 139 -46.84 7.56 14.33
N LEU M 140 -47.75 7.21 15.24
CA LEU M 140 -48.76 8.16 15.71
C LEU M 140 -48.21 9.13 16.74
N ASN M 141 -47.04 8.86 17.31
CA ASN M 141 -46.50 9.71 18.36
C ASN M 141 -46.08 11.06 17.78
N PRO M 142 -46.37 12.16 18.47
CA PRO M 142 -45.82 13.46 18.04
C PRO M 142 -44.30 13.46 18.20
N ILE M 143 -43.61 13.97 17.19
CA ILE M 143 -42.16 13.98 17.15
C ILE M 143 -41.69 15.42 17.30
N CYS M 144 -40.95 15.68 18.38
CA CYS M 144 -40.33 16.98 18.61
C CYS M 144 -38.89 16.92 18.12
N THR M 145 -38.60 17.63 17.04
CA THR M 145 -37.27 17.66 16.47
C THR M 145 -36.46 18.81 17.07
N TRP M 146 -35.21 18.52 17.42
CA TRP M 146 -34.32 19.49 18.05
C TRP M 146 -33.01 19.50 17.27
N CYS M 147 -32.74 20.58 16.55
CA CYS M 147 -31.50 20.72 15.82
C CYS M 147 -30.39 21.20 16.74
N VAL M 148 -29.28 20.47 16.76
CA VAL M 148 -28.10 20.83 17.55
C VAL M 148 -26.90 20.86 16.62
N GLY M 149 -26.12 21.94 16.69
CA GLY M 149 -24.95 22.06 15.85
C GLY M 149 -25.27 22.31 14.41
N GLN M 150 -25.75 21.28 13.71
CA GLN M 150 -26.08 21.42 12.30
C GLN M 150 -27.12 20.38 11.92
N ALA M 151 -27.89 20.69 10.87
CA ALA M 151 -28.88 19.78 10.28
C ALA M 151 -28.85 20.03 8.78
N ALA M 152 -27.94 19.35 8.09
CA ALA M 152 -27.71 19.56 6.66
C ALA M 152 -28.11 18.33 5.87
N SER M 153 -28.37 18.54 4.59
CA SER M 153 -28.74 17.50 3.63
C SER M 153 -30.00 16.81 4.16
N MET M 154 -30.01 15.48 4.34
CA MET M 154 -31.19 14.81 4.87
C MET M 154 -31.45 15.16 6.33
N GLY M 155 -30.45 15.71 7.03
CA GLY M 155 -30.68 16.14 8.40
C GLY M 155 -31.67 17.28 8.51
N SER M 156 -31.69 18.17 7.51
CA SER M 156 -32.67 19.25 7.51
C SER M 156 -34.07 18.73 7.21
N LEU M 157 -34.17 17.65 6.41
CA LEU M 157 -35.48 17.08 6.12
C LEU M 157 -36.10 16.48 7.37
N LEU M 158 -35.30 15.80 8.19
CA LEU M 158 -35.81 15.25 9.43
C LEU M 158 -36.20 16.35 10.41
N LEU M 159 -35.50 17.48 10.38
CA LEU M 159 -35.87 18.61 11.23
C LEU M 159 -37.21 19.20 10.78
N ALA M 160 -37.45 19.28 9.47
CA ALA M 160 -38.70 19.80 8.96
C ALA M 160 -39.82 18.78 9.02
N ALA M 161 -39.50 17.50 9.17
CA ALA M 161 -40.51 16.45 9.22
C ALA M 161 -41.16 16.30 10.58
N GLY M 162 -40.73 17.05 11.58
CA GLY M 162 -41.31 16.97 12.89
C GLY M 162 -42.75 17.44 12.92
N THR M 163 -43.41 17.16 14.03
CA THR M 163 -44.79 17.58 14.22
C THR M 163 -44.87 19.11 14.15
N PRO M 164 -45.80 19.67 13.38
CA PRO M 164 -45.88 21.13 13.25
C PRO M 164 -46.05 21.80 14.61
N GLY M 165 -45.20 22.80 14.87
CA GLY M 165 -45.17 23.49 16.14
C GLY M 165 -44.21 22.91 17.14
N MET M 166 -43.53 21.81 16.82
CA MET M 166 -42.61 21.15 17.75
C MET M 166 -41.23 20.96 17.12
N ARG M 167 -40.84 21.86 16.22
CA ARG M 167 -39.55 21.82 15.55
C ARG M 167 -38.70 22.96 16.06
N HIS M 168 -37.55 22.63 16.64
CA HIS M 168 -36.73 23.60 17.34
C HIS M 168 -35.30 23.55 16.82
N SER M 169 -34.52 24.58 17.19
CA SER M 169 -33.11 24.67 16.82
C SER M 169 -32.41 25.61 17.78
N LEU M 170 -31.17 25.27 18.13
CA LEU M 170 -30.36 26.11 18.98
C LEU M 170 -29.93 27.36 18.21
N PRO M 171 -29.59 28.44 18.93
CA PRO M 171 -29.34 29.72 18.23
C PRO M 171 -28.22 29.68 17.19
N ASN M 172 -27.09 29.05 17.51
CA ASN M 172 -25.94 29.05 16.62
C ASN M 172 -25.86 27.79 15.76
N SER M 173 -27.00 27.15 15.51
CA SER M 173 -27.02 26.00 14.62
C SER M 173 -26.94 26.45 13.16
N ARG M 174 -26.99 25.48 12.26
CA ARG M 174 -26.84 25.78 10.83
C ARG M 174 -27.59 24.72 10.03
N ILE M 175 -28.53 25.16 9.20
CA ILE M 175 -29.37 24.28 8.41
C ILE M 175 -29.01 24.45 6.94
N MET M 176 -28.86 23.34 6.23
CA MET M 176 -28.52 23.35 4.81
C MET M 176 -29.45 22.42 4.05
N ILE M 177 -29.90 22.87 2.89
CA ILE M 177 -30.75 22.07 2.00
C ILE M 177 -30.14 22.09 0.61
N HIS M 178 -30.25 20.97 -0.10
CA HIS M 178 -29.73 20.87 -1.45
C HIS M 178 -30.35 19.66 -2.14
N GLN M 179 -30.31 19.68 -3.46
CA GLN M 179 -30.83 18.55 -4.24
C GLN M 179 -29.97 17.31 -4.02
N PRO M 180 -30.53 16.13 -4.17
CA PRO M 180 -29.75 14.90 -3.93
C PRO M 180 -28.65 14.72 -4.95
N SER M 181 -27.67 13.91 -4.57
CA SER M 181 -26.56 13.53 -5.43
C SER M 181 -26.49 12.01 -5.52
N GLY M 182 -25.74 11.52 -6.49
CA GLY M 182 -25.60 10.09 -6.66
C GLY M 182 -24.60 9.75 -7.74
N GLY M 183 -24.54 8.46 -8.06
CA GLY M 183 -23.63 7.97 -9.07
C GLY M 183 -24.34 7.06 -10.05
N ALA M 184 -23.64 6.76 -11.15
CA ALA M 184 -24.17 5.90 -12.19
C ALA M 184 -23.02 5.38 -13.03
N ARG M 185 -22.99 4.07 -13.24
CA ARG M 185 -21.96 3.46 -14.07
C ARG M 185 -22.53 2.18 -14.69
N GLY M 186 -22.18 1.94 -15.95
CA GLY M 186 -22.65 0.80 -16.69
C GLY M 186 -22.88 1.18 -18.14
N GLN M 187 -23.68 0.36 -18.82
CA GLN M 187 -24.01 0.64 -20.21
C GLN M 187 -24.91 1.88 -20.30
N ALA M 188 -25.08 2.37 -21.53
CA ALA M 188 -25.90 3.56 -21.75
C ALA M 188 -27.33 3.34 -21.29
N THR M 189 -27.85 2.12 -21.43
CA THR M 189 -29.17 1.82 -20.91
C THR M 189 -29.19 1.82 -19.39
N ASP M 190 -28.11 1.32 -18.77
CA ASP M 190 -28.01 1.32 -17.32
C ASP M 190 -27.86 2.74 -16.79
N ILE M 191 -27.15 3.60 -17.52
CA ILE M 191 -27.01 4.99 -17.10
C ILE M 191 -28.36 5.70 -17.12
N GLU M 192 -29.15 5.46 -18.18
CA GLU M 192 -30.44 6.14 -18.31
C GLU M 192 -31.42 5.71 -17.22
N ILE M 193 -31.45 4.42 -16.90
CA ILE M 193 -32.37 3.94 -15.86
C ILE M 193 -32.02 4.54 -14.51
N GLN M 194 -30.72 4.57 -14.18
CA GLN M 194 -30.30 5.15 -12.91
C GLN M 194 -30.41 6.67 -12.90
N ALA M 195 -30.40 7.31 -14.07
CA ALA M 195 -30.47 8.77 -14.12
C ALA M 195 -31.89 9.27 -13.86
N ARG M 196 -32.87 8.72 -14.58
CA ARG M 196 -34.26 9.12 -14.33
C ARG M 196 -34.75 8.66 -12.96
N GLU M 197 -34.03 7.72 -12.33
CA GLU M 197 -34.40 7.33 -10.97
C GLU M 197 -33.93 8.37 -9.96
N ILE M 198 -32.78 8.99 -10.20
CA ILE M 198 -32.36 10.09 -9.34
C ILE M 198 -33.17 11.35 -9.63
N MET M 199 -33.76 11.44 -10.83
CA MET M 199 -34.69 12.54 -11.11
C MET M 199 -35.97 12.40 -10.31
N LYS M 200 -36.46 11.16 -10.17
CA LYS M 200 -37.65 10.94 -9.34
C LYS M 200 -37.36 11.25 -7.88
N LEU M 201 -36.15 10.91 -7.40
CA LEU M 201 -35.77 11.24 -6.03
C LEU M 201 -35.71 12.75 -5.83
N LYS M 202 -35.21 13.48 -6.83
CA LYS M 202 -35.15 14.93 -6.74
C LYS M 202 -36.55 15.54 -6.65
N LYS M 203 -37.48 15.06 -7.48
CA LYS M 203 -38.86 15.53 -7.41
C LYS M 203 -39.55 15.05 -6.14
N GLN M 204 -39.21 13.84 -5.67
CA GLN M 204 -39.83 13.33 -4.45
C GLN M 204 -39.38 14.15 -3.24
N LEU M 205 -38.10 14.50 -3.17
CA LEU M 205 -37.63 15.35 -2.07
C LEU M 205 -38.20 16.75 -2.16
N TYR M 206 -38.42 17.26 -3.37
CA TYR M 206 -38.96 18.60 -3.51
C TYR M 206 -40.41 18.68 -3.06
N ASN M 207 -41.20 17.65 -3.37
CA ASN M 207 -42.59 17.63 -2.91
C ASN M 207 -42.68 17.47 -1.41
N ILE M 208 -41.74 16.74 -0.81
CA ILE M 208 -41.76 16.53 0.64
C ILE M 208 -41.39 17.83 1.35
N TYR M 209 -40.33 18.50 0.88
CA TYR M 209 -39.93 19.77 1.50
C TYR M 209 -41.03 20.81 1.38
N ALA M 210 -41.62 20.95 0.19
CA ALA M 210 -42.69 21.92 0.00
C ALA M 210 -43.90 21.60 0.86
N LYS M 211 -44.10 20.32 1.20
CA LYS M 211 -45.23 19.94 2.03
C LYS M 211 -45.05 20.41 3.46
N HIS M 212 -43.85 20.21 4.02
CA HIS M 212 -43.60 20.52 5.42
C HIS M 212 -43.12 21.96 5.65
N THR M 213 -42.54 22.60 4.64
CA THR M 213 -42.16 23.99 4.75
C THR M 213 -43.26 24.94 4.28
N LYS M 214 -44.34 24.41 3.71
CA LYS M 214 -45.47 25.21 3.23
C LYS M 214 -45.01 26.23 2.18
N GLN M 215 -44.04 25.83 1.37
CA GLN M 215 -43.53 26.66 0.28
C GLN M 215 -44.08 26.15 -1.05
N SER M 216 -43.82 26.93 -2.10
CA SER M 216 -44.17 26.52 -3.45
C SER M 216 -43.01 25.76 -4.08
N LEU M 217 -43.34 24.92 -5.06
CA LEU M 217 -42.30 24.15 -5.75
C LEU M 217 -41.32 25.05 -6.47
N GLN M 218 -41.76 26.25 -6.89
CA GLN M 218 -40.86 27.20 -7.52
C GLN M 218 -39.77 27.64 -6.55
N VAL M 219 -40.15 27.91 -5.29
CA VAL M 219 -39.17 28.31 -4.29
C VAL M 219 -38.27 27.14 -3.93
N ILE M 220 -38.83 25.94 -3.82
CA ILE M 220 -38.05 24.77 -3.46
C ILE M 220 -37.04 24.44 -4.56
N GLU M 221 -37.47 24.50 -5.82
CA GLU M 221 -36.55 24.23 -6.93
C GLU M 221 -35.46 25.28 -7.01
N SER M 222 -35.76 26.53 -6.67
CA SER M 222 -34.76 27.59 -6.73
C SER M 222 -33.82 27.56 -5.53
N ALA M 223 -34.31 27.15 -4.37
CA ALA M 223 -33.49 27.17 -3.17
C ALA M 223 -32.57 25.96 -3.07
N MET M 224 -33.00 24.80 -3.56
CA MET M 224 -32.23 23.57 -3.44
C MET M 224 -31.43 23.24 -4.68
N GLU M 225 -31.33 24.17 -5.65
CA GLU M 225 -30.51 23.93 -6.82
C GLU M 225 -29.03 23.83 -6.45
N ARG M 226 -28.58 24.67 -5.54
CA ARG M 226 -27.24 24.63 -4.99
C ARG M 226 -27.33 24.42 -3.48
N ASP M 227 -26.16 24.37 -2.83
CA ASP M 227 -26.12 24.26 -1.38
C ASP M 227 -26.65 25.55 -0.76
N ARG M 228 -27.77 25.45 -0.06
CA ARG M 228 -28.42 26.60 0.57
C ARG M 228 -28.27 26.48 2.08
N TYR M 229 -27.38 27.29 2.64
CA TYR M 229 -27.17 27.32 4.09
C TYR M 229 -28.05 28.38 4.72
N MET M 230 -28.66 28.04 5.85
CA MET M 230 -29.57 28.92 6.54
C MET M 230 -29.23 28.99 8.02
N SER M 231 -29.48 30.16 8.61
CA SER M 231 -29.44 30.30 10.05
C SER M 231 -30.77 29.87 10.66
N PRO M 232 -30.80 29.57 11.95
CA PRO M 232 -32.09 29.24 12.59
C PRO M 232 -33.17 30.28 12.36
N MET M 233 -32.80 31.57 12.35
CA MET M 233 -33.77 32.62 12.05
C MET M 233 -34.24 32.53 10.60
N GLU M 234 -33.31 32.25 9.68
CA GLU M 234 -33.69 32.10 8.27
C GLU M 234 -34.49 30.83 8.03
N ALA M 235 -34.10 29.73 8.70
CA ALA M 235 -34.83 28.48 8.52
C ALA M 235 -36.23 28.56 9.11
N GLN M 236 -36.43 29.35 10.16
CA GLN M 236 -37.76 29.54 10.71
C GLN M 236 -38.66 30.27 9.72
N GLU M 237 -38.14 31.35 9.12
CA GLU M 237 -38.90 32.07 8.10
C GLU M 237 -39.13 31.22 6.86
N PHE M 238 -38.22 30.28 6.57
CA PHE M 238 -38.40 29.45 5.39
C PHE M 238 -39.45 28.36 5.63
N GLY M 239 -39.66 27.98 6.89
CA GLY M 239 -40.63 26.95 7.23
C GLY M 239 -40.02 25.62 7.60
N ILE M 240 -38.71 25.53 7.77
CA ILE M 240 -38.08 24.27 8.13
C ILE M 240 -38.30 23.96 9.60
N LEU M 241 -38.18 24.98 10.47
CA LEU M 241 -38.37 24.81 11.90
C LEU M 241 -39.37 25.84 12.40
N ASP M 242 -39.83 25.65 13.63
CA ASP M 242 -40.86 26.49 14.23
C ASP M 242 -40.32 27.45 15.27
N LYS M 243 -39.48 26.97 16.18
CA LYS M 243 -39.00 27.77 17.31
C LYS M 243 -37.48 27.85 17.29
N VAL M 244 -36.95 29.03 17.60
CA VAL M 244 -35.53 29.26 17.77
C VAL M 244 -35.31 29.61 19.24
N LEU M 245 -34.76 28.66 20.00
CA LEU M 245 -34.51 28.89 21.42
C LEU M 245 -33.48 29.99 21.61
N VAL M 246 -33.44 30.53 22.83
CA VAL M 246 -32.54 31.62 23.18
C VAL M 246 -31.82 31.29 24.48
N HIS M 247 -30.66 31.89 24.66
CA HIS M 247 -29.82 31.63 25.81
C HIS M 247 -30.16 32.60 26.93
N PRO M 248 -30.58 32.12 28.11
CA PRO M 248 -30.90 32.99 29.26
C PRO M 248 -29.65 33.62 29.87
N ILE N 59 -8.55 2.22 30.06
CA ILE N 59 -9.62 2.90 30.76
C ILE N 59 -9.91 2.19 32.09
N PRO N 60 -9.70 2.89 33.20
CA PRO N 60 -9.92 2.27 34.51
C PRO N 60 -11.40 2.09 34.80
N ILE N 61 -11.68 1.22 35.78
CA ILE N 61 -13.05 0.86 36.16
C ILE N 61 -13.17 0.91 37.68
N VAL N 62 -14.22 1.55 38.17
CA VAL N 62 -14.56 1.53 39.59
C VAL N 62 -15.81 0.67 39.79
N VAL N 63 -16.07 0.31 41.04
CA VAL N 63 -17.22 -0.52 41.39
C VAL N 63 -17.80 -0.02 42.70
N GLU N 64 -19.13 0.07 42.75
CA GLU N 64 -19.85 0.47 43.96
C GLU N 64 -21.22 -0.18 44.00
N TYR N 73 -18.73 1.00 35.28
CA TYR N 73 -18.34 2.30 35.82
C TYR N 73 -16.90 2.65 35.48
N ASP N 74 -16.69 3.27 34.33
CA ASP N 74 -15.37 3.75 33.97
C ASP N 74 -15.05 5.03 34.74
N ILE N 75 -13.80 5.50 34.59
CA ILE N 75 -13.37 6.67 35.35
C ILE N 75 -14.10 7.91 34.89
N TYR N 76 -14.53 7.96 33.63
CA TYR N 76 -15.31 9.10 33.15
C TYR N 76 -16.77 9.01 33.59
N SER N 77 -17.33 7.79 33.61
CA SER N 77 -18.69 7.61 34.10
C SER N 77 -18.78 7.89 35.60
N ARG N 78 -17.73 7.57 36.34
CA ARG N 78 -17.72 7.85 37.78
C ARG N 78 -17.65 9.35 38.05
N LEU N 79 -16.91 10.08 37.22
CA LEU N 79 -16.88 11.54 37.36
C LEU N 79 -18.21 12.17 36.95
N LEU N 80 -18.91 11.57 35.98
CA LEU N 80 -20.21 12.08 35.58
C LEU N 80 -21.22 11.99 36.71
N ARG N 81 -21.06 11.01 37.60
CA ARG N 81 -21.94 10.92 38.76
C ARG N 81 -21.72 12.07 39.73
N GLU N 82 -20.51 12.66 39.72
CA GLU N 82 -20.22 13.87 40.47
C GLU N 82 -20.56 15.14 39.68
N ARG N 83 -21.35 15.00 38.60
CA ARG N 83 -21.73 16.12 37.74
C ARG N 83 -20.50 16.76 37.10
N ILE N 84 -19.62 15.92 36.55
CA ILE N 84 -18.41 16.36 35.88
C ILE N 84 -18.41 15.82 34.46
N VAL N 85 -18.24 16.72 33.49
CA VAL N 85 -18.15 16.36 32.08
C VAL N 85 -16.75 16.65 31.59
N CYS N 86 -16.12 15.67 30.97
CA CYS N 86 -14.75 15.81 30.47
C CYS N 86 -14.77 16.04 28.96
N VAL N 87 -14.13 17.13 28.52
CA VAL N 87 -13.94 17.40 27.10
C VAL N 87 -12.46 17.24 26.80
N MET N 88 -12.00 16.00 26.68
CA MET N 88 -10.60 15.70 26.48
C MET N 88 -10.33 15.36 25.02
N GLY N 89 -9.13 15.72 24.56
CA GLY N 89 -8.70 15.41 23.22
C GLY N 89 -9.40 16.26 22.18
N PRO N 90 -9.25 15.87 20.90
CA PRO N 90 -9.87 16.65 19.82
C PRO N 90 -11.39 16.66 19.92
N ILE N 91 -11.98 17.67 19.30
CA ILE N 91 -13.43 17.89 19.34
C ILE N 91 -13.97 17.74 17.91
N ASP N 92 -14.72 16.66 17.68
CA ASP N 92 -15.39 16.47 16.40
C ASP N 92 -16.89 16.24 16.61
N ASP N 93 -17.59 15.80 15.58
CA ASP N 93 -19.02 15.56 15.72
C ASP N 93 -19.32 14.45 16.72
N SER N 94 -18.41 13.48 16.85
CA SER N 94 -18.61 12.39 17.80
C SER N 94 -18.45 12.87 19.24
N VAL N 95 -17.40 13.65 19.50
CA VAL N 95 -17.16 14.15 20.85
C VAL N 95 -18.24 15.14 21.26
N ALA N 96 -18.65 16.01 20.34
CA ALA N 96 -19.68 17.01 20.66
C ALA N 96 -21.00 16.35 21.01
N SER N 97 -21.37 15.28 20.29
CA SER N 97 -22.63 14.61 20.57
C SER N 97 -22.62 13.96 21.95
N LEU N 98 -21.47 13.42 22.36
CA LEU N 98 -21.38 12.81 23.69
C LEU N 98 -21.48 13.86 24.79
N VAL N 99 -20.77 14.99 24.62
CA VAL N 99 -20.82 16.05 25.62
C VAL N 99 -22.22 16.61 25.75
N ILE N 100 -22.89 16.81 24.62
CA ILE N 100 -24.25 17.36 24.66
C ILE N 100 -25.22 16.37 25.27
N ALA N 101 -25.05 15.07 24.97
CA ALA N 101 -25.90 14.06 25.58
C ALA N 101 -25.72 14.01 27.08
N GLN N 102 -24.51 14.26 27.57
CA GLN N 102 -24.28 14.27 29.01
C GLN N 102 -24.82 15.54 29.65
N LEU N 103 -24.66 16.68 28.99
CA LEU N 103 -25.14 17.94 29.54
C LEU N 103 -26.66 17.94 29.67
N LEU N 104 -27.36 17.44 28.64
CA LEU N 104 -28.82 17.38 28.71
C LEU N 104 -29.27 16.33 29.72
N PHE N 105 -28.49 15.26 29.90
CA PHE N 105 -28.80 14.29 30.94
C PHE N 105 -28.60 14.89 32.33
N LEU N 106 -27.53 15.67 32.51
CA LEU N 106 -27.29 16.30 33.81
C LEU N 106 -28.34 17.36 34.12
N GLN N 107 -28.89 18.02 33.11
CA GLN N 107 -29.98 18.97 33.36
C GLN N 107 -31.27 18.26 33.74
N SER N 108 -31.52 17.07 33.17
CA SER N 108 -32.71 16.31 33.52
C SER N 108 -32.68 15.86 34.98
N GLU N 109 -31.49 15.60 35.52
CA GLU N 109 -31.39 15.26 36.94
C GLU N 109 -31.67 16.47 37.81
N SER N 110 -31.13 17.63 37.45
CA SER N 110 -31.33 18.85 38.20
C SER N 110 -31.00 20.04 37.31
N ASN N 111 -31.95 20.97 37.17
CA ASN N 111 -31.74 22.18 36.40
C ASN N 111 -31.12 23.30 37.22
N LYS N 112 -30.82 23.06 38.50
CA LYS N 112 -30.24 24.08 39.36
C LYS N 112 -28.89 23.69 39.96
N LYS N 113 -28.52 22.41 39.93
CA LYS N 113 -27.21 22.03 40.45
C LYS N 113 -26.13 22.34 39.42
N PRO N 114 -24.97 22.84 39.86
CA PRO N 114 -23.93 23.22 38.92
C PRO N 114 -23.32 22.01 38.22
N ILE N 115 -22.76 22.28 37.04
CA ILE N 115 -22.12 21.26 36.21
C ILE N 115 -20.66 21.68 36.00
N HIS N 116 -19.75 20.74 36.20
CA HIS N 116 -18.32 20.99 36.04
C HIS N 116 -17.85 20.40 34.72
N MET N 117 -17.05 21.17 33.97
CA MET N 117 -16.55 20.76 32.67
C MET N 117 -15.03 20.88 32.67
N TYR N 118 -14.35 19.75 32.63
CA TYR N 118 -12.88 19.73 32.58
C TYR N 118 -12.45 19.71 31.11
N ILE N 119 -11.58 20.66 30.77
CA ILE N 119 -11.19 20.89 29.38
C ILE N 119 -9.70 20.64 29.23
N ASN N 120 -9.35 19.76 28.28
CA ASN N 120 -7.97 19.50 27.88
C ASN N 120 -8.03 19.15 26.39
N SER N 121 -8.32 20.15 25.55
CA SER N 121 -8.59 19.92 24.14
C SER N 121 -7.73 20.83 23.27
N PRO N 122 -7.13 20.31 22.20
CA PRO N 122 -6.44 21.18 21.25
C PRO N 122 -7.35 21.81 20.21
N GLY N 123 -8.64 21.56 20.28
CA GLY N 123 -9.58 22.11 19.32
C GLY N 123 -10.16 21.06 18.42
N GLY N 124 -10.67 21.49 17.28
CA GLY N 124 -11.23 20.59 16.31
C GLY N 124 -12.18 21.33 15.38
N VAL N 125 -13.27 20.66 15.04
CA VAL N 125 -14.27 21.23 14.15
C VAL N 125 -14.98 22.39 14.84
N VAL N 126 -15.24 23.46 14.07
CA VAL N 126 -15.90 24.64 14.62
C VAL N 126 -17.38 24.37 14.87
N THR N 127 -18.04 23.69 13.93
CA THR N 127 -19.46 23.37 14.12
C THR N 127 -19.66 22.46 15.34
N ALA N 128 -18.69 21.60 15.63
CA ALA N 128 -18.76 20.78 16.84
C ALA N 128 -18.59 21.62 18.09
N GLY N 129 -17.68 22.61 18.04
CA GLY N 129 -17.50 23.49 19.18
C GLY N 129 -18.71 24.37 19.43
N LEU N 130 -19.35 24.84 18.36
CA LEU N 130 -20.57 25.63 18.51
C LEU N 130 -21.71 24.78 19.06
N ALA N 131 -21.75 23.50 18.68
CA ALA N 131 -22.80 22.62 19.19
C ALA N 131 -22.72 22.48 20.71
N ILE N 132 -21.51 22.33 21.24
CA ILE N 132 -21.33 22.26 22.68
C ILE N 132 -21.64 23.60 23.32
N TYR N 133 -21.23 24.70 22.67
CA TYR N 133 -21.48 26.03 23.20
C TYR N 133 -22.97 26.30 23.34
N ASP N 134 -23.75 25.97 22.29
CA ASP N 134 -25.19 26.21 22.34
C ASP N 134 -25.84 25.47 23.50
N THR N 135 -25.45 24.21 23.71
CA THR N 135 -26.03 23.44 24.80
C THR N 135 -25.60 23.99 26.17
N MET N 136 -24.35 24.47 26.27
CA MET N 136 -23.88 25.06 27.52
C MET N 136 -24.72 26.27 27.90
N GLN N 137 -24.94 27.18 26.94
CA GLN N 137 -25.69 28.39 27.22
C GLN N 137 -27.19 28.15 27.34
N TYR N 138 -27.71 27.06 26.76
CA TYR N 138 -29.14 26.81 26.78
C TYR N 138 -29.60 26.23 28.11
N ILE N 139 -28.82 25.33 28.70
CA ILE N 139 -29.21 24.71 29.95
C ILE N 139 -29.14 25.74 31.08
N LEU N 140 -30.05 25.60 32.04
CA LEU N 140 -30.14 26.55 33.15
C LEU N 140 -29.04 26.33 34.20
N ASN N 141 -28.38 25.18 34.17
CA ASN N 141 -27.37 24.89 35.18
C ASN N 141 -26.16 25.81 35.02
N PRO N 142 -25.63 26.36 36.11
CA PRO N 142 -24.35 27.05 36.04
C PRO N 142 -23.24 26.06 35.70
N ILE N 143 -22.33 26.47 34.84
CA ILE N 143 -21.27 25.59 34.35
C ILE N 143 -19.92 26.18 34.78
N CYS N 144 -19.15 25.39 35.53
CA CYS N 144 -17.81 25.75 35.94
C CYS N 144 -16.82 25.10 34.98
N THR N 145 -16.10 25.92 34.23
CA THR N 145 -15.12 25.42 33.27
C THR N 145 -13.73 25.39 33.92
N TRP N 146 -13.05 24.27 33.78
CA TRP N 146 -11.72 24.07 34.35
C TRP N 146 -10.76 23.69 33.24
N CYS N 147 -9.77 24.55 32.98
CA CYS N 147 -8.78 24.29 31.95
C CYS N 147 -7.61 23.51 32.57
N VAL N 148 -7.36 22.32 32.01
CA VAL N 148 -6.21 21.50 32.40
C VAL N 148 -5.38 21.25 31.16
N GLY N 149 -4.07 21.49 31.26
CA GLY N 149 -3.19 21.29 30.13
C GLY N 149 -3.30 22.39 29.10
N GLN N 150 -4.31 22.33 28.24
CA GLN N 150 -4.48 23.34 27.20
C GLN N 150 -5.94 23.41 26.79
N ALA N 151 -6.34 24.61 26.37
CA ALA N 151 -7.68 24.88 25.82
C ALA N 151 -7.47 25.73 24.58
N ALA N 152 -7.26 25.09 23.44
CA ALA N 152 -6.97 25.76 22.19
C ALA N 152 -8.13 25.60 21.22
N SER N 153 -8.23 26.56 20.29
CA SER N 153 -9.26 26.58 19.25
C SER N 153 -10.63 26.59 19.93
N MET N 154 -11.53 25.66 19.62
CA MET N 154 -12.85 25.66 20.24
C MET N 154 -12.78 25.32 21.73
N GLY N 155 -11.68 24.73 22.20
CA GLY N 155 -11.53 24.48 23.62
C GLY N 155 -11.48 25.76 24.43
N SER N 156 -10.85 26.81 23.87
CA SER N 156 -10.85 28.10 24.53
C SER N 156 -12.23 28.75 24.50
N LEU N 157 -13.02 28.44 23.48
CA LEU N 157 -14.39 28.97 23.43
C LEU N 157 -15.26 28.35 24.50
N LEU N 158 -15.13 27.03 24.72
CA LEU N 158 -15.87 26.38 25.79
C LEU N 158 -15.40 26.84 27.16
N LEU N 159 -14.10 27.18 27.27
CA LEU N 159 -13.59 27.69 28.54
C LEU N 159 -14.19 29.06 28.86
N ALA N 160 -14.26 29.94 27.87
CA ALA N 160 -14.83 31.27 28.08
C ALA N 160 -16.35 31.25 28.17
N ALA N 161 -16.99 30.17 27.70
CA ALA N 161 -18.44 30.06 27.73
C ALA N 161 -18.99 29.64 29.08
N GLY N 162 -18.13 29.48 30.08
CA GLY N 162 -18.60 29.12 31.41
C GLY N 162 -19.36 30.24 32.06
N THR N 163 -19.95 29.92 33.21
CA THR N 163 -20.69 30.91 33.98
C THR N 163 -19.73 31.99 34.46
N PRO N 164 -20.08 33.27 34.31
CA PRO N 164 -19.16 34.35 34.72
C PRO N 164 -18.76 34.21 36.18
N GLY N 165 -17.44 34.24 36.43
CA GLY N 165 -16.90 34.04 37.75
C GLY N 165 -16.57 32.60 38.09
N MET N 166 -16.90 31.65 37.21
CA MET N 166 -16.67 30.23 37.46
C MET N 166 -15.80 29.60 36.37
N ARG N 167 -14.90 30.39 35.79
CA ARG N 167 -13.99 29.92 34.75
C ARG N 167 -12.58 29.90 35.33
N HIS N 168 -12.02 28.71 35.48
CA HIS N 168 -10.74 28.51 36.14
C HIS N 168 -9.73 27.91 35.18
N SER N 169 -8.47 27.90 35.62
CA SER N 169 -7.38 27.32 34.85
C SER N 169 -6.21 27.03 35.79
N LEU N 170 -5.52 25.93 35.51
CA LEU N 170 -4.34 25.57 36.28
C LEU N 170 -3.15 26.44 35.88
N PRO N 171 -2.14 26.57 36.74
CA PRO N 171 -1.11 27.59 36.51
C PRO N 171 -0.32 27.39 35.22
N ASN N 172 0.00 26.16 34.85
CA ASN N 172 0.81 25.88 33.67
C ASN N 172 -0.04 25.51 32.45
N SER N 173 -1.31 25.87 32.46
CA SER N 173 -2.16 25.64 31.30
C SER N 173 -1.80 26.64 30.18
N ARG N 174 -2.44 26.48 29.04
CA ARG N 174 -2.16 27.34 27.90
C ARG N 174 -3.41 27.45 27.03
N ILE N 175 -3.80 28.69 26.73
CA ILE N 175 -5.02 28.98 25.98
C ILE N 175 -4.63 29.58 24.64
N MET N 176 -5.32 29.16 23.58
CA MET N 176 -5.07 29.66 22.24
C MET N 176 -6.40 29.96 21.56
N ILE N 177 -6.42 31.04 20.77
CA ILE N 177 -7.58 31.43 19.98
C ILE N 177 -7.13 31.71 18.56
N HIS N 178 -7.99 31.38 17.59
CA HIS N 178 -7.68 31.61 16.19
C HIS N 178 -8.96 31.60 15.37
N GLN N 179 -8.88 32.20 14.19
CA GLN N 179 -10.02 32.20 13.28
C GLN N 179 -10.23 30.80 12.71
N PRO N 180 -11.46 30.46 12.32
CA PRO N 180 -11.72 29.11 11.82
C PRO N 180 -11.04 28.87 10.48
N SER N 181 -10.73 27.60 10.23
CA SER N 181 -10.18 27.14 8.97
C SER N 181 -11.09 26.08 8.36
N GLY N 182 -10.87 25.81 7.08
CA GLY N 182 -11.67 24.82 6.40
C GLY N 182 -11.26 24.68 4.96
N GLY N 183 -12.15 24.07 4.16
CA GLY N 183 -11.89 23.84 2.76
C GLY N 183 -13.11 24.16 1.91
N ALA N 184 -12.89 24.13 0.60
CA ALA N 184 -13.95 24.40 -0.36
C ALA N 184 -13.50 23.89 -1.72
N ARG N 185 -14.33 23.07 -2.36
CA ARG N 185 -14.00 22.51 -3.66
C ARG N 185 -15.27 22.31 -4.46
N GLY N 186 -15.19 22.58 -5.76
CA GLY N 186 -16.32 22.47 -6.65
C GLY N 186 -16.24 23.51 -7.73
N GLN N 187 -17.40 23.80 -8.34
CA GLN N 187 -17.47 24.85 -9.34
C GLN N 187 -17.31 26.22 -8.69
N ALA N 188 -17.15 27.24 -9.53
CA ALA N 188 -16.97 28.59 -9.03
C ALA N 188 -18.17 29.04 -8.20
N THR N 189 -19.37 28.62 -8.60
CA THR N 189 -20.57 28.94 -7.82
C THR N 189 -20.53 28.24 -6.47
N ASP N 190 -20.04 26.99 -6.42
CA ASP N 190 -19.96 26.27 -5.17
C ASP N 190 -18.90 26.87 -4.25
N ILE N 191 -17.78 27.32 -4.82
CA ILE N 191 -16.73 27.94 -4.01
C ILE N 191 -17.26 29.21 -3.34
N GLU N 192 -18.03 30.00 -4.06
CA GLU N 192 -18.56 31.25 -3.51
C GLU N 192 -19.51 30.98 -2.35
N ILE N 193 -20.38 29.98 -2.49
CA ILE N 193 -21.33 29.66 -1.42
C ILE N 193 -20.58 29.15 -0.19
N GLN N 194 -19.65 28.21 -0.39
CA GLN N 194 -18.92 27.64 0.73
C GLN N 194 -18.02 28.67 1.40
N ALA N 195 -17.47 29.62 0.63
CA ALA N 195 -16.62 30.65 1.22
C ALA N 195 -17.44 31.65 2.02
N ARG N 196 -18.65 31.97 1.55
CA ARG N 196 -19.50 32.89 2.29
C ARG N 196 -19.90 32.32 3.64
N GLU N 197 -20.08 31.00 3.73
CA GLU N 197 -20.46 30.40 5.01
C GLU N 197 -19.29 30.34 5.97
N ILE N 198 -18.06 30.22 5.45
CA ILE N 198 -16.88 30.24 6.31
C ILE N 198 -16.71 31.64 6.92
N MET N 199 -16.95 32.68 6.14
CA MET N 199 -16.87 34.03 6.69
C MET N 199 -18.01 34.31 7.66
N LYS N 200 -19.13 33.61 7.52
CA LYS N 200 -20.22 33.73 8.49
C LYS N 200 -19.85 33.03 9.81
N LEU N 201 -19.22 31.86 9.72
CA LEU N 201 -18.73 31.20 10.93
C LEU N 201 -17.66 32.03 11.62
N LYS N 202 -16.82 32.71 10.84
CA LYS N 202 -15.78 33.55 11.42
C LYS N 202 -16.38 34.72 12.20
N LYS N 203 -17.37 35.39 11.60
CA LYS N 203 -18.04 36.48 12.30
C LYS N 203 -18.92 35.97 13.43
N GLN N 204 -19.46 34.76 13.30
CA GLN N 204 -20.26 34.19 14.38
C GLN N 204 -19.40 33.84 15.59
N LEU N 205 -18.19 33.32 15.35
CA LEU N 205 -17.27 33.06 16.45
C LEU N 205 -16.81 34.35 17.11
N TYR N 206 -16.54 35.38 16.31
CA TYR N 206 -16.02 36.63 16.86
C TYR N 206 -17.04 37.31 17.77
N ASN N 207 -18.32 37.23 17.42
CA ASN N 207 -19.35 37.82 18.28
C ASN N 207 -19.50 37.03 19.57
N ILE N 208 -19.37 35.70 19.50
CA ILE N 208 -19.47 34.87 20.70
C ILE N 208 -18.30 35.13 21.63
N TYR N 209 -17.09 35.22 21.08
CA TYR N 209 -15.93 35.53 21.91
C TYR N 209 -16.04 36.91 22.54
N ALA N 210 -16.46 37.90 21.76
CA ALA N 210 -16.60 39.26 22.29
C ALA N 210 -17.69 39.35 23.34
N LYS N 211 -18.68 38.45 23.29
CA LYS N 211 -19.76 38.48 24.26
C LYS N 211 -19.30 38.02 25.63
N HIS N 212 -18.52 36.93 25.67
CA HIS N 212 -18.11 36.34 26.95
C HIS N 212 -16.80 36.90 27.48
N THR N 213 -15.96 37.48 26.63
CA THR N 213 -14.72 38.11 27.08
C THR N 213 -14.90 39.59 27.37
N LYS N 214 -16.08 40.14 27.11
CA LYS N 214 -16.37 41.57 27.31
C LYS N 214 -15.41 42.45 26.51
N GLN N 215 -14.91 41.94 25.39
CA GLN N 215 -14.03 42.68 24.50
C GLN N 215 -14.82 43.22 23.31
N SER N 216 -14.22 44.15 22.60
CA SER N 216 -14.85 44.69 21.40
C SER N 216 -14.60 43.76 20.23
N LEU N 217 -15.40 43.94 19.17
CA LEU N 217 -15.23 43.13 17.97
C LEU N 217 -13.88 43.35 17.32
N GLN N 218 -13.34 44.57 17.41
CA GLN N 218 -12.05 44.85 16.81
C GLN N 218 -10.93 44.07 17.48
N VAL N 219 -10.91 44.09 18.82
CA VAL N 219 -9.88 43.35 19.55
C VAL N 219 -9.98 41.86 19.25
N ILE N 220 -11.20 41.34 19.11
CA ILE N 220 -11.38 39.93 18.79
C ILE N 220 -10.93 39.64 17.38
N GLU N 221 -11.20 40.56 16.44
CA GLU N 221 -10.81 40.32 15.05
C GLU N 221 -9.30 40.37 14.87
N SER N 222 -8.63 41.32 15.51
CA SER N 222 -7.19 41.46 15.34
C SER N 222 -6.41 40.40 16.09
N ALA N 223 -6.91 39.95 17.24
CA ALA N 223 -6.20 38.95 18.03
C ALA N 223 -6.35 37.55 17.45
N MET N 224 -7.45 37.28 16.75
CA MET N 224 -7.72 35.95 16.22
C MET N 224 -7.38 35.84 14.73
N GLU N 225 -6.74 36.86 14.15
CA GLU N 225 -6.30 36.76 12.76
C GLU N 225 -5.23 35.69 12.60
N ARG N 226 -4.31 35.61 13.56
CA ARG N 226 -3.30 34.56 13.62
C ARG N 226 -3.50 33.75 14.90
N ASP N 227 -2.69 32.72 15.07
CA ASP N 227 -2.73 31.92 16.29
C ASP N 227 -2.26 32.76 17.47
N ARG N 228 -3.08 32.86 18.50
CA ARG N 228 -2.82 33.72 19.66
C ARG N 228 -2.75 32.84 20.90
N TYR N 229 -1.54 32.51 21.34
CA TYR N 229 -1.34 31.73 22.55
C TYR N 229 -1.25 32.64 23.76
N MET N 230 -1.90 32.23 24.85
CA MET N 230 -1.97 33.03 26.07
C MET N 230 -1.64 32.18 27.27
N SER N 231 -0.97 32.79 28.25
CA SER N 231 -0.80 32.19 29.56
C SER N 231 -2.09 32.34 30.36
N PRO N 232 -2.28 31.55 31.42
CA PRO N 232 -3.50 31.71 32.23
C PRO N 232 -3.71 33.12 32.74
N MET N 233 -2.65 33.84 33.11
CA MET N 233 -2.80 35.22 33.52
C MET N 233 -3.17 36.12 32.34
N GLU N 234 -2.62 35.82 31.16
CA GLU N 234 -2.98 36.59 29.98
C GLU N 234 -4.42 36.33 29.54
N ALA N 235 -4.90 35.09 29.71
CA ALA N 235 -6.28 34.79 29.37
C ALA N 235 -7.24 35.42 30.38
N GLN N 236 -6.84 35.49 31.65
CA GLN N 236 -7.67 36.17 32.64
C GLN N 236 -7.76 37.66 32.34
N GLU N 237 -6.64 38.28 31.96
CA GLU N 237 -6.66 39.69 31.60
C GLU N 237 -7.45 39.92 30.32
N PHE N 238 -7.39 38.98 29.36
CA PHE N 238 -8.13 39.13 28.12
C PHE N 238 -9.61 38.89 28.30
N GLY N 239 -10.02 38.20 29.35
CA GLY N 239 -11.42 37.94 29.61
C GLY N 239 -11.90 36.55 29.28
N ILE N 240 -10.99 35.62 28.99
CA ILE N 240 -11.39 34.26 28.68
C ILE N 240 -11.76 33.49 29.95
N LEU N 241 -10.94 33.60 30.97
CA LEU N 241 -11.20 32.94 32.25
C LEU N 241 -11.16 33.98 33.37
N ASP N 242 -11.52 33.54 34.57
CA ASP N 242 -11.67 34.43 35.72
C ASP N 242 -10.62 34.21 36.79
N LYS N 243 -10.21 32.98 37.04
CA LYS N 243 -9.30 32.67 38.14
C LYS N 243 -8.19 31.74 37.66
N VAL N 244 -6.97 32.02 38.10
CA VAL N 244 -5.81 31.15 37.87
C VAL N 244 -5.48 30.52 39.21
N LEU N 245 -5.88 29.26 39.38
CA LEU N 245 -5.79 28.59 40.67
C LEU N 245 -4.44 27.91 40.83
N VAL N 246 -3.68 28.33 41.84
CA VAL N 246 -2.46 27.62 42.21
C VAL N 246 -2.74 26.57 43.29
N HIS N 247 -3.85 26.69 44.01
CA HIS N 247 -4.25 25.74 45.02
C HIS N 247 -5.77 25.78 45.14
N PRO N 248 -6.39 24.71 45.66
CA PRO N 248 -7.85 24.70 45.83
C PRO N 248 -8.35 25.78 46.77
#